data_8E3H
#
_entry.id   8E3H
#
loop_
_entity.id
_entity.type
_entity.pdbx_description
1 polymer 'RNA with 18 nt long spacer'
2 polymer 'Transcription termination factor Rho'
3 non-polymer "ADENOSINE-5'-DIPHOSPHATE"
4 non-polymer 'MAGNESIUM ION'
5 non-polymer 'BERYLLIUM TRIFLUORIDE ION'
#
loop_
_entity_poly.entity_id
_entity_poly.type
_entity_poly.pdbx_seq_one_letter_code
_entity_poly.pdbx_strand_id
1 'polyribonucleotide' AUGUUUUUUUUUUUUUUUUUUGAUUUGGUGAGAGG 7
2 'polypeptide(L)'
;MNLTELKNTPVSELITLGENMGLENLARMRKQDIIFAILKQHAKSGEDIFGDGVLEILQDGFGFLRSADSSYLAGPDDIY
VSPSQIRRFNLRTGDTISGKIRPPKEGERYFALLKVNEVNFDKPENARNKILFENLTPLHANSRLRMERGNGSTEDLTAR
VLDLASPIGRGQRGLIVAPPKAGKTMLLQNIAQSIAYNHPDCVLMVLLIDERPEEVTEMQRLVKGEVVASTFDEPASRHV
QVAEMVIEKAKRLVEHKKDVIILLDSITRLARAYNTVVPASGKVLTGGVDANALHRPKRFFGAARNVEEGGSLTIIATAL
IDTGSKMDEVIYEEFKGTGNMELHLSRKIAEKRVFPAIDYNRSGTRKEELLTTQEELQKMWILRKIIHPMGEIDAMEFLI
NKLAMTKTNDDFFEMMKRS
;
e,f,c,b,a,d
#
# COMPACT_ATOMS: atom_id res chain seq x y z
N MET B 1 25.68 44.96 -36.68
CA MET B 1 24.40 44.94 -36.00
C MET B 1 23.99 43.51 -35.65
N ASN B 2 24.41 43.04 -34.49
CA ASN B 2 24.09 41.70 -34.02
C ASN B 2 23.31 41.78 -32.72
N LEU B 3 22.41 40.82 -32.51
CA LEU B 3 21.56 40.83 -31.33
C LEU B 3 22.37 40.55 -30.07
N THR B 4 23.24 39.54 -30.11
CA THR B 4 24.02 39.18 -28.94
C THR B 4 24.99 40.30 -28.56
N GLU B 5 25.51 41.03 -29.54
CA GLU B 5 26.40 42.15 -29.23
C GLU B 5 25.68 43.24 -28.45
N LEU B 6 24.44 43.54 -28.83
CA LEU B 6 23.66 44.52 -28.08
C LEU B 6 23.20 43.97 -26.73
N LYS B 7 23.01 42.65 -26.64
CA LYS B 7 22.65 42.04 -25.37
C LYS B 7 23.81 42.04 -24.38
N ASN B 8 25.05 41.96 -24.87
CA ASN B 8 26.20 41.97 -23.97
C ASN B 8 26.57 43.37 -23.51
N THR B 9 26.12 44.40 -24.22
CA THR B 9 26.43 45.77 -23.84
C THR B 9 25.70 46.12 -22.53
N PRO B 10 26.29 46.99 -21.70
CA PRO B 10 25.63 47.37 -20.44
C PRO B 10 24.43 48.28 -20.69
N VAL B 11 23.72 48.58 -19.61
CA VAL B 11 22.50 49.37 -19.70
C VAL B 11 22.85 50.84 -19.94
N SER B 12 23.90 51.33 -19.30
CA SER B 12 24.24 52.75 -19.38
C SER B 12 24.62 53.14 -20.81
N GLU B 13 25.46 52.34 -21.45
CA GLU B 13 25.86 52.65 -22.82
C GLU B 13 24.69 52.56 -23.79
N LEU B 14 23.78 51.62 -23.58
CA LEU B 14 22.61 51.53 -24.44
C LEU B 14 21.69 52.72 -24.25
N ILE B 15 21.52 53.18 -23.00
CA ILE B 15 20.71 54.38 -22.74
C ILE B 15 21.36 55.59 -23.41
N THR B 16 22.68 55.71 -23.31
CA THR B 16 23.38 56.83 -23.93
C THR B 16 23.21 56.80 -25.45
N LEU B 17 23.37 55.62 -26.05
CA LEU B 17 23.21 55.49 -27.50
C LEU B 17 21.80 55.83 -27.94
N GLY B 18 20.80 55.36 -27.18
CA GLY B 18 19.42 55.69 -27.52
C GLY B 18 19.11 57.16 -27.38
N GLU B 19 19.67 57.82 -26.36
CA GLU B 19 19.48 59.26 -26.22
C GLU B 19 20.18 60.02 -27.34
N ASN B 20 21.33 59.53 -27.80
CA ASN B 20 22.00 60.16 -28.93
C ASN B 20 21.22 59.95 -30.23
N MET B 21 20.53 58.83 -30.36
CA MET B 21 19.76 58.58 -31.57
C MET B 21 18.50 59.45 -31.63
N GLY B 22 18.12 60.06 -30.51
CA GLY B 22 16.97 60.94 -30.49
C GLY B 22 15.64 60.20 -30.45
N LEU B 23 15.41 59.45 -29.37
CA LEU B 23 14.17 58.70 -29.17
C LEU B 23 13.56 59.09 -27.84
N GLU B 24 12.52 58.36 -27.45
CA GLU B 24 11.88 58.60 -26.16
C GLU B 24 12.83 58.27 -25.02
N ASN B 25 12.57 58.86 -23.85
CA ASN B 25 13.40 58.67 -22.67
C ASN B 25 13.57 57.20 -22.35
N LEU B 26 14.81 56.73 -22.39
CA LEU B 26 15.12 55.32 -22.19
C LEU B 26 15.52 54.99 -20.76
N ALA B 27 15.62 56.00 -19.88
CA ALA B 27 15.95 55.73 -18.48
C ALA B 27 14.87 54.92 -17.80
N ARG B 28 13.60 55.27 -18.04
CA ARG B 28 12.46 54.51 -17.53
C ARG B 28 11.99 53.49 -18.56
N MET B 29 12.90 52.67 -19.06
CA MET B 29 12.57 51.68 -20.07
C MET B 29 13.40 50.42 -19.84
N ARG B 30 12.86 49.28 -20.25
CA ARG B 30 13.57 48.02 -20.14
C ARG B 30 14.70 47.94 -21.16
N LYS B 31 15.73 47.16 -20.83
CA LYS B 31 16.87 47.01 -21.73
C LYS B 31 16.44 46.38 -23.06
N GLN B 32 15.53 45.41 -23.01
CA GLN B 32 15.05 44.80 -24.24
C GLN B 32 14.28 45.80 -25.10
N ASP B 33 13.47 46.64 -24.47
CA ASP B 33 12.77 47.68 -25.21
C ASP B 33 13.74 48.70 -25.79
N ILE B 34 14.81 49.01 -25.04
CA ILE B 34 15.84 49.92 -25.56
C ILE B 34 16.49 49.33 -26.79
N ILE B 35 16.85 48.05 -26.74
CA ILE B 35 17.47 47.40 -27.89
C ILE B 35 16.51 47.36 -29.07
N PHE B 36 15.23 47.10 -28.80
CA PHE B 36 14.23 47.07 -29.85
C PHE B 36 14.10 48.43 -30.54
N ALA B 37 14.04 49.50 -29.73
CA ALA B 37 13.94 50.84 -30.30
C ALA B 37 15.19 51.22 -31.08
N ILE B 38 16.37 50.83 -30.58
CA ILE B 38 17.60 51.11 -31.29
C ILE B 38 17.63 50.38 -32.63
N LEU B 39 17.18 49.12 -32.66
CA LEU B 39 17.14 48.37 -33.90
C LEU B 39 16.14 49.01 -34.88
N LYS B 40 14.99 49.44 -34.38
CA LYS B 40 14.03 50.12 -35.24
C LYS B 40 14.63 51.39 -35.84
N GLN B 41 15.26 52.22 -35.01
CA GLN B 41 15.82 53.47 -35.50
C GLN B 41 16.96 53.22 -36.47
N HIS B 42 17.73 52.15 -36.26
CA HIS B 42 18.84 51.86 -37.17
C HIS B 42 18.35 51.28 -38.48
N ALA B 43 17.24 50.53 -38.46
CA ALA B 43 16.66 50.02 -39.69
C ALA B 43 15.89 51.07 -40.47
N LYS B 44 15.41 52.11 -39.80
CA LYS B 44 14.76 53.21 -40.52
C LYS B 44 15.74 53.93 -41.44
N SER B 45 17.04 53.87 -41.12
CA SER B 45 18.05 54.49 -41.98
C SER B 45 18.40 53.65 -43.19
N GLY B 46 17.93 52.40 -43.25
CA GLY B 46 18.19 51.54 -44.38
C GLY B 46 19.24 50.47 -44.16
N GLU B 47 19.91 50.47 -43.01
CA GLU B 47 20.93 49.48 -42.74
C GLU B 47 20.31 48.13 -42.41
N ASP B 48 21.12 47.07 -42.52
CA ASP B 48 20.66 45.72 -42.25
C ASP B 48 20.89 45.33 -40.80
N ILE B 49 20.05 44.42 -40.31
CA ILE B 49 20.15 43.90 -38.95
C ILE B 49 20.32 42.39 -39.01
N PHE B 50 21.20 41.87 -38.17
CA PHE B 50 21.50 40.45 -38.12
C PHE B 50 21.19 39.90 -36.72
N GLY B 51 20.80 38.63 -36.68
CA GLY B 51 20.49 37.97 -35.43
C GLY B 51 20.83 36.50 -35.52
N ASP B 52 20.63 35.79 -34.41
CA ASP B 52 20.93 34.37 -34.32
C ASP B 52 20.15 33.78 -33.15
N GLY B 53 20.14 32.47 -33.09
CA GLY B 53 19.45 31.76 -32.01
C GLY B 53 19.13 30.35 -32.41
N VAL B 54 18.65 29.59 -31.43
CA VAL B 54 18.27 28.20 -31.62
C VAL B 54 16.82 28.13 -32.04
N LEU B 55 16.54 27.33 -33.07
CA LEU B 55 15.19 27.24 -33.61
C LEU B 55 14.31 26.35 -32.75
N GLU B 56 13.07 26.81 -32.52
CA GLU B 56 12.06 26.06 -31.77
C GLU B 56 10.79 26.02 -32.62
N ILE B 57 10.64 24.95 -33.40
CA ILE B 57 9.47 24.83 -34.26
C ILE B 57 8.24 24.53 -33.42
N LEU B 58 7.20 25.33 -33.61
CA LEU B 58 5.96 25.12 -32.88
C LEU B 58 5.12 24.03 -33.55
N GLN B 59 4.02 23.68 -32.89
CA GLN B 59 3.16 22.61 -33.40
C GLN B 59 2.39 23.06 -34.63
N ASP B 60 2.10 24.36 -34.76
CA ASP B 60 1.36 24.85 -35.91
C ASP B 60 2.18 24.78 -37.18
N GLY B 61 3.47 25.08 -37.09
CA GLY B 61 4.34 25.04 -38.25
C GLY B 61 5.39 26.12 -38.28
N PHE B 62 5.17 27.19 -37.52
CA PHE B 62 6.11 28.30 -37.45
C PHE B 62 7.10 28.04 -36.29
N GLY B 63 7.94 29.02 -36.00
CA GLY B 63 8.91 28.85 -34.94
C GLY B 63 9.59 30.16 -34.60
N PHE B 64 10.41 30.11 -33.55
CA PHE B 64 11.16 31.27 -33.08
C PHE B 64 12.61 30.88 -32.86
N LEU B 65 13.45 31.89 -32.68
CA LEU B 65 14.88 31.71 -32.41
C LEU B 65 15.13 32.11 -30.96
N ARG B 66 15.14 31.13 -30.07
CA ARG B 66 15.38 31.39 -28.66
C ARG B 66 16.82 31.81 -28.42
N SER B 67 17.04 32.47 -27.28
CA SER B 67 18.36 32.94 -26.88
C SER B 67 18.89 32.11 -25.71
N ALA B 68 20.21 31.96 -25.66
CA ALA B 68 20.82 31.13 -24.62
C ALA B 68 20.96 31.86 -23.30
N ASP B 69 21.06 33.19 -23.33
CA ASP B 69 21.24 33.95 -22.10
C ASP B 69 19.96 33.99 -21.25
N SER B 70 18.81 33.66 -21.84
CA SER B 70 17.55 33.66 -21.13
C SER B 70 17.02 32.25 -20.87
N SER B 71 17.90 31.24 -21.00
CA SER B 71 17.52 29.84 -20.77
C SER B 71 16.38 29.41 -21.67
N TYR B 72 16.42 29.88 -22.92
CA TYR B 72 15.44 29.53 -23.95
C TYR B 72 14.02 29.88 -23.50
N LEU B 73 13.87 31.05 -22.90
CA LEU B 73 12.58 31.54 -22.46
C LEU B 73 11.95 32.42 -23.54
N ALA B 74 10.62 32.38 -23.62
CA ALA B 74 9.88 33.16 -24.61
C ALA B 74 10.09 34.65 -24.40
N GLY B 75 10.79 35.29 -25.33
CA GLY B 75 11.07 36.70 -25.24
C GLY B 75 10.44 37.50 -26.35
N PRO B 76 10.28 38.80 -26.13
CA PRO B 76 9.70 39.66 -27.20
C PRO B 76 10.63 39.82 -28.38
N ASP B 77 11.93 39.63 -28.22
CA ASP B 77 12.91 39.81 -29.29
C ASP B 77 13.19 38.52 -30.05
N ASP B 78 12.27 37.57 -30.00
CA ASP B 78 12.44 36.33 -30.75
C ASP B 78 12.21 36.57 -32.24
N ILE B 79 13.02 35.91 -33.07
CA ILE B 79 12.94 36.08 -34.51
C ILE B 79 11.94 35.07 -35.06
N TYR B 80 10.90 35.58 -35.73
CA TYR B 80 9.90 34.71 -36.33
C TYR B 80 10.48 33.99 -37.55
N VAL B 81 10.18 32.70 -37.66
CA VAL B 81 10.63 31.88 -38.78
C VAL B 81 9.39 31.33 -39.47
N SER B 82 9.16 31.76 -40.71
CA SER B 82 8.00 31.32 -41.45
C SER B 82 8.11 29.83 -41.79
N PRO B 83 6.98 29.12 -41.87
CA PRO B 83 7.05 27.69 -42.24
C PRO B 83 7.50 27.47 -43.67
N SER B 84 7.37 28.48 -44.53
CA SER B 84 7.82 28.35 -45.91
C SER B 84 9.34 28.13 -45.96
N GLN B 85 10.10 28.93 -45.21
CA GLN B 85 11.54 28.74 -45.16
C GLN B 85 11.91 27.42 -44.50
N ILE B 86 11.11 27.01 -43.50
CA ILE B 86 11.37 25.72 -42.85
C ILE B 86 11.23 24.58 -43.84
N ARG B 87 10.21 24.67 -44.70
CA ARG B 87 9.90 23.66 -45.74
C ARG B 87 10.91 23.75 -46.88
N ARG B 88 11.51 24.93 -47.08
CA ARG B 88 12.49 25.18 -48.18
C ARG B 88 13.89 24.71 -47.79
N PHE B 89 14.25 24.79 -46.51
CA PHE B 89 15.58 24.41 -46.05
C PHE B 89 15.56 23.18 -45.14
N ASN B 90 14.40 22.56 -44.93
CA ASN B 90 14.26 21.37 -44.10
C ASN B 90 14.81 21.62 -42.70
N LEU B 91 14.37 22.72 -42.09
CA LEU B 91 14.81 23.07 -40.75
C LEU B 91 14.05 22.27 -39.70
N ARG B 92 14.74 21.98 -38.60
CA ARG B 92 14.15 21.25 -37.49
C ARG B 92 14.52 21.93 -36.18
N THR B 93 13.87 21.51 -35.10
CA THR B 93 14.11 22.08 -33.78
C THR B 93 15.54 21.78 -33.35
N GLY B 94 16.30 22.85 -33.08
CA GLY B 94 17.68 22.75 -32.65
C GLY B 94 18.69 23.31 -33.64
N ASP B 95 18.29 23.54 -34.88
CA ASP B 95 19.21 24.07 -35.89
C ASP B 95 19.56 25.53 -35.57
N THR B 96 20.85 25.80 -35.43
CA THR B 96 21.30 27.16 -35.20
C THR B 96 21.23 27.95 -36.50
N ILE B 97 20.46 29.04 -36.50
CA ILE B 97 20.23 29.84 -37.69
C ILE B 97 20.74 31.26 -37.42
N SER B 98 21.53 31.77 -38.37
CA SER B 98 22.09 33.13 -38.28
C SER B 98 21.91 33.80 -39.62
N GLY B 99 21.07 34.83 -39.68
CA GLY B 99 20.82 35.52 -40.92
C GLY B 99 20.28 36.92 -40.68
N LYS B 100 20.04 37.62 -41.79
CA LYS B 100 19.52 38.97 -41.71
C LYS B 100 18.09 38.98 -41.19
N ILE B 101 17.78 39.96 -40.34
CA ILE B 101 16.45 40.11 -39.77
C ILE B 101 15.97 41.54 -40.00
N ARG B 102 14.67 41.75 -39.81
CA ARG B 102 14.05 43.05 -39.98
C ARG B 102 13.08 43.29 -38.83
N PRO B 103 12.93 44.54 -38.40
CA PRO B 103 11.97 44.85 -37.34
C PRO B 103 10.55 44.57 -37.79
N PRO B 104 9.63 44.30 -36.86
CA PRO B 104 8.25 44.01 -37.25
C PRO B 104 7.54 45.24 -37.77
N LYS B 105 6.76 45.05 -38.84
CA LYS B 105 6.01 46.14 -39.45
C LYS B 105 4.72 46.36 -38.66
N GLU B 106 3.82 47.16 -39.23
CA GLU B 106 2.54 47.43 -38.57
C GLU B 106 1.69 46.16 -38.56
N GLY B 107 1.31 45.71 -37.37
CA GLY B 107 0.56 44.48 -37.22
C GLY B 107 1.38 43.26 -36.90
N GLU B 108 2.70 43.41 -36.75
CA GLU B 108 3.58 42.30 -36.39
C GLU B 108 4.20 42.56 -35.03
N ARG B 109 4.68 41.49 -34.40
CA ARG B 109 5.22 41.57 -33.06
C ARG B 109 6.63 40.98 -32.93
N TYR B 110 7.16 40.36 -33.97
CA TYR B 110 8.46 39.72 -33.90
C TYR B 110 9.24 39.96 -35.18
N PHE B 111 10.57 39.84 -35.08
CA PHE B 111 11.43 40.04 -36.23
C PHE B 111 11.24 38.90 -37.23
N ALA B 112 11.35 39.24 -38.52
CA ALA B 112 11.21 38.27 -39.59
C ALA B 112 12.58 37.93 -40.17
N LEU B 113 12.69 36.72 -40.72
CA LEU B 113 13.93 36.23 -41.31
C LEU B 113 13.83 36.32 -42.82
N LEU B 114 14.77 37.04 -43.43
CA LEU B 114 14.80 37.22 -44.88
C LEU B 114 15.71 36.20 -45.56
N LYS B 115 16.98 36.16 -45.18
CA LYS B 115 17.96 35.27 -45.79
C LYS B 115 18.83 34.66 -44.70
N VAL B 116 18.97 33.34 -44.74
CA VAL B 116 19.78 32.61 -43.78
C VAL B 116 21.21 32.55 -44.30
N ASN B 117 22.18 32.92 -43.45
CA ASN B 117 23.57 32.96 -43.86
C ASN B 117 24.37 31.75 -43.41
N GLU B 118 24.12 31.27 -42.18
CA GLU B 118 24.89 30.16 -41.63
C GLU B 118 23.97 29.25 -40.85
N VAL B 119 24.10 27.94 -41.08
CA VAL B 119 23.28 26.93 -40.42
C VAL B 119 24.20 26.03 -39.60
N ASN B 120 23.91 25.94 -38.31
CA ASN B 120 24.68 25.09 -37.38
C ASN B 120 26.17 25.41 -37.44
N PHE B 121 26.47 26.71 -37.52
CA PHE B 121 27.86 27.20 -37.59
C PHE B 121 28.60 26.58 -38.77
N ASP B 122 27.89 26.41 -39.89
CA ASP B 122 28.45 25.80 -41.08
C ASP B 122 27.66 26.26 -42.29
N LYS B 123 28.15 25.91 -43.47
CA LYS B 123 27.47 26.31 -44.70
C LYS B 123 26.17 25.51 -44.85
N PRO B 124 25.13 26.13 -45.42
CA PRO B 124 23.88 25.38 -45.65
C PRO B 124 24.05 24.23 -46.63
N GLU B 125 25.04 24.30 -47.52
CA GLU B 125 25.27 23.21 -48.47
C GLU B 125 25.77 21.96 -47.76
N ASN B 126 26.39 22.11 -46.58
CA ASN B 126 26.82 20.95 -45.81
C ASN B 126 25.72 20.46 -44.87
N ALA B 127 24.72 21.30 -44.56
CA ALA B 127 23.64 20.92 -43.68
C ALA B 127 22.46 20.31 -44.44
N ARG B 128 22.29 20.67 -45.72
CA ARG B 128 21.21 20.11 -46.51
C ARG B 128 21.38 18.60 -46.69
N ASN B 129 22.62 18.13 -46.76
CA ASN B 129 22.93 16.70 -46.89
C ASN B 129 23.57 16.24 -45.58
N LYS B 130 22.80 15.52 -44.77
CA LYS B 130 23.28 15.06 -43.47
C LYS B 130 22.50 13.82 -43.06
N ILE B 131 23.11 13.04 -42.17
CA ILE B 131 22.52 11.82 -41.65
C ILE B 131 21.86 12.14 -40.32
N LEU B 132 20.63 11.66 -40.13
CA LEU B 132 19.90 11.92 -38.91
C LEU B 132 20.57 11.24 -37.72
N PHE B 133 20.27 11.75 -36.52
CA PHE B 133 20.85 11.19 -35.31
C PHE B 133 20.31 9.79 -35.01
N GLU B 134 19.06 9.51 -35.43
CA GLU B 134 18.45 8.21 -35.18
C GLU B 134 19.06 7.11 -36.04
N ASN B 135 19.86 7.44 -37.04
CA ASN B 135 20.47 6.45 -37.92
C ASN B 135 21.94 6.19 -37.62
N LEU B 136 22.55 6.98 -36.75
CA LEU B 136 23.96 6.79 -36.43
C LEU B 136 24.17 5.50 -35.64
N THR B 137 25.24 4.79 -35.95
CA THR B 137 25.52 3.51 -35.31
C THR B 137 26.13 3.75 -33.93
N PRO B 138 25.49 3.28 -32.85
CA PRO B 138 26.06 3.47 -31.52
C PRO B 138 27.30 2.59 -31.31
N LEU B 139 28.11 3.01 -30.35
CA LEU B 139 29.31 2.26 -29.98
C LEU B 139 29.62 2.53 -28.51
N HIS B 140 30.54 1.74 -27.97
CA HIS B 140 30.99 1.94 -26.60
C HIS B 140 32.01 3.07 -26.52
N ALA B 141 32.31 3.49 -25.29
CA ALA B 141 33.28 4.55 -25.08
C ALA B 141 34.67 4.09 -25.52
N ASN B 142 35.21 4.77 -26.53
CA ASN B 142 36.53 4.44 -27.07
C ASN B 142 37.58 5.44 -26.64
N SER B 143 37.35 6.74 -26.85
CA SER B 143 38.31 7.76 -26.45
C SER B 143 38.26 7.99 -24.95
N ARG B 144 39.44 8.16 -24.35
CA ARG B 144 39.55 8.36 -22.91
C ARG B 144 39.48 9.84 -22.59
N LEU B 145 38.52 10.22 -21.74
CA LEU B 145 38.39 11.59 -21.27
C LEU B 145 38.94 11.65 -19.83
N ARG B 146 40.26 11.82 -19.75
CA ARG B 146 40.91 11.85 -18.45
C ARG B 146 40.53 13.12 -17.69
N MET B 147 40.19 12.95 -16.41
CA MET B 147 39.74 14.03 -15.56
C MET B 147 40.83 14.58 -14.64
N GLU B 148 42.01 13.95 -14.62
CA GLU B 148 43.08 14.38 -13.75
C GLU B 148 43.67 15.70 -14.22
N ARG B 149 43.80 16.66 -13.29
CA ARG B 149 44.38 17.94 -13.64
C ARG B 149 45.85 17.81 -14.01
N GLY B 150 46.66 17.27 -13.09
CA GLY B 150 48.08 17.14 -13.29
C GLY B 150 48.91 18.28 -12.76
N ASN B 151 48.28 19.33 -12.24
CA ASN B 151 48.99 20.48 -11.69
C ASN B 151 49.39 20.30 -10.23
N GLY B 152 49.07 19.15 -9.63
CA GLY B 152 49.43 18.91 -8.24
C GLY B 152 48.64 19.73 -7.24
N SER B 153 47.46 20.19 -7.60
CA SER B 153 46.64 20.98 -6.70
C SER B 153 45.95 20.07 -5.68
N THR B 154 45.55 20.67 -4.55
CA THR B 154 44.88 19.91 -3.51
C THR B 154 43.48 19.49 -3.95
N GLU B 155 42.85 20.24 -4.85
CA GLU B 155 41.53 19.87 -5.34
C GLU B 155 41.59 18.75 -6.37
N ASP B 156 42.78 18.41 -6.87
CA ASP B 156 42.91 17.33 -7.84
C ASP B 156 42.68 15.96 -7.22
N LEU B 157 42.61 15.87 -5.89
CA LEU B 157 42.37 14.59 -5.23
C LEU B 157 41.02 14.00 -5.64
N THR B 158 40.01 14.86 -5.77
CA THR B 158 38.69 14.39 -6.20
C THR B 158 38.75 13.80 -7.61
N ALA B 159 39.43 14.48 -8.53
CA ALA B 159 39.55 13.98 -9.89
C ALA B 159 40.35 12.68 -9.93
N ARG B 160 41.39 12.58 -9.09
CA ARG B 160 42.18 11.35 -9.05
C ARG B 160 41.36 10.18 -8.54
N VAL B 161 40.57 10.42 -7.49
CA VAL B 161 39.71 9.36 -6.95
C VAL B 161 38.65 8.96 -7.98
N LEU B 162 38.13 9.95 -8.72
CA LEU B 162 37.13 9.64 -9.75
C LEU B 162 37.74 8.81 -10.86
N ASP B 163 38.98 9.14 -11.26
CA ASP B 163 39.64 8.35 -12.30
C ASP B 163 39.96 6.94 -11.81
N LEU B 164 40.35 6.80 -10.55
CA LEU B 164 40.63 5.47 -10.01
C LEU B 164 39.36 4.66 -9.80
N ALA B 165 38.21 5.32 -9.63
CA ALA B 165 36.98 4.61 -9.36
C ALA B 165 36.20 4.33 -10.65
N SER B 166 36.04 5.33 -11.49
CA SER B 166 35.23 5.20 -12.70
C SER B 166 35.74 6.17 -13.76
N PRO B 167 36.63 5.70 -14.64
CA PRO B 167 37.06 6.55 -15.75
C PRO B 167 35.91 6.83 -16.71
N ILE B 168 35.92 8.04 -17.27
CA ILE B 168 34.84 8.52 -18.13
C ILE B 168 35.39 8.70 -19.54
N GLY B 169 34.65 8.21 -20.53
CA GLY B 169 35.01 8.36 -21.92
C GLY B 169 33.92 9.06 -22.71
N ARG B 170 34.19 9.26 -24.00
CA ARG B 170 33.22 9.91 -24.87
C ARG B 170 32.02 9.00 -25.10
N GLY B 171 30.83 9.56 -24.99
CA GLY B 171 29.60 8.80 -25.16
C GLY B 171 29.15 8.05 -23.94
N GLN B 172 29.75 8.28 -22.78
CA GLN B 172 29.38 7.56 -21.56
C GLN B 172 28.02 8.02 -21.07
N ARG B 173 27.28 7.09 -20.47
CA ARG B 173 25.94 7.34 -19.92
C ARG B 173 25.94 6.83 -18.48
N GLY B 174 26.34 7.69 -17.55
CA GLY B 174 26.48 7.34 -16.16
C GLY B 174 25.44 7.96 -15.25
N LEU B 175 25.58 7.66 -13.96
CA LEU B 175 24.67 8.16 -12.94
C LEU B 175 25.46 8.47 -11.67
N ILE B 176 25.17 9.60 -11.06
CA ILE B 176 25.79 10.00 -9.80
C ILE B 176 24.73 9.84 -8.72
N VAL B 177 24.72 8.68 -8.09
CA VAL B 177 23.75 8.37 -7.03
C VAL B 177 24.31 8.86 -5.71
N ALA B 178 23.53 9.69 -5.01
CA ALA B 178 23.98 10.27 -3.75
C ALA B 178 22.77 10.77 -2.98
N PRO B 179 22.70 10.51 -1.68
CA PRO B 179 21.64 11.11 -0.85
C PRO B 179 21.85 12.61 -0.72
N PRO B 180 20.84 13.35 -0.27
CA PRO B 180 21.01 14.80 -0.11
C PRO B 180 22.04 15.12 0.97
N LYS B 181 22.57 16.34 0.89
CA LYS B 181 23.58 16.84 1.81
C LYS B 181 24.83 15.95 1.81
N ALA B 182 25.26 15.53 0.62
CA ALA B 182 26.44 14.68 0.50
C ALA B 182 27.63 15.41 -0.11
N GLY B 183 27.40 16.44 -0.93
CA GLY B 183 28.48 17.14 -1.60
C GLY B 183 28.38 17.07 -3.10
N LYS B 184 27.15 16.92 -3.62
CA LYS B 184 26.96 16.81 -5.06
C LYS B 184 27.35 18.10 -5.77
N THR B 185 27.12 19.25 -5.12
CA THR B 185 27.42 20.53 -5.74
C THR B 185 28.91 20.69 -5.99
N MET B 186 29.72 20.48 -4.95
CA MET B 186 31.17 20.61 -5.10
C MET B 186 31.73 19.58 -6.07
N LEU B 187 31.18 18.36 -6.05
CA LEU B 187 31.64 17.33 -6.98
C LEU B 187 31.33 17.71 -8.42
N LEU B 188 30.14 18.24 -8.67
CA LEU B 188 29.79 18.66 -10.02
C LEU B 188 30.64 19.85 -10.46
N GLN B 189 30.91 20.78 -9.55
CA GLN B 189 31.78 21.91 -9.88
C GLN B 189 33.18 21.43 -10.24
N ASN B 190 33.72 20.48 -9.47
CA ASN B 190 35.05 19.95 -9.76
C ASN B 190 35.06 19.22 -11.10
N ILE B 191 34.01 18.45 -11.38
CA ILE B 191 33.95 17.74 -12.66
C ILE B 191 33.90 18.73 -13.81
N ALA B 192 33.09 19.77 -13.69
CA ALA B 192 32.98 20.77 -14.76
C ALA B 192 34.30 21.50 -14.96
N GLN B 193 34.97 21.87 -13.87
CA GLN B 193 36.25 22.56 -13.99
C GLN B 193 37.31 21.66 -14.62
N SER B 194 37.34 20.38 -14.23
CA SER B 194 38.29 19.46 -14.83
C SER B 194 38.02 19.23 -16.31
N ILE B 195 36.74 19.18 -16.70
CA ILE B 195 36.41 19.03 -18.11
C ILE B 195 36.82 20.27 -18.89
N ALA B 196 36.57 21.47 -18.33
CA ALA B 196 36.93 22.69 -19.02
C ALA B 196 38.44 22.87 -19.11
N TYR B 197 39.18 22.33 -18.14
CA TYR B 197 40.64 22.48 -18.13
C TYR B 197 41.33 21.46 -19.02
N ASN B 198 40.95 20.17 -18.90
CA ASN B 198 41.63 19.12 -19.64
C ASN B 198 41.18 19.06 -21.10
N HIS B 199 39.87 19.17 -21.33
CA HIS B 199 39.30 19.06 -22.67
C HIS B 199 38.49 20.32 -22.99
N PRO B 200 39.18 21.42 -23.34
CA PRO B 200 38.45 22.65 -23.68
C PRO B 200 37.76 22.61 -25.03
N ASP B 201 38.08 21.63 -25.88
CA ASP B 201 37.46 21.55 -27.20
C ASP B 201 36.05 21.02 -27.17
N CYS B 202 35.67 20.27 -26.13
CA CYS B 202 34.34 19.71 -26.05
C CYS B 202 33.32 20.77 -25.64
N VAL B 203 32.09 20.61 -26.14
CA VAL B 203 31.00 21.54 -25.84
C VAL B 203 30.38 21.11 -24.52
N LEU B 204 30.58 21.91 -23.48
CA LEU B 204 30.07 21.62 -22.15
C LEU B 204 28.74 22.34 -21.93
N MET B 205 27.73 21.60 -21.50
CA MET B 205 26.40 22.14 -21.23
C MET B 205 25.93 21.62 -19.88
N VAL B 206 25.65 22.53 -18.96
CA VAL B 206 25.21 22.20 -17.61
C VAL B 206 23.73 22.53 -17.50
N LEU B 207 22.92 21.51 -17.25
CA LEU B 207 21.47 21.67 -17.11
C LEU B 207 21.09 21.55 -15.64
N LEU B 208 20.46 22.60 -15.10
CA LEU B 208 20.03 22.64 -13.71
C LEU B 208 18.53 22.96 -13.68
N ILE B 209 17.72 21.94 -13.48
CA ILE B 209 16.25 22.08 -13.48
C ILE B 209 15.76 22.04 -12.04
N ASP B 210 14.90 23.00 -11.69
CA ASP B 210 14.25 23.05 -10.38
C ASP B 210 15.29 23.17 -9.25
N GLU B 211 16.15 24.18 -9.38
CA GLU B 211 17.20 24.40 -8.35
C GLU B 211 17.04 25.82 -7.78
N ARG B 212 17.68 26.08 -6.64
CA ARG B 212 17.60 27.44 -6.03
C ARG B 212 18.46 28.38 -6.86
N PRO B 213 17.95 29.56 -7.26
CA PRO B 213 18.69 30.47 -8.16
C PRO B 213 20.10 30.82 -7.66
N GLU B 214 20.28 31.17 -6.38
CA GLU B 214 21.65 31.39 -5.92
C GLU B 214 22.61 30.35 -6.47
N GLU B 215 22.24 29.06 -6.43
CA GLU B 215 23.08 28.03 -7.02
C GLU B 215 23.20 28.21 -8.53
N VAL B 216 22.14 28.67 -9.19
CA VAL B 216 22.20 28.89 -10.63
C VAL B 216 23.22 29.97 -10.97
N THR B 217 23.13 31.12 -10.30
CA THR B 217 24.05 32.21 -10.59
C THR B 217 25.45 31.90 -10.10
N GLU B 218 25.59 30.98 -9.15
CA GLU B 218 26.91 30.52 -8.74
C GLU B 218 27.54 29.66 -9.83
N MET B 219 26.79 28.67 -10.32
CA MET B 219 27.32 27.80 -11.38
C MET B 219 27.59 28.58 -12.66
N GLN B 220 26.78 29.60 -12.94
CA GLN B 220 26.97 30.37 -14.17
C GLN B 220 28.25 31.18 -14.13
N ARG B 221 28.67 31.63 -12.94
CA ARG B 221 29.88 32.44 -12.79
C ARG B 221 31.08 31.63 -12.34
N LEU B 222 30.99 30.29 -12.37
CA LEU B 222 32.07 29.43 -11.92
C LEU B 222 32.64 28.54 -13.01
N VAL B 223 31.80 27.95 -13.84
CA VAL B 223 32.25 27.03 -14.87
C VAL B 223 32.52 27.82 -16.15
N LYS B 224 33.41 27.28 -16.98
CA LYS B 224 33.77 27.90 -18.25
C LYS B 224 33.02 27.20 -19.38
N GLY B 225 31.74 27.55 -19.49
CA GLY B 225 30.90 26.97 -20.51
C GLY B 225 29.51 27.56 -20.50
N GLU B 226 28.59 26.85 -21.15
CA GLU B 226 27.20 27.27 -21.25
C GLU B 226 26.41 26.71 -20.08
N VAL B 227 25.56 27.54 -19.49
CA VAL B 227 24.73 27.15 -18.36
C VAL B 227 23.29 27.48 -18.68
N VAL B 228 22.46 26.45 -18.87
CA VAL B 228 21.02 26.59 -19.08
C VAL B 228 20.31 25.99 -17.88
N ALA B 229 19.61 26.83 -17.13
CA ALA B 229 18.98 26.42 -15.89
C ALA B 229 17.54 26.92 -15.84
N SER B 230 16.76 26.33 -14.93
CA SER B 230 15.36 26.69 -14.73
C SER B 230 15.05 26.51 -13.25
N THR B 231 14.89 27.63 -12.55
CA THR B 231 14.66 27.60 -11.12
C THR B 231 13.28 26.99 -10.80
N PHE B 232 13.06 26.71 -9.52
CA PHE B 232 11.81 26.11 -9.07
C PHE B 232 10.63 27.06 -9.21
N ASP B 233 10.87 28.37 -9.37
CA ASP B 233 9.77 29.32 -9.54
C ASP B 233 9.05 29.15 -10.87
N GLU B 234 9.57 28.33 -11.78
CA GLU B 234 8.94 28.10 -13.07
C GLU B 234 8.17 26.80 -13.05
N PRO B 235 7.08 26.71 -13.82
CA PRO B 235 6.29 25.47 -13.86
C PRO B 235 7.05 24.36 -14.55
N ALA B 236 6.50 23.14 -14.43
CA ALA B 236 7.14 21.98 -15.03
C ALA B 236 7.11 22.04 -16.55
N SER B 237 6.19 22.82 -17.13
CA SER B 237 6.13 22.97 -18.57
C SER B 237 7.41 23.59 -19.11
N ARG B 238 7.91 24.64 -18.43
CA ARG B 238 9.17 25.25 -18.86
C ARG B 238 10.34 24.28 -18.67
N HIS B 239 10.28 23.45 -17.63
CA HIS B 239 11.31 22.43 -17.44
C HIS B 239 11.35 21.47 -18.63
N VAL B 240 10.17 20.98 -19.03
CA VAL B 240 10.09 20.06 -20.16
C VAL B 240 10.58 20.75 -21.44
N GLN B 241 10.18 22.00 -21.63
CA GLN B 241 10.59 22.73 -22.83
C GLN B 241 12.10 22.91 -22.87
N VAL B 242 12.70 23.28 -21.74
CA VAL B 242 14.15 23.46 -21.70
C VAL B 242 14.87 22.15 -21.95
N ALA B 243 14.39 21.06 -21.34
CA ALA B 243 15.01 19.76 -21.58
C ALA B 243 14.94 19.37 -23.04
N GLU B 244 13.78 19.58 -23.68
CA GLU B 244 13.62 19.24 -25.09
C GLU B 244 14.55 20.09 -25.96
N MET B 245 14.62 21.40 -25.69
CA MET B 245 15.50 22.25 -26.48
C MET B 245 16.96 21.85 -26.32
N VAL B 246 17.38 21.54 -25.09
CA VAL B 246 18.77 21.15 -24.86
C VAL B 246 19.09 19.85 -25.56
N ILE B 247 18.21 18.85 -25.47
CA ILE B 247 18.51 17.57 -26.10
C ILE B 247 18.47 17.69 -27.62
N GLU B 248 17.59 18.54 -28.16
CA GLU B 248 17.54 18.73 -29.61
C GLU B 248 18.80 19.44 -30.10
N LYS B 249 19.27 20.46 -29.36
CA LYS B 249 20.51 21.12 -29.73
C LYS B 249 21.69 20.16 -29.65
N ALA B 250 21.70 19.30 -28.63
CA ALA B 250 22.77 18.31 -28.51
C ALA B 250 22.76 17.34 -29.69
N LYS B 251 21.57 16.89 -30.09
CA LYS B 251 21.48 15.99 -31.24
C LYS B 251 21.94 16.67 -32.51
N ARG B 252 21.52 17.93 -32.71
CA ARG B 252 21.93 18.66 -33.91
C ARG B 252 23.44 18.89 -33.94
N LEU B 253 24.05 19.11 -32.77
CA LEU B 253 25.49 19.27 -32.72
C LEU B 253 26.21 17.96 -33.01
N VAL B 254 25.71 16.85 -32.44
CA VAL B 254 26.33 15.55 -32.68
C VAL B 254 26.22 15.16 -34.15
N GLU B 255 25.12 15.57 -34.80
CA GLU B 255 24.96 15.30 -36.22
C GLU B 255 26.05 15.95 -37.06
N HIS B 256 26.70 17.00 -36.55
CA HIS B 256 27.82 17.65 -37.23
C HIS B 256 29.16 17.20 -36.66
N LYS B 257 29.22 16.00 -36.09
CA LYS B 257 30.46 15.43 -35.55
C LYS B 257 31.07 16.31 -34.47
N LYS B 258 30.26 16.69 -33.49
CA LYS B 258 30.71 17.48 -32.35
C LYS B 258 30.63 16.65 -31.08
N ASP B 259 31.50 16.96 -30.13
CA ASP B 259 31.56 16.27 -28.84
C ASP B 259 30.78 17.09 -27.82
N VAL B 260 29.55 16.65 -27.53
CA VAL B 260 28.68 17.33 -26.60
C VAL B 260 28.75 16.64 -25.24
N ILE B 261 28.82 17.43 -24.18
CA ILE B 261 28.85 16.93 -22.81
C ILE B 261 27.73 17.61 -22.03
N ILE B 262 26.83 16.81 -21.46
CA ILE B 262 25.69 17.32 -20.71
C ILE B 262 25.82 16.85 -19.27
N LEU B 263 25.94 17.79 -18.34
CA LEU B 263 26.05 17.49 -16.92
C LEU B 263 24.69 17.78 -16.28
N LEU B 264 23.85 16.74 -16.23
CA LEU B 264 22.52 16.88 -15.65
C LEU B 264 22.59 16.70 -14.14
N ASP B 265 21.85 17.53 -13.40
CA ASP B 265 21.82 17.47 -11.95
C ASP B 265 20.40 17.30 -11.42
N SER B 266 19.44 17.02 -12.28
CA SER B 266 18.04 17.00 -11.88
C SER B 266 17.23 15.91 -12.57
N ILE B 267 17.83 14.75 -12.85
CA ILE B 267 17.11 13.65 -13.51
C ILE B 267 15.86 13.29 -12.71
N THR B 268 15.97 13.28 -11.39
CA THR B 268 14.81 13.04 -10.53
C THR B 268 13.79 14.16 -10.66
N ARG B 269 14.27 15.41 -10.65
CA ARG B 269 13.37 16.55 -10.83
C ARG B 269 12.74 16.56 -12.21
N LEU B 270 13.50 16.15 -13.22
CA LEU B 270 12.96 16.07 -14.57
C LEU B 270 11.87 15.00 -14.66
N ALA B 271 12.10 13.86 -14.01
CA ALA B 271 11.08 12.81 -13.99
C ALA B 271 9.83 13.27 -13.24
N ARG B 272 10.02 14.02 -12.15
CA ARG B 272 8.87 14.57 -11.43
C ARG B 272 8.10 15.55 -12.31
N ALA B 273 8.81 16.39 -13.06
CA ALA B 273 8.15 17.34 -13.95
C ALA B 273 7.36 16.61 -15.03
N TYR B 274 7.95 15.55 -15.60
CA TYR B 274 7.25 14.79 -16.64
C TYR B 274 6.04 14.07 -16.07
N ASN B 275 6.14 13.56 -14.84
CA ASN B 275 5.00 12.94 -14.18
C ASN B 275 3.92 13.95 -13.82
N THR B 276 4.30 15.23 -13.64
CA THR B 276 3.32 16.25 -13.36
C THR B 276 2.61 16.75 -14.62
N VAL B 277 3.33 16.83 -15.74
CA VAL B 277 2.76 17.37 -16.97
C VAL B 277 1.99 16.32 -17.77
N VAL B 278 2.09 15.04 -17.41
CA VAL B 278 1.39 13.99 -18.15
C VAL B 278 -0.06 13.95 -17.70
N PRO B 279 -1.02 13.85 -18.62
CA PRO B 279 -2.43 13.76 -18.21
C PRO B 279 -2.71 12.49 -17.43
N ALA B 280 -3.62 12.61 -16.46
CA ALA B 280 -3.97 11.45 -15.64
C ALA B 280 -4.72 10.41 -16.47
N SER B 281 -4.35 9.16 -16.30
CA SER B 281 -4.95 8.05 -17.02
C SER B 281 -5.74 7.11 -16.12
N GLY B 282 -5.96 7.50 -14.86
CA GLY B 282 -6.70 6.65 -13.93
C GLY B 282 -5.96 5.45 -13.42
N LYS B 283 -4.66 5.33 -13.71
CA LYS B 283 -3.85 4.20 -13.25
C LYS B 283 -2.57 4.74 -12.66
N VAL B 284 -2.39 4.53 -11.35
CA VAL B 284 -1.24 5.02 -10.61
C VAL B 284 -0.48 3.82 -10.05
N LEU B 285 0.83 3.80 -10.28
CA LEU B 285 1.67 2.71 -9.78
C LEU B 285 2.10 2.98 -8.34
N THR B 286 2.94 2.08 -7.83
CA THR B 286 3.43 2.22 -6.46
C THR B 286 4.33 3.45 -6.34
N GLY B 287 4.01 4.32 -5.38
CA GLY B 287 4.78 5.52 -5.14
C GLY B 287 4.25 6.78 -5.81
N GLY B 288 3.21 6.67 -6.62
CA GLY B 288 2.68 7.84 -7.30
C GLY B 288 3.30 8.13 -8.64
N VAL B 289 3.73 7.10 -9.36
CA VAL B 289 4.36 7.27 -10.67
C VAL B 289 3.41 6.77 -11.74
N ASP B 290 3.21 7.57 -12.79
CA ASP B 290 2.36 7.17 -13.89
C ASP B 290 3.06 6.14 -14.75
N ALA B 291 2.26 5.31 -15.44
CA ALA B 291 2.84 4.25 -16.27
C ALA B 291 3.58 4.80 -17.48
N ASN B 292 3.14 5.95 -18.00
CA ASN B 292 3.76 6.55 -19.18
C ASN B 292 4.51 7.83 -18.84
N ALA B 293 4.87 8.03 -17.57
CA ALA B 293 5.57 9.26 -17.19
C ALA B 293 7.08 9.12 -17.33
N LEU B 294 7.62 7.92 -17.14
CA LEU B 294 9.05 7.69 -17.19
C LEU B 294 9.58 7.47 -18.61
N HIS B 295 8.70 7.45 -19.61
CA HIS B 295 9.14 7.18 -20.98
C HIS B 295 9.98 8.34 -21.53
N ARG B 296 9.52 9.57 -21.31
CA ARG B 296 10.27 10.73 -21.78
C ARG B 296 11.63 10.87 -21.10
N PRO B 297 11.75 10.78 -19.77
CA PRO B 297 13.09 10.77 -19.18
C PRO B 297 13.92 9.57 -19.61
N LYS B 298 13.28 8.43 -19.85
CA LYS B 298 14.01 7.27 -20.36
C LYS B 298 14.66 7.57 -21.70
N ARG B 299 13.92 8.19 -22.63
CA ARG B 299 14.48 8.56 -23.91
C ARG B 299 15.53 9.64 -23.78
N PHE B 300 15.29 10.63 -22.91
CA PHE B 300 16.26 11.69 -22.70
C PHE B 300 17.59 11.12 -22.19
N PHE B 301 17.52 10.11 -21.33
CA PHE B 301 18.74 9.48 -20.82
C PHE B 301 19.40 8.64 -21.89
N GLY B 302 18.61 7.83 -22.59
CA GLY B 302 19.15 6.95 -23.62
C GLY B 302 19.63 7.66 -24.87
N ALA B 303 19.36 8.97 -25.00
CA ALA B 303 19.85 9.70 -26.16
C ALA B 303 21.37 9.71 -26.21
N ALA B 304 22.03 9.64 -25.04
CA ALA B 304 23.48 9.60 -24.99
C ALA B 304 24.02 8.35 -25.65
N ARG B 305 24.97 8.53 -26.56
CA ARG B 305 25.56 7.42 -27.29
C ARG B 305 26.84 7.91 -27.98
N ASN B 306 27.72 6.97 -28.31
CA ASN B 306 28.93 7.26 -29.03
C ASN B 306 28.74 6.93 -30.50
N VAL B 307 29.10 7.87 -31.37
CA VAL B 307 28.90 7.74 -32.81
C VAL B 307 30.21 7.31 -33.46
N GLU B 308 30.13 6.32 -34.34
CA GLU B 308 31.31 5.86 -35.05
C GLU B 308 31.72 6.81 -36.17
N GLU B 309 30.75 7.42 -36.85
CA GLU B 309 31.07 8.33 -37.94
C GLU B 309 31.75 9.60 -37.43
N GLY B 310 31.45 10.00 -36.20
CA GLY B 310 32.06 11.20 -35.64
C GLY B 310 31.22 11.83 -34.54
N GLY B 311 31.89 12.38 -33.52
CA GLY B 311 31.20 13.01 -32.42
C GLY B 311 30.75 12.01 -31.36
N SER B 312 30.21 12.55 -30.28
CA SER B 312 29.74 11.74 -29.16
C SER B 312 28.80 12.60 -28.31
N LEU B 313 28.05 11.94 -27.45
CA LEU B 313 27.11 12.60 -26.55
C LEU B 313 27.22 11.97 -25.17
N THR B 314 27.73 12.73 -24.20
CA THR B 314 27.89 12.26 -22.83
C THR B 314 26.88 12.93 -21.93
N ILE B 315 26.17 12.13 -21.14
CA ILE B 315 25.15 12.62 -20.21
C ILE B 315 25.46 12.04 -18.84
N ILE B 316 25.79 12.89 -17.88
CA ILE B 316 26.08 12.49 -16.51
C ILE B 316 24.98 13.09 -15.63
N ALA B 317 24.03 12.25 -15.23
CA ALA B 317 22.90 12.67 -14.41
C ALA B 317 23.12 12.27 -12.96
N THR B 318 22.69 13.13 -12.04
CA THR B 318 22.82 12.88 -10.61
C THR B 318 21.44 12.54 -10.06
N ALA B 319 21.27 11.29 -9.62
CA ALA B 319 20.00 10.83 -9.08
C ALA B 319 19.94 11.05 -7.58
N LEU B 320 18.73 11.27 -7.08
CA LEU B 320 18.49 11.51 -5.66
C LEU B 320 17.87 10.29 -5.01
N ILE B 321 18.42 9.89 -3.86
CA ILE B 321 17.92 8.76 -3.09
C ILE B 321 17.79 9.19 -1.63
N ASP B 322 17.02 8.41 -0.87
CA ASP B 322 16.83 8.64 0.56
C ASP B 322 16.27 10.04 0.83
N THR B 323 15.39 10.50 -0.06
CA THR B 323 14.78 11.81 0.06
C THR B 323 13.46 11.78 0.83
N GLY B 324 13.06 10.61 1.35
CA GLY B 324 11.81 10.49 2.08
C GLY B 324 10.59 10.29 1.21
N SER B 325 10.72 10.37 -0.10
CA SER B 325 9.59 10.19 -1.02
C SER B 325 9.79 8.87 -1.77
N LYS B 326 8.73 8.04 -1.77
CA LYS B 326 8.81 6.76 -2.45
C LYS B 326 8.87 6.92 -3.96
N MET B 327 8.35 8.03 -4.48
CA MET B 327 8.38 8.27 -5.93
C MET B 327 9.82 8.36 -6.43
N ASP B 328 10.66 9.12 -5.72
CA ASP B 328 12.06 9.22 -6.10
C ASP B 328 12.78 7.88 -5.98
N GLU B 329 12.41 7.07 -4.98
CA GLU B 329 13.00 5.75 -4.85
C GLU B 329 12.63 4.85 -6.03
N VAL B 330 11.37 4.90 -6.45
CA VAL B 330 10.95 4.12 -7.61
C VAL B 330 11.66 4.59 -8.87
N ILE B 331 11.80 5.91 -9.02
CA ILE B 331 12.50 6.45 -10.19
C ILE B 331 13.96 5.99 -10.21
N TYR B 332 14.68 6.40 -9.16
CA TYR B 332 16.15 6.20 -9.14
C TYR B 332 16.53 4.83 -9.67
N GLU B 333 15.95 3.79 -9.08
CA GLU B 333 16.39 2.43 -9.46
C GLU B 333 15.74 2.04 -10.80
N GLU B 334 14.50 2.44 -11.06
CA GLU B 334 13.94 2.15 -12.41
C GLU B 334 15.03 2.58 -13.38
N PHE B 335 15.74 3.66 -13.04
CA PHE B 335 16.87 4.15 -13.83
C PHE B 335 18.18 3.45 -13.48
N LYS B 336 18.23 2.76 -12.34
CA LYS B 336 19.50 2.13 -11.92
C LYS B 336 20.03 1.30 -13.10
N GLY B 337 19.18 0.44 -13.66
CA GLY B 337 19.59 -0.31 -14.87
C GLY B 337 19.92 0.66 -15.99
N THR B 338 19.12 1.72 -16.14
CA THR B 338 19.39 2.77 -17.16
C THR B 338 20.68 3.51 -16.77
N GLY B 339 21.84 2.94 -17.09
CA GLY B 339 23.12 3.59 -16.76
C GLY B 339 24.23 2.57 -16.62
N ASN B 340 25.25 2.65 -17.47
CA ASN B 340 26.38 1.74 -17.38
C ASN B 340 27.50 2.28 -16.48
N MET B 341 27.18 3.20 -15.56
CA MET B 341 28.17 3.74 -14.64
C MET B 341 27.45 4.29 -13.43
N GLU B 342 27.83 3.83 -12.24
CA GLU B 342 27.24 4.29 -10.99
C GLU B 342 28.35 4.75 -10.06
N LEU B 343 28.29 6.01 -9.63
CA LEU B 343 29.23 6.59 -8.69
C LEU B 343 28.47 6.93 -7.42
N HIS B 344 28.47 6.00 -6.47
CA HIS B 344 27.70 6.17 -5.25
C HIS B 344 28.48 6.99 -4.24
N LEU B 345 27.77 7.83 -3.49
CA LEU B 345 28.33 8.64 -2.43
C LEU B 345 27.67 8.24 -1.10
N SER B 346 28.48 8.14 -0.05
CA SER B 346 28.02 7.69 1.26
C SER B 346 27.75 8.88 2.16
N ARG B 347 26.56 8.88 2.77
CA ARG B 347 26.23 9.95 3.72
C ARG B 347 27.02 9.79 5.01
N LYS B 348 27.31 8.55 5.41
CA LYS B 348 28.07 8.33 6.64
C LYS B 348 29.47 8.92 6.54
N ILE B 349 30.08 8.83 5.36
CA ILE B 349 31.41 9.43 5.18
C ILE B 349 31.31 10.95 5.10
N ALA B 350 30.22 11.48 4.54
CA ALA B 350 30.06 12.92 4.45
C ALA B 350 29.83 13.54 5.83
N GLU B 351 29.17 12.79 6.73
CA GLU B 351 28.96 13.29 8.07
C GLU B 351 30.25 13.41 8.86
N LYS B 352 31.27 12.62 8.51
CA LYS B 352 32.58 12.70 9.15
C LYS B 352 33.45 13.79 8.55
N ARG B 353 32.90 14.60 7.64
CA ARG B 353 33.64 15.69 6.99
C ARG B 353 34.88 15.17 6.26
N VAL B 354 34.74 14.03 5.61
CA VAL B 354 35.81 13.43 4.82
C VAL B 354 35.44 13.61 3.35
N PHE B 355 36.02 14.64 2.73
CA PHE B 355 35.74 14.95 1.34
C PHE B 355 36.89 14.50 0.46
N PRO B 356 36.61 13.82 -0.67
CA PRO B 356 35.26 13.48 -1.11
C PRO B 356 34.71 12.22 -0.44
N ALA B 357 33.38 12.17 -0.27
CA ALA B 357 32.71 11.01 0.33
C ALA B 357 32.19 10.12 -0.79
N ILE B 358 33.08 9.34 -1.37
CA ILE B 358 32.77 8.48 -2.51
C ILE B 358 32.77 7.03 -2.04
N ASP B 359 31.73 6.28 -2.41
CA ASP B 359 31.66 4.85 -2.12
C ASP B 359 32.45 4.11 -3.20
N TYR B 360 33.72 3.82 -2.89
CA TYR B 360 34.58 3.19 -3.89
C TYR B 360 34.17 1.75 -4.16
N ASN B 361 33.54 1.09 -3.18
CA ASN B 361 33.18 -0.31 -3.34
C ASN B 361 32.10 -0.50 -4.41
N ARG B 362 31.01 0.26 -4.31
CA ARG B 362 29.91 0.09 -5.25
C ARG B 362 30.13 0.81 -6.57
N SER B 363 31.16 1.64 -6.67
CA SER B 363 31.47 2.32 -7.91
C SER B 363 32.10 1.35 -8.90
N GLY B 364 32.20 1.78 -10.15
CA GLY B 364 32.79 0.97 -11.20
C GLY B 364 32.28 1.39 -12.56
N THR B 365 32.95 0.85 -13.58
CA THR B 365 32.60 1.12 -14.98
C THR B 365 32.67 -0.17 -15.77
N ARG B 366 31.66 -0.41 -16.59
CA ARG B 366 31.64 -1.60 -17.44
C ARG B 366 32.49 -1.35 -18.69
N LYS B 367 33.15 -2.41 -19.15
CA LYS B 367 34.05 -2.34 -20.31
C LYS B 367 35.15 -1.30 -20.08
N GLU B 368 35.70 -1.28 -18.87
CA GLU B 368 36.74 -0.32 -18.54
C GLU B 368 38.06 -0.60 -19.25
N GLU B 369 38.24 -1.80 -19.80
CA GLU B 369 39.47 -2.13 -20.51
C GLU B 369 39.60 -1.37 -21.82
N LEU B 370 38.50 -0.80 -22.33
CA LEU B 370 38.54 -0.02 -23.56
C LEU B 370 39.03 1.40 -23.36
N LEU B 371 39.20 1.83 -22.11
CA LEU B 371 39.68 3.18 -21.81
C LEU B 371 40.98 3.20 -21.04
N THR B 372 41.49 2.05 -20.61
CA THR B 372 42.72 1.98 -19.85
C THR B 372 43.63 0.90 -20.45
N THR B 373 44.93 1.04 -20.20
CA THR B 373 45.89 0.07 -20.69
C THR B 373 45.85 -1.21 -19.84
N GLN B 374 46.67 -2.18 -20.25
CA GLN B 374 46.70 -3.45 -19.54
C GLN B 374 47.28 -3.29 -18.14
N GLU B 375 48.43 -2.62 -18.03
CA GLU B 375 49.05 -2.45 -16.71
C GLU B 375 48.21 -1.54 -15.82
N GLU B 376 47.58 -0.52 -16.40
CA GLU B 376 46.71 0.34 -15.61
C GLU B 376 45.50 -0.42 -15.10
N LEU B 377 44.91 -1.27 -15.94
CA LEU B 377 43.77 -2.08 -15.51
C LEU B 377 44.19 -3.07 -14.42
N GLN B 378 45.37 -3.67 -14.55
CA GLN B 378 45.86 -4.59 -13.53
C GLN B 378 46.09 -3.88 -12.21
N LYS B 379 46.68 -2.67 -12.25
CA LYS B 379 46.89 -1.91 -11.03
C LYS B 379 45.56 -1.49 -10.40
N MET B 380 44.57 -1.11 -11.20
CA MET B 380 43.26 -0.79 -10.65
C MET B 380 42.60 -2.01 -10.02
N TRP B 381 42.75 -3.17 -10.65
CA TRP B 381 42.20 -4.40 -10.09
C TRP B 381 42.87 -4.73 -8.76
N ILE B 382 44.19 -4.59 -8.68
CA ILE B 382 44.89 -4.84 -7.43
C ILE B 382 44.46 -3.87 -6.35
N LEU B 383 44.30 -2.59 -6.71
CA LEU B 383 43.87 -1.58 -5.75
C LEU B 383 42.46 -1.89 -5.25
N ARG B 384 41.57 -2.35 -6.13
CA ARG B 384 40.22 -2.70 -5.72
C ARG B 384 40.24 -3.93 -4.80
N LYS B 385 41.08 -4.91 -5.11
CA LYS B 385 41.15 -6.11 -4.27
C LYS B 385 41.76 -5.80 -2.91
N ILE B 386 42.61 -4.79 -2.83
CA ILE B 386 43.17 -4.39 -1.54
C ILE B 386 42.18 -3.55 -0.76
N ILE B 387 41.41 -2.70 -1.44
CA ILE B 387 40.48 -1.80 -0.77
C ILE B 387 39.23 -2.53 -0.29
N HIS B 388 38.78 -3.53 -1.05
CA HIS B 388 37.52 -4.22 -0.76
C HIS B 388 37.41 -4.76 0.66
N PRO B 389 38.42 -5.41 1.26
CA PRO B 389 38.25 -5.90 2.63
C PRO B 389 38.04 -4.80 3.65
N MET B 390 38.72 -3.66 3.49
CA MET B 390 38.61 -2.58 4.46
C MET B 390 37.23 -1.92 4.38
N GLY B 391 36.84 -1.27 5.48
CA GLY B 391 35.59 -0.56 5.53
C GLY B 391 35.61 0.69 4.66
N GLU B 392 34.42 1.25 4.46
CA GLU B 392 34.28 2.42 3.58
C GLU B 392 35.09 3.60 4.10
N ILE B 393 34.86 3.98 5.35
CA ILE B 393 35.57 5.12 5.93
C ILE B 393 37.07 4.84 6.00
N ASP B 394 37.43 3.63 6.42
CA ASP B 394 38.85 3.27 6.50
C ASP B 394 39.50 3.27 5.13
N ALA B 395 38.81 2.75 4.11
CA ALA B 395 39.37 2.74 2.76
C ALA B 395 39.53 4.16 2.23
N MET B 396 38.56 5.03 2.51
CA MET B 396 38.66 6.42 2.07
C MET B 396 39.82 7.13 2.75
N GLU B 397 39.99 6.92 4.06
CA GLU B 397 41.10 7.52 4.76
C GLU B 397 42.44 7.02 4.23
N PHE B 398 42.53 5.71 3.98
CA PHE B 398 43.75 5.14 3.42
C PHE B 398 44.06 5.73 2.05
N LEU B 399 43.04 5.84 1.18
CA LEU B 399 43.25 6.38 -0.14
C LEU B 399 43.68 7.85 -0.09
N ILE B 400 43.07 8.63 0.81
CA ILE B 400 43.44 10.03 0.93
C ILE B 400 44.87 10.17 1.43
N ASN B 401 45.24 9.39 2.45
CA ASN B 401 46.57 9.49 3.01
C ASN B 401 47.63 9.01 2.03
N LYS B 402 47.27 8.08 1.13
CA LYS B 402 48.23 7.60 0.16
C LYS B 402 48.33 8.51 -1.06
N LEU B 403 47.23 9.21 -1.41
CA LEU B 403 47.30 10.14 -2.53
C LEU B 403 47.87 11.49 -2.12
N ALA B 404 47.83 11.82 -0.82
CA ALA B 404 48.44 13.07 -0.38
C ALA B 404 49.95 13.03 -0.42
N MET B 405 50.55 11.82 -0.44
CA MET B 405 52.00 11.72 -0.42
C MET B 405 52.61 12.10 -1.76
N THR B 406 51.93 11.81 -2.86
CA THR B 406 52.45 12.06 -4.20
C THR B 406 51.49 12.95 -4.97
N LYS B 407 51.90 13.32 -6.19
CA LYS B 407 51.09 14.16 -7.06
C LYS B 407 50.32 13.35 -8.10
N THR B 408 50.95 12.31 -8.66
CA THR B 408 50.35 11.49 -9.69
C THR B 408 50.03 10.11 -9.14
N ASN B 409 49.00 9.48 -9.71
CA ASN B 409 48.59 8.15 -9.27
C ASN B 409 49.57 7.08 -9.73
N ASP B 410 50.38 7.37 -10.74
CA ASP B 410 51.38 6.40 -11.21
C ASP B 410 52.41 6.12 -10.13
N ASP B 411 52.84 7.15 -9.40
CA ASP B 411 53.78 6.94 -8.30
C ASP B 411 53.15 6.12 -7.19
N PHE B 412 51.87 6.35 -6.89
CA PHE B 412 51.19 5.54 -5.89
C PHE B 412 51.11 4.08 -6.32
N PHE B 413 50.77 3.83 -7.58
CA PHE B 413 50.71 2.46 -8.08
C PHE B 413 52.08 1.79 -8.05
N GLU B 414 53.13 2.55 -8.37
CA GLU B 414 54.48 1.99 -8.33
C GLU B 414 54.94 1.70 -6.91
N MET B 415 54.50 2.53 -5.94
CA MET B 415 54.88 2.29 -4.55
C MET B 415 54.05 1.19 -3.91
N MET B 416 52.85 0.90 -4.44
CA MET B 416 52.04 -0.18 -3.89
C MET B 416 52.70 -1.53 -4.12
N LYS B 417 53.38 -1.70 -5.25
CA LYS B 417 54.04 -2.97 -5.55
C LYS B 417 55.32 -3.12 -4.72
N MET C 1 -4.40 61.91 13.60
CA MET C 1 -5.46 60.92 13.38
C MET C 1 -4.93 59.72 12.60
N ASN C 2 -4.42 58.73 13.32
CA ASN C 2 -3.88 57.51 12.74
C ASN C 2 -4.68 56.32 13.23
N LEU C 3 -4.80 55.30 12.37
CA LEU C 3 -5.58 54.13 12.71
C LEU C 3 -4.90 53.31 13.80
N THR C 4 -3.59 53.08 13.67
CA THR C 4 -2.87 52.28 14.65
C THR C 4 -2.84 52.96 16.02
N GLU C 5 -2.80 54.29 16.04
CA GLU C 5 -2.83 55.01 17.32
C GLU C 5 -4.15 54.78 18.06
N LEU C 6 -5.27 54.79 17.33
CA LEU C 6 -6.55 54.51 17.96
C LEU C 6 -6.70 53.04 18.29
N LYS C 7 -6.04 52.15 17.54
CA LYS C 7 -6.06 50.74 17.86
C LYS C 7 -5.26 50.40 19.11
N ASN C 8 -4.19 51.16 19.38
CA ASN C 8 -3.39 50.90 20.57
C ASN C 8 -4.03 51.47 21.84
N THR C 9 -4.94 52.43 21.71
CA THR C 9 -5.59 53.01 22.86
C THR C 9 -6.50 51.98 23.53
N PRO C 10 -6.66 52.06 24.85
CA PRO C 10 -7.53 51.10 25.55
C PRO C 10 -9.00 51.38 25.27
N VAL C 11 -9.85 50.47 25.76
CA VAL C 11 -11.28 50.56 25.50
C VAL C 11 -11.90 51.69 26.34
N SER C 12 -11.44 51.85 27.57
CA SER C 12 -12.05 52.83 28.47
C SER C 12 -11.85 54.25 27.95
N GLU C 13 -10.64 54.59 27.52
CA GLU C 13 -10.38 55.92 27.00
C GLU C 13 -11.16 56.18 25.72
N LEU C 14 -11.29 55.17 24.86
CA LEU C 14 -12.07 55.35 23.63
C LEU C 14 -13.54 55.56 23.94
N ILE C 15 -14.09 54.83 24.93
CA ILE C 15 -15.48 55.02 25.33
C ILE C 15 -15.66 56.42 25.88
N THR C 16 -14.71 56.89 26.71
CA THR C 16 -14.81 58.23 27.28
C THR C 16 -14.76 59.29 26.18
N LEU C 17 -13.86 59.13 25.21
CA LEU C 17 -13.75 60.08 24.12
C LEU C 17 -15.03 60.11 23.29
N GLY C 18 -15.58 58.92 23.00
CA GLY C 18 -16.82 58.87 22.24
C GLY C 18 -17.99 59.49 22.98
N GLU C 19 -18.07 59.29 24.29
CA GLU C 19 -19.12 59.93 25.07
C GLU C 19 -18.95 61.45 25.12
N ASN C 20 -17.69 61.91 25.16
CA ASN C 20 -17.45 63.35 25.11
C ASN C 20 -17.80 63.93 23.74
N MET C 21 -17.63 63.16 22.67
CA MET C 21 -17.96 63.65 21.34
C MET C 21 -19.47 63.73 21.12
N GLY C 22 -20.25 63.11 21.99
CA GLY C 22 -21.70 63.18 21.88
C GLY C 22 -22.28 62.26 20.82
N LEU C 23 -22.09 60.96 21.00
CA LEU C 23 -22.61 59.95 20.08
C LEU C 23 -23.46 58.94 20.85
N GLU C 24 -23.86 57.88 20.17
CA GLU C 24 -24.64 56.83 20.81
C GLU C 24 -23.81 56.13 21.88
N ASN C 25 -24.50 55.50 22.82
CA ASN C 25 -23.84 54.80 23.93
C ASN C 25 -22.83 53.79 23.42
N LEU C 26 -21.56 54.00 23.78
CA LEU C 26 -20.47 53.17 23.31
C LEU C 26 -20.10 52.05 24.27
N ALA C 27 -20.73 52.00 25.45
CA ALA C 27 -20.44 50.92 26.39
C ALA C 27 -20.85 49.57 25.83
N ARG C 28 -22.03 49.50 25.21
CA ARG C 28 -22.49 48.28 24.54
C ARG C 28 -22.14 48.31 23.06
N MET C 29 -20.86 48.54 22.75
CA MET C 29 -20.40 48.63 21.38
C MET C 29 -19.00 48.04 21.28
N ARG C 30 -18.68 47.52 20.10
CA ARG C 30 -17.35 46.98 19.85
C ARG C 30 -16.33 48.10 19.72
N LYS C 31 -15.08 47.78 20.05
CA LYS C 31 -14.00 48.77 19.96
C LYS C 31 -13.82 49.26 18.53
N GLN C 32 -13.93 48.35 17.56
CA GLN C 32 -13.80 48.75 16.16
C GLN C 32 -14.93 49.69 15.75
N ASP C 33 -16.16 49.40 16.20
CA ASP C 33 -17.27 50.29 15.91
C ASP C 33 -17.09 51.64 16.61
N ILE C 34 -16.52 51.64 17.81
CA ILE C 34 -16.24 52.89 18.51
C ILE C 34 -15.24 53.73 17.71
N ILE C 35 -14.17 53.09 17.24
CA ILE C 35 -13.17 53.80 16.45
C ILE C 35 -13.78 54.33 15.16
N PHE C 36 -14.65 53.53 14.53
CA PHE C 36 -15.30 53.94 13.29
C PHE C 36 -16.18 55.17 13.53
N ALA C 37 -16.97 55.16 14.61
CA ALA C 37 -17.82 56.30 14.92
C ALA C 37 -17.00 57.53 15.26
N ILE C 38 -15.89 57.35 15.97
CA ILE C 38 -15.03 58.48 16.31
C ILE C 38 -14.43 59.09 15.05
N LEU C 39 -14.00 58.23 14.12
CA LEU C 39 -13.45 58.73 12.86
C LEU C 39 -14.50 59.46 12.05
N LYS C 40 -15.73 58.93 12.02
CA LYS C 40 -16.82 59.62 11.32
C LYS C 40 -17.08 60.99 11.93
N GLN C 41 -17.18 61.06 13.26
CA GLN C 41 -17.47 62.32 13.92
C GLN C 41 -16.33 63.32 13.74
N HIS C 42 -15.09 62.83 13.69
CA HIS C 42 -13.96 63.73 13.51
C HIS C 42 -13.85 64.21 12.07
N ALA C 43 -14.25 63.39 11.10
CA ALA C 43 -14.26 63.81 9.71
C ALA C 43 -15.44 64.71 9.37
N LYS C 44 -16.53 64.64 10.14
CA LYS C 44 -17.64 65.56 9.93
C LYS C 44 -17.23 67.00 10.23
N SER C 45 -16.22 67.19 11.08
CA SER C 45 -15.73 68.53 11.39
C SER C 45 -14.81 69.09 10.31
N GLY C 46 -14.40 68.27 9.34
CA GLY C 46 -13.55 68.72 8.26
C GLY C 46 -12.09 68.32 8.38
N GLU C 47 -11.69 67.70 9.47
CA GLU C 47 -10.29 67.30 9.63
C GLU C 47 -9.99 66.07 8.79
N ASP C 48 -8.69 65.84 8.56
CA ASP C 48 -8.23 64.73 7.76
C ASP C 48 -7.97 63.51 8.61
N ILE C 49 -8.08 62.34 8.01
CA ILE C 49 -7.83 61.05 8.66
C ILE C 49 -6.76 60.31 7.88
N PHE C 50 -5.83 59.70 8.62
CA PHE C 50 -4.73 58.96 8.02
C PHE C 50 -4.76 57.51 8.47
N GLY C 51 -4.28 56.63 7.60
CA GLY C 51 -4.23 55.21 7.89
C GLY C 51 -3.04 54.57 7.21
N ASP C 52 -2.87 53.27 7.45
CA ASP C 52 -1.77 52.52 6.89
C ASP C 52 -2.12 51.03 6.93
N GLY C 53 -1.33 50.23 6.24
CA GLY C 53 -1.53 48.80 6.21
C GLY C 53 -0.86 48.18 5.00
N VAL C 54 -0.87 46.86 4.98
CA VAL C 54 -0.28 46.08 3.90
C VAL C 54 -1.33 45.85 2.83
N LEU C 55 -0.95 46.07 1.58
CA LEU C 55 -1.89 45.95 0.46
C LEU C 55 -2.11 44.49 0.09
N GLU C 56 -3.38 44.14 -0.16
CA GLU C 56 -3.78 42.80 -0.59
C GLU C 56 -4.66 42.97 -1.83
N ILE C 57 -4.04 42.89 -3.00
CA ILE C 57 -4.79 43.07 -4.25
C ILE C 57 -5.64 41.83 -4.50
N LEU C 58 -6.93 42.05 -4.73
CA LEU C 58 -7.84 40.96 -5.00
C LEU C 58 -7.75 40.54 -6.47
N GLN C 59 -8.44 39.46 -6.80
CA GLN C 59 -8.41 38.94 -8.17
C GLN C 59 -9.16 39.85 -9.14
N ASP C 60 -10.18 40.57 -8.65
CA ASP C 60 -10.95 41.43 -9.54
C ASP C 60 -10.15 42.65 -9.98
N GLY C 61 -9.32 43.20 -9.08
CA GLY C 61 -8.52 44.35 -9.41
C GLY C 61 -8.37 45.36 -8.29
N PHE C 62 -9.28 45.31 -7.32
CA PHE C 62 -9.23 46.20 -6.18
C PHE C 62 -8.42 45.55 -5.06
N GLY C 63 -8.39 46.18 -3.89
CA GLY C 63 -7.63 45.63 -2.77
C GLY C 63 -7.96 46.35 -1.49
N PHE C 64 -7.39 45.83 -0.40
CA PHE C 64 -7.57 46.39 0.93
C PHE C 64 -6.22 46.52 1.61
N LEU C 65 -6.22 47.25 2.73
CA LEU C 65 -5.02 47.45 3.54
C LEU C 65 -5.21 46.69 4.85
N ARG C 66 -4.68 45.46 4.89
CA ARG C 66 -4.80 44.64 6.08
C ARG C 66 -3.96 45.21 7.22
N SER C 67 -4.31 44.81 8.45
CA SER C 67 -3.61 45.24 9.64
C SER C 67 -2.81 44.09 10.24
N ALA C 68 -1.69 44.42 10.88
CA ALA C 68 -0.80 43.40 11.42
C ALA C 68 -1.28 42.86 12.76
N ASP C 69 -2.01 43.67 13.53
CA ASP C 69 -2.47 43.24 14.83
C ASP C 69 -3.58 42.18 14.75
N SER C 70 -4.21 42.04 13.59
CA SER C 70 -5.27 41.05 13.40
C SER C 70 -4.82 39.88 12.52
N SER C 71 -3.51 39.71 12.33
CA SER C 71 -2.95 38.63 11.54
C SER C 71 -3.48 38.66 10.11
N TYR C 72 -3.62 39.87 9.56
CA TYR C 72 -4.06 40.09 8.19
C TYR C 72 -5.43 39.46 7.93
N LEU C 73 -6.34 39.61 8.90
CA LEU C 73 -7.69 39.11 8.78
C LEU C 73 -8.61 40.18 8.22
N ALA C 74 -9.62 39.75 7.46
CA ALA C 74 -10.57 40.66 6.85
C ALA C 74 -11.35 41.43 7.92
N GLY C 75 -11.12 42.73 8.02
CA GLY C 75 -11.78 43.55 9.01
C GLY C 75 -12.66 44.61 8.38
N PRO C 76 -13.62 45.13 9.16
CA PRO C 76 -14.49 46.19 8.63
C PRO C 76 -13.75 47.50 8.42
N ASP C 77 -12.63 47.72 9.10
CA ASP C 77 -11.89 48.97 9.01
C ASP C 77 -10.79 48.92 7.95
N ASP C 78 -10.91 48.02 6.97
CA ASP C 78 -9.94 47.95 5.89
C ASP C 78 -10.12 49.12 4.93
N ILE C 79 -9.01 49.65 4.45
CA ILE C 79 -9.02 50.80 3.54
C ILE C 79 -9.13 50.29 2.12
N TYR C 80 -10.19 50.70 1.42
CA TYR C 80 -10.36 50.31 0.02
C TYR C 80 -9.36 51.03 -0.87
N VAL C 81 -8.77 50.29 -1.80
CA VAL C 81 -7.80 50.81 -2.75
C VAL C 81 -8.36 50.58 -4.15
N SER C 82 -8.68 51.67 -4.85
CA SER C 82 -9.25 51.57 -6.18
C SER C 82 -8.20 51.02 -7.16
N PRO C 83 -8.63 50.29 -8.19
CA PRO C 83 -7.66 49.78 -9.17
C PRO C 83 -7.02 50.89 -9.99
N SER C 84 -7.68 52.06 -10.09
CA SER C 84 -7.10 53.17 -10.81
C SER C 84 -5.78 53.62 -10.19
N GLN C 85 -5.77 53.78 -8.86
CA GLN C 85 -4.52 54.15 -8.18
C GLN C 85 -3.49 53.04 -8.28
N ILE C 86 -3.94 51.79 -8.26
CA ILE C 86 -3.02 50.65 -8.41
C ILE C 86 -2.31 50.71 -9.76
N ARG C 87 -3.08 51.04 -10.80
CA ARG C 87 -2.60 51.14 -12.19
C ARG C 87 -1.75 52.41 -12.37
N ARG C 88 -1.99 53.43 -11.54
CA ARG C 88 -1.29 54.73 -11.63
C ARG C 88 0.07 54.68 -10.90
N PHE C 89 0.16 53.88 -9.82
CA PHE C 89 1.39 53.80 -9.05
C PHE C 89 2.05 52.42 -9.13
N ASN C 90 1.51 51.51 -9.94
CA ASN C 90 2.06 50.17 -10.11
C ASN C 90 2.19 49.45 -8.76
N LEU C 91 1.10 49.46 -8.00
CA LEU C 91 1.10 48.82 -6.69
C LEU C 91 0.91 47.31 -6.84
N ARG C 92 1.51 46.57 -5.92
CA ARG C 92 1.40 45.11 -5.90
C ARG C 92 1.14 44.65 -4.48
N THR C 93 0.78 43.37 -4.34
CA THR C 93 0.49 42.80 -3.03
C THR C 93 1.74 42.81 -2.16
N GLY C 94 1.64 43.47 -1.02
CA GLY C 94 2.75 43.59 -0.07
C GLY C 94 3.27 44.99 0.12
N ASP C 95 2.94 45.92 -0.78
CA ASP C 95 3.43 47.29 -0.68
C ASP C 95 2.76 47.98 0.51
N THR C 96 3.59 48.49 1.42
CA THR C 96 3.08 49.25 2.56
C THR C 96 2.66 50.64 2.09
N ILE C 97 1.38 50.97 2.28
CA ILE C 97 0.82 52.25 1.84
C ILE C 97 0.33 53.02 3.05
N SER C 98 0.70 54.29 3.12
CA SER C 98 0.29 55.17 4.21
C SER C 98 -0.14 56.50 3.60
N GLY C 99 -1.42 56.82 3.70
CA GLY C 99 -1.93 58.05 3.13
C GLY C 99 -3.22 58.46 3.78
N LYS C 100 -3.74 59.60 3.30
CA LYS C 100 -4.99 60.13 3.82
C LYS C 100 -6.16 59.24 3.42
N ILE C 101 -7.09 59.05 4.35
CA ILE C 101 -8.28 58.23 4.13
C ILE C 101 -9.52 59.04 4.51
N ARG C 102 -10.67 58.56 4.08
CA ARG C 102 -11.95 59.19 4.36
C ARG C 102 -12.97 58.13 4.73
N PRO C 103 -13.90 58.45 5.62
CA PRO C 103 -14.95 57.49 5.99
C PRO C 103 -15.84 57.17 4.80
N PRO C 104 -16.48 56.01 4.79
CA PRO C 104 -17.33 55.65 3.66
C PRO C 104 -18.60 56.48 3.62
N LYS C 105 -18.97 56.89 2.42
CA LYS C 105 -20.17 57.70 2.22
C LYS C 105 -21.39 56.78 2.20
N GLU C 106 -22.54 57.33 1.79
CA GLU C 106 -23.77 56.54 1.71
C GLU C 106 -23.64 55.52 0.58
N GLY C 107 -23.77 54.24 0.91
CA GLY C 107 -23.61 53.18 -0.05
C GLY C 107 -22.24 52.54 -0.08
N GLU C 108 -21.33 52.96 0.78
CA GLU C 108 -19.99 52.41 0.87
C GLU C 108 -19.80 51.74 2.22
N ARG C 109 -18.83 50.83 2.30
CA ARG C 109 -18.58 50.07 3.50
C ARG C 109 -17.14 50.14 4.00
N TYR C 110 -16.24 50.77 3.25
CA TYR C 110 -14.83 50.80 3.61
C TYR C 110 -14.25 52.17 3.31
N PHE C 111 -13.16 52.50 4.01
CA PHE C 111 -12.49 53.77 3.81
C PHE C 111 -11.83 53.82 2.43
N ALA C 112 -11.83 55.01 1.83
CA ALA C 112 -11.23 55.22 0.52
C ALA C 112 -9.90 55.94 0.66
N LEU C 113 -9.01 55.71 -0.30
CA LEU C 113 -7.69 56.31 -0.32
C LEU C 113 -7.67 57.46 -1.31
N LEU C 114 -7.33 58.66 -0.82
CA LEU C 114 -7.26 59.84 -1.67
C LEU C 114 -5.86 60.10 -2.20
N LYS C 115 -4.88 60.25 -1.31
CA LYS C 115 -3.51 60.55 -1.69
C LYS C 115 -2.56 59.70 -0.86
N VAL C 116 -1.63 59.02 -1.54
CA VAL C 116 -0.64 58.19 -0.88
C VAL C 116 0.56 59.05 -0.52
N ASN C 117 1.00 58.96 0.74
CA ASN C 117 2.10 59.79 1.23
C ASN C 117 3.42 59.05 1.28
N GLU C 118 3.41 57.78 1.68
CA GLU C 118 4.64 57.01 1.85
C GLU C 118 4.42 55.59 1.38
N VAL C 119 5.34 55.07 0.57
CA VAL C 119 5.27 53.72 0.03
C VAL C 119 6.46 52.93 0.54
N ASN C 120 6.17 51.80 1.20
CA ASN C 120 7.20 50.90 1.74
C ASN C 120 8.16 51.65 2.66
N PHE C 121 7.61 52.56 3.47
CA PHE C 121 8.39 53.37 4.40
C PHE C 121 9.47 54.17 3.67
N ASP C 122 9.13 54.65 2.48
CA ASP C 122 10.07 55.41 1.66
C ASP C 122 9.28 56.29 0.70
N LYS C 123 9.99 57.15 -0.01
CA LYS C 123 9.34 58.05 -0.95
C LYS C 123 8.84 57.26 -2.16
N PRO C 124 7.70 57.66 -2.73
CA PRO C 124 7.22 56.97 -3.94
C PRO C 124 8.15 57.12 -5.13
N GLU C 125 8.97 58.17 -5.16
CA GLU C 125 9.92 58.35 -6.26
C GLU C 125 11.02 57.29 -6.22
N ASN C 126 11.29 56.73 -5.05
CA ASN C 126 12.26 55.63 -4.95
C ASN C 126 11.62 54.27 -5.18
N ALA C 127 10.30 54.17 -5.02
CA ALA C 127 9.60 52.91 -5.22
C ALA C 127 9.14 52.72 -6.66
N ARG C 128 8.91 53.82 -7.39
CA ARG C 128 8.49 53.71 -8.79
C ARG C 128 9.57 53.06 -9.63
N ASN C 129 10.84 53.28 -9.30
CA ASN C 129 11.97 52.69 -10.00
C ASN C 129 12.63 51.68 -9.07
N LYS C 130 12.40 50.39 -9.33
CA LYS C 130 12.93 49.34 -8.48
C LYS C 130 13.06 48.06 -9.29
N ILE C 131 13.92 47.17 -8.82
CA ILE C 131 14.16 45.88 -9.45
C ILE C 131 13.32 44.83 -8.74
N LEU C 132 12.64 43.99 -9.52
CA LEU C 132 11.79 42.96 -8.96
C LEU C 132 12.62 41.92 -8.20
N PHE C 133 11.95 41.20 -7.30
CA PHE C 133 12.63 40.19 -6.51
C PHE C 133 13.04 38.99 -7.36
N GLU C 134 12.30 38.72 -8.43
CA GLU C 134 12.60 37.58 -9.29
C GLU C 134 13.85 37.80 -10.14
N ASN C 135 14.36 39.03 -10.21
CA ASN C 135 15.53 39.35 -11.00
C ASN C 135 16.80 39.50 -10.19
N LEU C 136 16.71 39.51 -8.86
CA LEU C 136 17.89 39.65 -8.04
C LEU C 136 18.77 38.41 -8.11
N THR C 137 20.08 38.63 -8.15
CA THR C 137 21.02 37.53 -8.28
C THR C 137 21.22 36.84 -6.94
N PRO C 138 20.90 35.55 -6.81
CA PRO C 138 21.10 34.86 -5.53
C PRO C 138 22.58 34.65 -5.25
N LEU C 139 22.87 34.44 -3.97
CA LEU C 139 24.23 34.18 -3.51
C LEU C 139 24.15 33.34 -2.23
N HIS C 140 25.31 32.82 -1.83
CA HIS C 140 25.40 32.06 -0.60
C HIS C 140 25.48 33.00 0.60
N ALA C 141 25.34 32.41 1.79
CA ALA C 141 25.42 33.19 3.02
C ALA C 141 26.82 33.76 3.20
N ASN C 142 26.93 35.08 3.20
CA ASN C 142 28.21 35.77 3.34
C ASN C 142 28.37 36.38 4.74
N SER C 143 27.41 37.18 5.18
CA SER C 143 27.48 37.80 6.49
C SER C 143 27.16 36.78 7.58
N ARG C 144 27.91 36.85 8.68
CA ARG C 144 27.73 35.93 9.79
C ARG C 144 26.71 36.49 10.78
N LEU C 145 25.65 35.73 11.04
CA LEU C 145 24.65 36.09 12.03
C LEU C 145 24.91 35.26 13.29
N ARG C 146 25.82 35.76 14.13
CA ARG C 146 26.19 35.03 15.34
C ARG C 146 25.03 35.04 16.33
N MET C 147 24.74 33.87 16.90
CA MET C 147 23.63 33.68 17.82
C MET C 147 24.06 33.69 19.29
N GLU C 148 25.36 33.73 19.57
CA GLU C 148 25.84 33.69 20.93
C GLU C 148 25.52 35.00 21.65
N ARG C 149 24.95 34.90 22.84
CA ARG C 149 24.63 36.08 23.62
C ARG C 149 25.89 36.81 24.08
N GLY C 150 26.77 36.10 24.80
CA GLY C 150 27.98 36.68 25.33
C GLY C 150 27.86 37.21 26.75
N ASN C 151 26.67 37.19 27.34
CA ASN C 151 26.46 37.68 28.69
C ASN C 151 26.74 36.62 29.75
N GLY C 152 27.14 35.41 29.36
CA GLY C 152 27.43 34.37 30.32
C GLY C 152 26.22 33.80 31.01
N SER C 153 25.04 33.91 30.41
CA SER C 153 23.82 33.39 31.01
C SER C 153 23.75 31.87 30.83
N THR C 154 22.97 31.23 31.69
CA THR C 154 22.80 29.79 31.61
C THR C 154 22.02 29.38 30.38
N GLU C 155 21.16 30.26 29.86
CA GLU C 155 20.40 29.96 28.66
C GLU C 155 21.24 30.10 27.39
N ASP C 156 22.42 30.72 27.49
CA ASP C 156 23.30 30.88 26.34
C ASP C 156 23.91 29.56 25.88
N LEU C 157 23.78 28.49 26.67
CA LEU C 157 24.32 27.20 26.26
C LEU C 157 23.67 26.70 24.98
N THR C 158 22.37 26.92 24.83
CA THR C 158 21.68 26.50 23.61
C THR C 158 22.23 27.25 22.40
N ALA C 159 22.42 28.56 22.52
CA ALA C 159 22.96 29.34 21.41
C ALA C 159 24.39 28.93 21.09
N ARG C 160 25.18 28.61 22.12
CA ARG C 160 26.56 28.17 21.90
C ARG C 160 26.58 26.83 21.16
N VAL C 161 25.72 25.90 21.57
CA VAL C 161 25.66 24.60 20.88
C VAL C 161 25.18 24.77 19.45
N LEU C 162 24.23 25.70 19.23
CA LEU C 162 23.75 25.95 17.87
C LEU C 162 24.85 26.53 17.00
N ASP C 163 25.65 27.44 17.56
CA ASP C 163 26.76 28.01 16.80
C ASP C 163 27.84 26.98 16.51
N LEU C 164 28.10 26.08 17.46
CA LEU C 164 29.09 25.03 17.24
C LEU C 164 28.58 23.97 16.27
N ALA C 165 27.26 23.82 16.15
CA ALA C 165 26.71 22.77 15.29
C ALA C 165 26.40 23.30 13.89
N SER C 166 25.74 24.45 13.80
CA SER C 166 25.30 24.99 12.51
C SER C 166 25.21 26.50 12.61
N PRO C 167 26.28 27.21 12.24
CA PRO C 167 26.21 28.67 12.19
C PRO C 167 25.22 29.14 11.13
N ILE C 168 24.55 30.24 11.43
CA ILE C 168 23.49 30.77 10.57
C ILE C 168 23.94 32.13 10.03
N GLY C 169 23.77 32.34 8.73
CA GLY C 169 24.09 33.59 8.09
C GLY C 169 22.88 34.19 7.39
N ARG C 170 23.09 35.35 6.79
CA ARG C 170 22.03 36.03 6.07
C ARG C 170 21.68 35.27 4.80
N GLY C 171 20.39 35.08 4.56
CA GLY C 171 19.93 34.35 3.40
C GLY C 171 19.92 32.84 3.54
N GLN C 172 20.14 32.32 4.75
CA GLN C 172 20.18 30.89 4.95
C GLN C 172 18.77 30.30 4.83
N ARG C 173 18.72 29.06 4.32
CA ARG C 173 17.46 28.32 4.14
C ARG C 173 17.64 26.95 4.79
N GLY C 174 17.32 26.88 6.09
CA GLY C 174 17.52 25.69 6.89
C GLY C 174 16.23 25.00 7.27
N LEU C 175 16.40 23.92 8.02
CA LEU C 175 15.29 23.10 8.50
C LEU C 175 15.59 22.62 9.91
N ILE C 176 14.59 22.68 10.79
CA ILE C 176 14.71 22.19 12.16
C ILE C 176 13.87 20.92 12.22
N VAL C 177 14.52 19.78 12.00
CA VAL C 177 13.86 18.48 12.02
C VAL C 177 13.85 17.95 13.44
N ALA C 178 12.67 17.62 13.96
CA ALA C 178 12.54 17.17 15.33
C ALA C 178 11.21 16.45 15.48
N PRO C 179 11.18 15.30 16.16
CA PRO C 179 9.91 14.65 16.48
C PRO C 179 9.13 15.47 17.50
N PRO C 180 7.84 15.20 17.67
CA PRO C 180 7.05 15.95 18.66
C PRO C 180 7.54 15.68 20.08
N LYS C 181 7.21 16.62 20.96
CA LYS C 181 7.60 16.56 22.38
C LYS C 181 9.12 16.50 22.54
N ALA C 182 9.84 17.31 21.75
CA ALA C 182 11.30 17.34 21.82
C ALA C 182 11.83 18.64 22.42
N GLY C 183 11.09 19.74 22.32
CA GLY C 183 11.56 21.00 22.84
C GLY C 183 11.68 22.06 21.76
N LYS C 184 10.87 21.93 20.70
CA LYS C 184 10.92 22.88 19.60
C LYS C 184 10.50 24.27 20.04
N THR C 185 9.55 24.35 20.99
CA THR C 185 9.05 25.65 21.42
C THR C 185 10.13 26.45 22.13
N MET C 186 10.80 25.83 23.11
CA MET C 186 11.86 26.52 23.85
C MET C 186 13.02 26.87 22.92
N LEU C 187 13.35 25.98 22.00
CA LEU C 187 14.43 26.25 21.05
C LEU C 187 14.11 27.44 20.16
N LEU C 188 12.87 27.50 19.66
CA LEU C 188 12.47 28.63 18.82
C LEU C 188 12.44 29.93 19.62
N GLN C 189 11.99 29.86 20.88
CA GLN C 189 11.99 31.04 21.73
C GLN C 189 13.41 31.54 21.95
N ASN C 190 14.34 30.62 22.22
CA ASN C 190 15.74 31.01 22.43
C ASN C 190 16.34 31.60 21.17
N ILE C 191 16.03 31.02 20.01
CA ILE C 191 16.53 31.55 18.74
C ILE C 191 16.00 32.96 18.51
N ALA C 192 14.70 33.16 18.74
CA ALA C 192 14.12 34.48 18.52
C ALA C 192 14.70 35.52 19.48
N GLN C 193 14.89 35.14 20.75
CA GLN C 193 15.47 36.07 21.71
C GLN C 193 16.92 36.41 21.35
N SER C 194 17.69 35.41 20.92
CA SER C 194 19.08 35.68 20.53
C SER C 194 19.14 36.56 19.28
N ILE C 195 18.22 36.37 18.34
CA ILE C 195 18.19 37.22 17.15
C ILE C 195 17.82 38.65 17.54
N ALA C 196 16.84 38.81 18.41
CA ALA C 196 16.42 40.15 18.83
C ALA C 196 17.49 40.85 19.66
N TYR C 197 18.31 40.09 20.38
CA TYR C 197 19.35 40.67 21.22
C TYR C 197 20.62 41.00 20.44
N ASN C 198 21.10 40.06 19.62
CA ASN C 198 22.35 40.26 18.91
C ASN C 198 22.18 41.15 17.69
N HIS C 199 21.12 40.94 16.92
CA HIS C 199 20.87 41.68 15.67
C HIS C 199 19.50 42.33 15.74
N PRO C 200 19.38 43.45 16.46
CA PRO C 200 18.09 44.14 16.55
C PRO C 200 17.71 44.88 15.27
N ASP C 201 18.64 45.08 14.34
CA ASP C 201 18.35 45.82 13.12
C ASP C 201 17.56 44.99 12.10
N CYS C 202 17.63 43.66 12.19
CA CYS C 202 16.93 42.81 11.24
C CYS C 202 15.45 42.75 11.56
N VAL C 203 14.64 42.59 10.51
CA VAL C 203 13.19 42.51 10.65
C VAL C 203 12.83 41.06 10.96
N LEU C 204 12.40 40.80 12.18
CA LEU C 204 12.05 39.46 12.64
C LEU C 204 10.55 39.25 12.48
N MET C 205 10.18 38.14 11.83
CA MET C 205 8.78 37.77 11.62
C MET C 205 8.61 36.30 11.97
N VAL C 206 7.72 36.03 12.93
CA VAL C 206 7.47 34.68 13.40
C VAL C 206 6.10 34.26 12.89
N LEU C 207 6.06 33.21 12.07
CA LEU C 207 4.83 32.69 11.51
C LEU C 207 4.46 31.39 12.21
N LEU C 208 3.27 31.36 12.81
CA LEU C 208 2.76 30.18 13.52
C LEU C 208 1.40 29.82 12.94
N ILE C 209 1.38 28.79 12.09
CA ILE C 209 0.16 28.36 11.41
C ILE C 209 -0.34 27.10 12.08
N ASP C 210 -1.65 27.06 12.37
CA ASP C 210 -2.31 25.88 12.93
C ASP C 210 -1.69 25.48 14.27
N GLU C 211 -1.68 26.42 15.21
CA GLU C 211 -1.10 26.15 16.55
C GLU C 211 -2.13 26.47 17.64
N ARG C 212 -1.90 25.98 18.87
CA ARG C 212 -2.82 26.27 19.99
C ARG C 212 -2.67 27.76 20.36
N PRO C 213 -3.78 28.51 20.51
CA PRO C 213 -3.68 29.95 20.76
C PRO C 213 -2.86 30.29 22.01
N GLU C 214 -3.04 29.58 23.14
CA GLU C 214 -2.16 29.84 24.26
C GLU C 214 -0.71 30.01 23.83
N GLU C 215 -0.20 29.13 22.96
CA GLU C 215 1.15 29.28 22.44
C GLU C 215 1.28 30.55 21.62
N VAL C 216 0.23 30.94 20.88
CA VAL C 216 0.28 32.16 20.09
C VAL C 216 0.44 33.38 20.99
N THR C 217 -0.41 33.48 22.02
CA THR C 217 -0.34 34.65 22.89
C THR C 217 0.90 34.60 23.77
N GLU C 218 1.48 33.42 23.97
CA GLU C 218 2.75 33.32 24.66
C GLU C 218 3.88 33.87 23.81
N MET C 219 3.96 33.43 22.56
CA MET C 219 5.01 33.91 21.66
C MET C 219 4.87 35.40 21.38
N GLN C 220 3.63 35.90 21.33
CA GLN C 220 3.43 37.32 21.05
C GLN C 220 3.92 38.20 22.19
N ARG C 221 3.85 37.71 23.43
CA ARG C 221 4.27 38.47 24.59
C ARG C 221 5.67 38.10 25.07
N LEU C 222 6.42 37.35 24.28
CA LEU C 222 7.76 36.91 24.67
C LEU C 222 8.85 37.43 23.76
N VAL C 223 8.65 37.41 22.45
CA VAL C 223 9.67 37.83 21.50
C VAL C 223 9.53 39.32 21.23
N LYS C 224 10.65 39.96 20.86
CA LYS C 224 10.66 41.39 20.55
C LYS C 224 10.61 41.57 19.04
N GLY C 225 9.41 41.41 18.49
CA GLY C 225 9.23 41.54 17.07
C GLY C 225 7.78 41.38 16.68
N GLU C 226 7.57 41.13 15.39
CA GLU C 226 6.23 40.95 14.83
C GLU C 226 5.85 39.48 14.87
N VAL C 227 4.60 39.21 15.26
CA VAL C 227 4.10 37.85 15.38
C VAL C 227 2.79 37.77 14.59
N VAL C 228 2.81 37.04 13.48
CA VAL C 228 1.63 36.77 12.67
C VAL C 228 1.32 35.29 12.77
N ALA C 229 0.18 34.95 13.35
CA ALA C 229 -0.18 33.57 13.60
C ALA C 229 -1.62 33.30 13.17
N SER C 230 -1.94 32.01 13.04
CA SER C 230 -3.28 31.59 12.64
C SER C 230 -3.55 30.26 13.35
N THR C 231 -4.44 30.31 14.35
CA THR C 231 -4.74 29.13 15.15
C THR C 231 -5.47 28.08 14.31
N PHE C 232 -5.58 26.87 14.89
CA PHE C 232 -6.24 25.76 14.20
C PHE C 232 -7.73 25.99 14.02
N ASP C 233 -8.34 26.92 14.75
CA ASP C 233 -9.77 27.20 14.58
C ASP C 233 -10.09 27.84 13.25
N GLU C 234 -9.09 28.25 12.48
CA GLU C 234 -9.31 28.87 11.18
C GLU C 234 -9.11 27.84 10.06
N PRO C 235 -9.83 27.98 8.96
CA PRO C 235 -9.66 27.04 7.85
C PRO C 235 -8.31 27.20 7.17
N ALA C 236 -8.00 26.24 6.30
CA ALA C 236 -6.72 26.26 5.60
C ALA C 236 -6.64 27.42 4.62
N SER C 237 -7.78 27.95 4.19
CA SER C 237 -7.77 29.11 3.30
C SER C 237 -7.11 30.31 3.96
N ARG C 238 -7.44 30.56 5.23
CA ARG C 238 -6.79 31.67 5.94
C ARG C 238 -5.30 31.39 6.13
N HIS C 239 -4.93 30.13 6.33
CA HIS C 239 -3.52 29.78 6.43
C HIS C 239 -2.78 30.14 5.14
N VAL C 240 -3.35 29.75 4.00
CA VAL C 240 -2.73 30.06 2.71
C VAL C 240 -2.66 31.56 2.50
N GLN C 241 -3.72 32.28 2.86
CA GLN C 241 -3.74 33.73 2.68
C GLN C 241 -2.67 34.40 3.53
N VAL C 242 -2.54 33.97 4.79
CA VAL C 242 -1.54 34.55 5.68
C VAL C 242 -0.13 34.24 5.17
N ALA C 243 0.11 33.01 4.72
CA ALA C 243 1.42 32.68 4.18
C ALA C 243 1.75 33.53 2.96
N GLU C 244 0.78 33.70 2.05
CA GLU C 244 1.01 34.52 0.86
C GLU C 244 1.29 35.97 1.24
N MET C 245 0.50 36.54 2.16
CA MET C 245 0.74 37.92 2.58
C MET C 245 2.11 38.08 3.22
N VAL C 246 2.52 37.14 4.07
CA VAL C 246 3.81 37.24 4.74
C VAL C 246 4.94 37.15 3.72
N ILE C 247 4.86 36.20 2.78
CA ILE C 247 5.94 36.07 1.82
C ILE C 247 6.00 37.26 0.86
N GLU C 248 4.83 37.83 0.52
CA GLU C 248 4.83 39.01 -0.35
C GLU C 248 5.41 40.22 0.37
N LYS C 249 5.07 40.39 1.65
CA LYS C 249 5.66 41.48 2.42
C LYS C 249 7.17 41.30 2.56
N ALA C 250 7.61 40.05 2.76
CA ALA C 250 9.05 39.78 2.86
C ALA C 250 9.75 40.13 1.54
N LYS C 251 9.15 39.74 0.41
CA LYS C 251 9.75 40.07 -0.88
C LYS C 251 9.80 41.57 -1.10
N ARG C 252 8.72 42.28 -0.76
CA ARG C 252 8.70 43.73 -0.93
C ARG C 252 9.74 44.41 -0.05
N LEU C 253 9.96 43.87 1.16
CA LEU C 253 10.99 44.44 2.03
C LEU C 253 12.39 44.17 1.50
N VAL C 254 12.62 42.94 1.01
CA VAL C 254 13.94 42.61 0.46
C VAL C 254 14.23 43.45 -0.77
N GLU C 255 13.19 43.78 -1.55
CA GLU C 255 13.38 44.64 -2.71
C GLU C 255 13.91 46.01 -2.34
N HIS C 256 13.71 46.45 -1.10
CA HIS C 256 14.25 47.71 -0.61
C HIS C 256 15.51 47.52 0.22
N LYS C 257 16.24 46.43 -0.03
CA LYS C 257 17.52 46.15 0.64
C LYS C 257 17.33 46.04 2.16
N LYS C 258 16.36 45.24 2.58
CA LYS C 258 16.12 44.99 4.00
C LYS C 258 16.44 43.54 4.34
N ASP C 259 16.84 43.32 5.59
CA ASP C 259 17.18 41.99 6.09
C ASP C 259 15.97 41.41 6.80
N VAL C 260 15.26 40.51 6.11
CA VAL C 260 14.06 39.88 6.64
C VAL C 260 14.42 38.51 7.19
N ILE C 261 13.87 38.18 8.36
CA ILE C 261 14.07 36.89 9.00
C ILE C 261 12.70 36.30 9.31
N ILE C 262 12.44 35.10 8.77
CA ILE C 262 11.17 34.43 8.95
C ILE C 262 11.42 33.13 9.70
N LEU C 263 10.84 33.01 10.89
CA LEU C 263 10.97 31.81 11.72
C LEU C 263 9.67 31.01 11.59
N LEU C 264 9.65 30.10 10.62
CA LEU C 264 8.47 29.28 10.38
C LEU C 264 8.49 28.07 11.31
N ASP C 265 7.33 27.73 11.87
CA ASP C 265 7.20 26.59 12.76
C ASP C 265 6.14 25.60 12.30
N SER C 266 5.65 25.74 11.07
CA SER C 266 4.53 24.94 10.59
C SER C 266 4.65 24.55 9.13
N ILE C 267 5.85 24.32 8.62
CA ILE C 267 6.06 23.95 7.21
C ILE C 267 5.22 22.72 6.89
N THR C 268 5.18 21.76 7.82
CA THR C 268 4.35 20.57 7.64
C THR C 268 2.87 20.94 7.64
N ARG C 269 2.46 21.80 8.58
CA ARG C 269 1.07 22.24 8.62
C ARG C 269 0.72 23.06 7.39
N LEU C 270 1.66 23.87 6.90
CA LEU C 270 1.42 24.64 5.68
C LEU C 270 1.25 23.72 4.47
N ALA C 271 2.07 22.67 4.38
CA ALA C 271 1.92 21.70 3.31
C ALA C 271 0.59 20.97 3.41
N ARG C 272 0.16 20.63 4.62
CA ARG C 272 -1.14 20.00 4.81
C ARG C 272 -2.26 20.94 4.37
N ALA C 273 -2.16 22.23 4.70
CA ALA C 273 -3.17 23.19 4.28
C ALA C 273 -3.22 23.32 2.77
N TYR C 274 -2.06 23.35 2.12
CA TYR C 274 -2.03 23.45 0.66
C TYR C 274 -2.58 22.19 0.02
N ASN C 275 -2.31 21.02 0.60
CA ASN C 275 -2.87 19.78 0.09
C ASN C 275 -4.38 19.71 0.33
N THR C 276 -4.89 20.41 1.34
CA THR C 276 -6.32 20.43 1.58
C THR C 276 -7.04 21.41 0.66
N VAL C 277 -6.43 22.56 0.34
CA VAL C 277 -7.09 23.56 -0.47
C VAL C 277 -6.96 23.31 -1.98
N VAL C 278 -6.13 22.35 -2.38
CA VAL C 278 -5.94 22.06 -3.81
C VAL C 278 -7.09 21.20 -4.29
N PRO C 279 -7.69 21.49 -5.44
CA PRO C 279 -8.77 20.65 -5.95
C PRO C 279 -8.28 19.24 -6.29
N ALA C 280 -9.15 18.26 -6.06
CA ALA C 280 -8.79 16.87 -6.33
C ALA C 280 -8.65 16.64 -7.84
N SER C 281 -7.59 15.94 -8.22
CA SER C 281 -7.31 15.64 -9.62
C SER C 281 -7.44 14.16 -9.94
N GLY C 282 -7.97 13.36 -9.02
CA GLY C 282 -8.11 11.94 -9.25
C GLY C 282 -6.83 11.14 -9.20
N LYS C 283 -5.73 11.75 -8.78
CA LYS C 283 -4.45 11.06 -8.68
C LYS C 283 -3.84 11.35 -7.32
N VAL C 284 -3.69 10.32 -6.49
CA VAL C 284 -3.18 10.46 -5.14
C VAL C 284 -1.90 9.63 -5.03
N LEU C 285 -0.83 10.25 -4.52
CA LEU C 285 0.44 9.57 -4.36
C LEU C 285 0.47 8.79 -3.04
N THR C 286 1.62 8.20 -2.74
CA THR C 286 1.79 7.43 -1.52
C THR C 286 1.72 8.34 -0.31
N GLY C 287 0.83 8.00 0.63
CA GLY C 287 0.66 8.77 1.85
C GLY C 287 -0.46 9.78 1.83
N GLY C 288 -1.12 9.98 0.69
CA GLY C 288 -2.20 10.94 0.61
C GLY C 288 -1.77 12.33 0.21
N VAL C 289 -0.72 12.45 -0.60
CA VAL C 289 -0.19 13.74 -1.03
C VAL C 289 -0.53 13.93 -2.51
N ASP C 290 -1.07 15.09 -2.85
CA ASP C 290 -1.38 15.38 -4.24
C ASP C 290 -0.12 15.70 -5.02
N ALA C 291 -0.15 15.47 -6.33
CA ALA C 291 1.03 15.70 -7.16
C ALA C 291 1.38 17.17 -7.26
N ASN C 292 0.39 18.05 -7.20
CA ASN C 292 0.61 19.49 -7.33
C ASN C 292 0.36 20.22 -6.02
N ALA C 293 0.40 19.52 -4.89
CA ALA C 293 0.15 20.16 -3.60
C ALA C 293 1.42 20.72 -2.99
N LEU C 294 2.57 20.09 -3.24
CA LEU C 294 3.83 20.51 -2.65
C LEU C 294 4.51 21.63 -3.43
N HIS C 295 3.95 22.06 -4.55
CA HIS C 295 4.59 23.10 -5.36
C HIS C 295 4.57 24.44 -4.66
N ARG C 296 3.43 24.81 -4.08
CA ARG C 296 3.34 26.09 -3.37
C ARG C 296 4.24 26.13 -2.14
N PRO C 297 4.27 25.12 -1.26
CA PRO C 297 5.27 25.15 -0.17
C PRO C 297 6.69 25.09 -0.69
N LYS C 298 6.94 24.41 -1.80
CA LYS C 298 8.27 24.39 -2.39
C LYS C 298 8.71 25.81 -2.76
N ARG C 299 7.84 26.57 -3.42
CA ARG C 299 8.19 27.94 -3.77
C ARG C 299 8.31 28.82 -2.54
N PHE C 300 7.42 28.64 -1.55
CA PHE C 300 7.51 29.43 -0.33
C PHE C 300 8.84 29.19 0.38
N PHE C 301 9.33 27.95 0.36
CA PHE C 301 10.62 27.65 0.98
C PHE C 301 11.76 28.21 0.15
N GLY C 302 11.72 28.01 -1.16
CA GLY C 302 12.78 28.48 -2.03
C GLY C 302 12.85 29.97 -2.22
N ALA C 303 11.83 30.71 -1.73
CA ALA C 303 11.87 32.16 -1.82
C ALA C 303 13.06 32.74 -1.06
N ALA C 304 13.50 32.06 -0.01
CA ALA C 304 14.65 32.51 0.77
C ALA C 304 15.91 32.49 -0.07
N ARG C 305 16.63 33.61 -0.08
CA ARG C 305 17.86 33.74 -0.86
C ARG C 305 18.60 34.97 -0.37
N ASN C 306 19.90 35.00 -0.66
CA ASN C 306 20.75 36.14 -0.33
C ASN C 306 20.94 36.99 -1.59
N VAL C 307 20.73 38.30 -1.45
CA VAL C 307 20.79 39.23 -2.58
C VAL C 307 22.13 39.93 -2.55
N GLU C 308 22.78 40.01 -3.72
CA GLU C 308 24.07 40.69 -3.82
C GLU C 308 23.90 42.21 -3.82
N GLU C 309 22.84 42.72 -4.45
CA GLU C 309 22.63 44.16 -4.49
C GLU C 309 22.32 44.73 -3.11
N GLY C 310 21.72 43.93 -2.22
CA GLY C 310 21.38 44.40 -0.90
C GLY C 310 20.24 43.63 -0.26
N GLY C 311 20.32 43.42 1.05
CA GLY C 311 19.28 42.70 1.76
C GLY C 311 19.45 41.20 1.67
N SER C 312 18.58 40.49 2.40
CA SER C 312 18.60 39.04 2.45
C SER C 312 17.26 38.56 2.99
N LEU C 313 17.00 37.27 2.81
CA LEU C 313 15.78 36.64 3.28
C LEU C 313 16.12 35.29 3.89
N THR C 314 15.93 35.18 5.19
CA THR C 314 16.23 33.95 5.92
C THR C 314 14.92 33.29 6.36
N ILE C 315 14.80 32.00 6.07
CA ILE C 315 13.61 31.22 6.42
C ILE C 315 14.08 29.97 7.16
N ILE C 316 13.70 29.86 8.43
CA ILE C 316 14.04 28.71 9.26
C ILE C 316 12.74 28.00 9.59
N ALA C 317 12.47 26.89 8.92
CA ALA C 317 11.25 26.13 9.09
C ALA C 317 11.53 24.88 9.93
N THR C 318 10.57 24.53 10.80
CA THR C 318 10.68 23.37 11.65
C THR C 318 9.77 22.26 11.11
N ALA C 319 10.36 21.18 10.63
CA ALA C 319 9.61 20.07 10.07
C ALA C 319 9.28 19.05 11.15
N LEU C 320 8.15 18.37 10.97
CA LEU C 320 7.68 17.36 11.92
C LEU C 320 7.89 15.97 11.34
N ILE C 321 8.44 15.08 12.17
CA ILE C 321 8.69 13.70 11.80
C ILE C 321 8.17 12.80 12.92
N ASP C 322 8.29 11.49 12.70
CA ASP C 322 7.79 10.52 13.72
C ASP C 322 6.28 10.69 13.73
N THR C 323 5.71 11.00 12.56
CA THR C 323 4.24 11.13 12.43
C THR C 323 3.80 10.04 11.45
N GLY C 324 3.39 8.87 11.96
CA GLY C 324 2.85 7.79 11.12
C GLY C 324 1.88 8.34 10.10
N SER C 325 1.41 9.59 10.31
CA SER C 325 0.62 10.24 9.24
C SER C 325 1.59 10.24 8.06
N LYS C 326 1.84 9.07 7.49
CA LYS C 326 2.77 8.88 6.38
C LYS C 326 2.86 10.12 5.51
N MET C 327 1.82 10.95 5.52
CA MET C 327 1.85 12.17 4.71
C MET C 327 2.95 13.11 5.17
N ASP C 328 3.07 13.30 6.49
CA ASP C 328 4.14 14.13 7.02
C ASP C 328 5.51 13.54 6.74
N GLU C 329 5.63 12.21 6.77
CA GLU C 329 6.90 11.58 6.44
C GLU C 329 7.28 11.82 4.98
N VAL C 330 6.30 11.73 4.07
CA VAL C 330 6.57 12.00 2.67
C VAL C 330 6.96 13.47 2.47
N ILE C 331 6.21 14.37 3.10
CA ILE C 331 6.42 15.84 2.88
C ILE C 331 7.80 16.27 3.37
N TYR C 332 7.96 16.48 4.68
CA TYR C 332 9.25 16.95 5.24
C TYR C 332 10.40 16.30 4.48
N GLU C 333 10.23 15.03 4.11
CA GLU C 333 11.29 14.28 3.40
C GLU C 333 11.48 14.92 2.02
N GLU C 334 10.55 14.76 1.07
CA GLU C 334 10.65 15.59 -0.12
C GLU C 334 11.38 16.89 0.18
N PHE C 335 11.12 17.50 1.34
CA PHE C 335 11.78 18.76 1.67
C PHE C 335 13.20 18.58 2.20
N LYS C 336 13.62 17.34 2.48
CA LYS C 336 14.96 17.12 3.01
C LYS C 336 16.03 17.49 1.98
N GLY C 337 15.86 17.05 0.74
CA GLY C 337 16.82 17.35 -0.30
C GLY C 337 16.75 18.74 -0.88
N THR C 338 16.01 19.65 -0.25
CA THR C 338 15.82 21.01 -0.75
C THR C 338 16.67 22.05 -0.04
N GLY C 339 16.63 22.08 1.29
CA GLY C 339 17.38 23.05 2.06
C GLY C 339 18.86 22.73 2.12
N ASN C 340 19.60 23.60 2.82
CA ASN C 340 21.03 23.42 2.97
C ASN C 340 21.48 23.45 4.43
N MET C 341 20.57 23.16 5.36
CA MET C 341 20.92 23.13 6.78
C MET C 341 19.89 22.28 7.50
N GLU C 342 20.35 21.26 8.23
CA GLU C 342 19.49 20.38 8.99
C GLU C 342 19.98 20.32 10.43
N LEU C 343 19.10 20.70 11.36
CA LEU C 343 19.39 20.66 12.80
C LEU C 343 18.46 19.63 13.42
N HIS C 344 18.94 18.39 13.53
CA HIS C 344 18.12 17.30 14.03
C HIS C 344 18.11 17.29 15.56
N LEU C 345 16.96 16.95 16.13
CA LEU C 345 16.80 16.79 17.57
C LEU C 345 16.40 15.36 17.88
N SER C 346 17.00 14.80 18.93
CA SER C 346 16.79 13.41 19.29
C SER C 346 15.75 13.30 20.40
N ARG C 347 14.76 12.42 20.18
CA ARG C 347 13.75 12.19 21.21
C ARG C 347 14.33 11.42 22.40
N LYS C 348 15.28 10.53 22.14
CA LYS C 348 15.90 9.75 23.21
C LYS C 348 16.63 10.66 24.19
N ILE C 349 17.27 11.71 23.70
CA ILE C 349 17.95 12.64 24.58
C ILE C 349 16.95 13.52 25.31
N ALA C 350 15.83 13.85 24.67
CA ALA C 350 14.81 14.67 25.32
C ALA C 350 14.12 13.90 26.44
N GLU C 351 13.97 12.59 26.28
CA GLU C 351 13.37 11.77 27.33
C GLU C 351 14.23 11.72 28.59
N LYS C 352 15.54 11.89 28.45
CA LYS C 352 16.45 11.92 29.59
C LYS C 352 16.51 13.29 30.26
N ARG C 353 15.67 14.24 29.81
CA ARG C 353 15.63 15.60 30.36
C ARG C 353 16.99 16.28 30.25
N VAL C 354 17.65 16.08 29.11
CA VAL C 354 18.94 16.71 28.83
C VAL C 354 18.69 17.78 27.78
N PHE C 355 18.56 19.03 28.23
CA PHE C 355 18.29 20.15 27.34
C PHE C 355 19.56 20.96 27.10
N PRO C 356 19.86 21.31 25.85
CA PRO C 356 19.05 20.98 24.67
C PRO C 356 19.34 19.58 24.14
N ALA C 357 18.33 18.95 23.53
CA ALA C 357 18.48 17.62 22.95
C ALA C 357 18.72 17.76 21.45
N ILE C 358 19.96 18.07 21.10
CA ILE C 358 20.36 18.33 19.72
C ILE C 358 21.22 17.17 19.24
N ASP C 359 20.91 16.67 18.05
CA ASP C 359 21.70 15.62 17.41
C ASP C 359 22.89 16.29 16.72
N TYR C 360 24.02 16.34 17.41
CA TYR C 360 25.20 17.04 16.87
C TYR C 360 25.79 16.29 15.68
N ASN C 361 25.60 14.96 15.64
CA ASN C 361 26.21 14.17 14.58
C ASN C 361 25.59 14.48 13.22
N ARG C 362 24.27 14.45 13.12
CA ARG C 362 23.60 14.67 11.84
C ARG C 362 23.47 16.13 11.49
N SER C 363 23.76 17.04 12.42
CA SER C 363 23.69 18.46 12.13
C SER C 363 24.90 18.88 11.28
N GLY C 364 24.82 20.09 10.75
CA GLY C 364 25.88 20.63 9.92
C GLY C 364 25.37 21.69 8.98
N THR C 365 26.31 22.39 8.37
CA THR C 365 26.01 23.46 7.43
C THR C 365 26.95 23.36 6.23
N ARG C 366 26.39 23.48 5.04
CA ARG C 366 27.20 23.45 3.82
C ARG C 366 27.83 24.82 3.58
N LYS C 367 29.05 24.80 3.04
CA LYS C 367 29.82 26.02 2.78
C LYS C 367 30.00 26.83 4.06
N GLU C 368 30.31 26.12 5.16
CA GLU C 368 30.48 26.78 6.45
C GLU C 368 31.76 27.63 6.51
N GLU C 369 32.69 27.42 5.58
CA GLU C 369 33.92 28.20 5.58
C GLU C 369 33.68 29.66 5.20
N LEU C 370 32.53 29.98 4.61
CA LEU C 370 32.21 31.34 4.24
C LEU C 370 31.68 32.17 5.41
N LEU C 371 31.42 31.54 6.56
CA LEU C 371 30.92 32.23 7.74
C LEU C 371 31.86 32.14 8.94
N THR C 372 32.92 31.34 8.85
CA THR C 372 33.86 31.18 9.96
C THR C 372 35.28 31.34 9.44
N THR C 373 36.17 31.68 10.35
CA THR C 373 37.58 31.85 10.00
C THR C 373 38.26 30.49 9.83
N GLN C 374 39.53 30.52 9.46
CA GLN C 374 40.28 29.29 9.25
C GLN C 374 40.49 28.54 10.55
N GLU C 375 40.97 29.23 11.59
CA GLU C 375 41.22 28.57 12.87
C GLU C 375 39.92 28.11 13.51
N GLU C 376 38.84 28.90 13.37
CA GLU C 376 37.55 28.48 13.91
C GLU C 376 37.04 27.24 13.20
N LEU C 377 37.18 27.19 11.86
CA LEU C 377 36.75 26.00 11.12
C LEU C 377 37.58 24.78 11.51
N GLN C 378 38.89 24.98 11.71
CA GLN C 378 39.74 23.86 12.13
C GLN C 378 39.35 23.35 13.51
N LYS C 379 39.06 24.27 14.44
CA LYS C 379 38.63 23.86 15.77
C LYS C 379 37.28 23.14 15.73
N MET C 380 36.36 23.62 14.89
CA MET C 380 35.08 22.92 14.76
C MET C 380 35.26 21.53 14.16
N TRP C 381 36.16 21.40 13.17
CA TRP C 381 36.44 20.10 12.59
C TRP C 381 37.03 19.14 13.63
N ILE C 382 37.96 19.64 14.44
CA ILE C 382 38.55 18.80 15.49
C ILE C 382 37.49 18.40 16.52
N LEU C 383 36.61 19.34 16.89
CA LEU C 383 35.56 19.02 17.84
C LEU C 383 34.60 17.98 17.28
N ARG C 384 34.28 18.07 15.99
CA ARG C 384 33.41 17.08 15.37
C ARG C 384 34.09 15.71 15.30
N LYS C 385 35.39 15.69 14.99
CA LYS C 385 36.10 14.41 14.92
C LYS C 385 36.26 13.79 16.30
N ILE C 386 36.28 14.60 17.36
CA ILE C 386 36.34 14.05 18.71
C ILE C 386 34.96 13.58 19.17
N ILE C 387 33.91 14.30 18.78
CA ILE C 387 32.57 13.98 19.24
C ILE C 387 31.99 12.77 18.50
N HIS C 388 32.35 12.61 17.22
CA HIS C 388 31.76 11.55 16.38
C HIS C 388 31.86 10.15 16.97
N PRO C 389 33.01 9.71 17.52
CA PRO C 389 33.04 8.34 18.07
C PRO C 389 32.09 8.12 19.23
N MET C 390 31.93 9.12 20.10
CA MET C 390 31.08 8.98 21.27
C MET C 390 29.60 8.91 20.86
N GLY C 391 28.79 8.31 21.74
CA GLY C 391 27.37 8.25 21.51
C GLY C 391 26.69 9.59 21.64
N GLU C 392 25.44 9.64 21.20
CA GLU C 392 24.70 10.91 21.18
C GLU C 392 24.54 11.47 22.59
N ILE C 393 24.01 10.66 23.50
CA ILE C 393 23.79 11.13 24.89
C ILE C 393 25.12 11.44 25.55
N ASP C 394 26.12 10.58 25.35
CA ASP C 394 27.43 10.82 25.94
C ASP C 394 28.07 12.08 25.38
N ALA C 395 27.97 12.30 24.07
CA ALA C 395 28.54 13.50 23.48
C ALA C 395 27.84 14.74 23.98
N MET C 396 26.51 14.68 24.14
CA MET C 396 25.78 15.83 24.66
C MET C 396 26.17 16.13 26.10
N GLU C 397 26.30 15.10 26.93
CA GLU C 397 26.73 15.29 28.31
C GLU C 397 28.13 15.88 28.36
N PHE C 398 29.05 15.37 27.54
CA PHE C 398 30.41 15.91 27.49
C PHE C 398 30.40 17.37 27.08
N LEU C 399 29.64 17.72 26.03
CA LEU C 399 29.59 19.10 25.57
C LEU C 399 29.01 20.01 26.63
N ILE C 400 27.95 19.57 27.32
CA ILE C 400 27.36 20.41 28.37
C ILE C 400 28.34 20.61 29.51
N ASN C 401 29.02 19.53 29.95
CA ASN C 401 29.94 19.64 31.07
C ASN C 401 31.16 20.49 30.70
N LYS C 402 31.54 20.50 29.42
CA LYS C 402 32.68 21.30 29.01
C LYS C 402 32.30 22.76 28.77
N LEU C 403 31.07 23.03 28.35
CA LEU C 403 30.64 24.41 28.15
C LEU C 403 30.22 25.06 29.46
N ALA C 404 29.85 24.27 30.48
CA ALA C 404 29.50 24.85 31.77
C ALA C 404 30.73 25.39 32.51
N MET C 405 31.93 24.94 32.15
CA MET C 405 33.12 25.38 32.85
C MET C 405 33.50 26.82 32.50
N THR C 406 33.26 27.23 31.26
CA THR C 406 33.64 28.56 30.78
C THR C 406 32.41 29.30 30.27
N LYS C 407 32.62 30.56 29.90
CA LYS C 407 31.55 31.39 29.36
C LYS C 407 31.56 31.46 27.83
N THR C 408 32.75 31.52 27.23
CA THR C 408 32.88 31.60 25.78
C THR C 408 33.44 30.30 25.22
N ASN C 409 33.09 30.02 23.97
CA ASN C 409 33.55 28.80 23.33
C ASN C 409 35.02 28.88 22.95
N ASP C 410 35.57 30.09 22.86
CA ASP C 410 36.99 30.24 22.55
C ASP C 410 37.86 29.63 23.63
N ASP C 411 37.49 29.84 24.90
CA ASP C 411 38.24 29.22 25.99
C ASP C 411 38.17 27.71 25.94
N PHE C 412 36.98 27.16 25.60
CA PHE C 412 36.86 25.72 25.46
C PHE C 412 37.75 25.19 24.33
N PHE C 413 37.76 25.87 23.19
CA PHE C 413 38.61 25.45 22.08
C PHE C 413 40.08 25.53 22.46
N GLU C 414 40.47 26.57 23.21
CA GLU C 414 41.86 26.70 23.62
C GLU C 414 42.26 25.64 24.63
N MET C 415 41.31 25.22 25.49
CA MET C 415 41.62 24.18 26.47
C MET C 415 41.59 22.80 25.85
N MET C 416 40.88 22.62 24.73
CA MET C 416 40.87 21.31 24.08
C MET C 416 42.24 20.94 23.53
N LYS C 417 42.98 21.94 23.05
CA LYS C 417 44.32 21.69 22.51
C LYS C 417 45.33 21.43 23.63
N MET D 1 -20.59 -50.20 -32.64
CA MET D 1 -20.37 -48.82 -33.07
C MET D 1 -20.35 -47.87 -31.87
N ASN D 2 -19.16 -47.68 -31.30
CA ASN D 2 -18.96 -46.81 -30.16
C ASN D 2 -18.00 -45.69 -30.53
N LEU D 3 -18.21 -44.52 -29.94
CA LEU D 3 -17.38 -43.36 -30.25
C LEU D 3 -15.96 -43.53 -29.74
N THR D 4 -15.81 -43.99 -28.49
CA THR D 4 -14.49 -44.16 -27.91
C THR D 4 -13.69 -45.23 -28.64
N GLU D 5 -14.37 -46.27 -29.13
CA GLU D 5 -13.66 -47.31 -29.88
C GLU D 5 -13.06 -46.76 -31.17
N LEU D 6 -13.79 -45.90 -31.87
CA LEU D 6 -13.25 -45.27 -33.07
C LEU D 6 -12.20 -44.22 -32.73
N LYS D 7 -12.31 -43.59 -31.56
CA LYS D 7 -11.30 -42.63 -31.13
C LYS D 7 -9.99 -43.31 -30.76
N ASN D 8 -10.04 -44.54 -30.25
CA ASN D 8 -8.82 -45.24 -29.88
C ASN D 8 -8.11 -45.85 -31.08
N THR D 9 -8.82 -46.05 -32.18
CA THR D 9 -8.22 -46.62 -33.37
C THR D 9 -7.20 -45.65 -33.98
N PRO D 10 -6.15 -46.16 -34.61
CA PRO D 10 -5.16 -45.26 -35.21
C PRO D 10 -5.69 -44.60 -36.48
N VAL D 11 -4.88 -43.69 -37.01
CA VAL D 11 -5.29 -42.91 -38.17
C VAL D 11 -5.25 -43.76 -39.44
N SER D 12 -4.24 -44.63 -39.55
CA SER D 12 -4.06 -45.42 -40.77
C SER D 12 -5.23 -46.38 -40.97
N GLU D 13 -5.63 -47.09 -39.92
CA GLU D 13 -6.75 -48.02 -40.04
C GLU D 13 -8.06 -47.30 -40.36
N LEU D 14 -8.26 -46.12 -39.77
CA LEU D 14 -9.47 -45.35 -40.08
C LEU D 14 -9.47 -44.87 -41.52
N ILE D 15 -8.32 -44.44 -42.03
CA ILE D 15 -8.22 -44.04 -43.43
C ILE D 15 -8.51 -45.22 -44.35
N THR D 16 -7.96 -46.39 -44.00
CA THR D 16 -8.19 -47.58 -44.81
C THR D 16 -9.67 -47.97 -44.81
N LEU D 17 -10.30 -47.92 -43.64
CA LEU D 17 -11.72 -48.25 -43.54
C LEU D 17 -12.57 -47.27 -44.34
N GLY D 18 -12.25 -45.98 -44.25
CA GLY D 18 -12.98 -44.99 -45.02
C GLY D 18 -12.81 -45.15 -46.51
N GLU D 19 -11.61 -45.50 -46.96
CA GLU D 19 -11.39 -45.75 -48.38
C GLU D 19 -12.12 -47.00 -48.84
N ASN D 20 -12.22 -48.01 -47.97
CA ASN D 20 -12.99 -49.20 -48.32
C ASN D 20 -14.49 -48.91 -48.37
N MET D 21 -14.96 -47.99 -47.54
CA MET D 21 -16.39 -47.65 -47.55
C MET D 21 -16.77 -46.85 -48.79
N GLY D 22 -15.79 -46.32 -49.52
CA GLY D 22 -16.06 -45.58 -50.74
C GLY D 22 -16.53 -44.17 -50.49
N LEU D 23 -15.68 -43.34 -49.89
CA LEU D 23 -15.99 -41.95 -49.61
C LEU D 23 -14.90 -41.06 -50.21
N GLU D 24 -14.96 -39.77 -49.90
CA GLU D 24 -13.94 -38.83 -50.36
C GLU D 24 -12.59 -39.18 -49.75
N ASN D 25 -11.54 -38.72 -50.42
CA ASN D 25 -10.16 -38.98 -49.98
C ASN D 25 -9.95 -38.53 -48.53
N LEU D 26 -9.63 -39.49 -47.67
CA LEU D 26 -9.47 -39.23 -46.24
C LEU D 26 -8.04 -38.97 -45.82
N ALA D 27 -7.08 -39.08 -46.75
CA ALA D 27 -5.69 -38.80 -46.42
C ALA D 27 -5.51 -37.33 -46.03
N ARG D 28 -6.10 -36.43 -46.79
CA ARG D 28 -6.09 -35.00 -46.47
C ARG D 28 -7.32 -34.61 -45.66
N MET D 29 -7.57 -35.32 -44.57
CA MET D 29 -8.72 -35.06 -43.73
C MET D 29 -8.35 -35.30 -42.26
N ARG D 30 -9.04 -34.60 -41.38
CA ARG D 30 -8.83 -34.78 -39.95
C ARG D 30 -9.42 -36.09 -39.47
N LYS D 31 -8.85 -36.63 -38.40
CA LYS D 31 -9.32 -37.90 -37.84
C LYS D 31 -10.77 -37.78 -37.38
N GLN D 32 -11.13 -36.65 -36.77
CA GLN D 32 -12.51 -36.45 -36.34
C GLN D 32 -13.46 -36.42 -37.53
N ASP D 33 -13.06 -35.75 -38.61
CA ASP D 33 -13.89 -35.73 -39.81
C ASP D 33 -13.99 -37.12 -40.42
N ILE D 34 -12.91 -37.90 -40.37
CA ILE D 34 -12.95 -39.27 -40.86
C ILE D 34 -13.95 -40.10 -40.06
N ILE D 35 -13.91 -39.97 -38.74
CA ILE D 35 -14.84 -40.71 -37.89
C ILE D 35 -16.27 -40.26 -38.16
N PHE D 36 -16.48 -38.96 -38.36
CA PHE D 36 -17.80 -38.44 -38.65
C PHE D 36 -18.34 -39.00 -39.96
N ALA D 37 -17.51 -39.03 -41.00
CA ALA D 37 -17.94 -39.56 -42.29
C ALA D 37 -18.20 -41.06 -42.20
N ILE D 38 -17.39 -41.79 -41.43
CA ILE D 38 -17.61 -43.23 -41.27
C ILE D 38 -18.93 -43.48 -40.56
N LEU D 39 -19.22 -42.68 -39.52
CA LEU D 39 -20.49 -42.83 -38.81
C LEU D 39 -21.67 -42.51 -39.72
N LYS D 40 -21.55 -41.46 -40.54
CA LYS D 40 -22.61 -41.13 -41.49
C LYS D 40 -22.85 -42.28 -42.46
N GLN D 41 -21.76 -42.82 -43.04
CA GLN D 41 -21.90 -43.89 -44.02
C GLN D 41 -22.46 -45.17 -43.37
N HIS D 42 -22.12 -45.42 -42.11
CA HIS D 42 -22.61 -46.60 -41.44
C HIS D 42 -24.08 -46.45 -41.04
N ALA D 43 -24.51 -45.22 -40.72
CA ALA D 43 -25.90 -44.98 -40.40
C ALA D 43 -26.78 -44.91 -41.64
N LYS D 44 -26.21 -44.60 -42.81
CA LYS D 44 -26.99 -44.63 -44.05
C LYS D 44 -27.44 -46.06 -44.36
N SER D 45 -26.72 -47.06 -43.88
CA SER D 45 -27.12 -48.46 -44.10
C SER D 45 -28.22 -48.91 -43.16
N GLY D 46 -28.57 -48.11 -42.15
CA GLY D 46 -29.63 -48.46 -41.23
C GLY D 46 -29.18 -48.95 -39.87
N GLU D 47 -27.87 -49.14 -39.67
CA GLU D 47 -27.39 -49.63 -38.38
C GLU D 47 -27.43 -48.51 -37.34
N ASP D 48 -27.36 -48.92 -36.08
CA ASP D 48 -27.41 -47.98 -34.97
C ASP D 48 -26.01 -47.55 -34.55
N ILE D 49 -25.93 -46.35 -33.97
CA ILE D 49 -24.67 -45.79 -33.49
C ILE D 49 -24.84 -45.46 -32.01
N PHE D 50 -23.80 -45.78 -31.23
CA PHE D 50 -23.80 -45.55 -29.80
C PHE D 50 -22.66 -44.62 -29.42
N GLY D 51 -22.88 -43.85 -28.35
CA GLY D 51 -21.88 -42.92 -27.85
C GLY D 51 -22.00 -42.77 -26.35
N ASP D 52 -21.09 -41.98 -25.79
CA ASP D 52 -21.06 -41.75 -24.34
C ASP D 52 -20.28 -40.47 -24.08
N GLY D 53 -20.36 -40.01 -22.85
CA GLY D 53 -19.66 -38.80 -22.45
C GLY D 53 -20.29 -38.19 -21.22
N VAL D 54 -19.61 -37.18 -20.69
CA VAL D 54 -20.06 -36.46 -19.49
C VAL D 54 -20.95 -35.31 -19.93
N LEU D 55 -22.08 -35.16 -19.26
CA LEU D 55 -23.06 -34.14 -19.62
C LEU D 55 -22.63 -32.77 -19.10
N GLU D 56 -22.79 -31.76 -19.95
CA GLU D 56 -22.50 -30.36 -19.61
C GLU D 56 -23.71 -29.53 -19.99
N ILE D 57 -24.61 -29.32 -19.02
CA ILE D 57 -25.83 -28.56 -19.29
C ILE D 57 -25.48 -27.09 -19.44
N LEU D 58 -25.91 -26.49 -20.55
CA LEU D 58 -25.68 -25.08 -20.80
C LEU D 58 -26.68 -24.23 -20.04
N GLN D 59 -26.48 -22.91 -20.09
CA GLN D 59 -27.35 -21.99 -19.38
C GLN D 59 -28.72 -21.89 -20.04
N ASP D 60 -28.79 -22.11 -21.36
CA ASP D 60 -30.08 -22.00 -22.04
C ASP D 60 -31.00 -23.16 -21.68
N GLY D 61 -30.45 -24.36 -21.52
CA GLY D 61 -31.25 -25.51 -21.17
C GLY D 61 -30.82 -26.80 -21.83
N PHE D 62 -30.07 -26.69 -22.92
CA PHE D 62 -29.57 -27.85 -23.63
C PHE D 62 -28.19 -28.23 -23.09
N GLY D 63 -27.53 -29.19 -23.71
CA GLY D 63 -26.23 -29.61 -23.25
C GLY D 63 -25.55 -30.51 -24.26
N PHE D 64 -24.30 -30.85 -23.94
CA PHE D 64 -23.49 -31.72 -24.79
C PHE D 64 -22.83 -32.80 -23.93
N LEU D 65 -22.28 -33.80 -24.59
CA LEU D 65 -21.57 -34.90 -23.95
C LEU D 65 -20.07 -34.75 -24.27
N ARG D 66 -19.34 -34.12 -23.35
CA ARG D 66 -17.92 -33.91 -23.54
C ARG D 66 -17.17 -35.24 -23.46
N SER D 67 -15.96 -35.26 -24.01
CA SER D 67 -15.10 -36.43 -24.01
C SER D 67 -13.92 -36.20 -23.08
N ALA D 68 -13.43 -37.30 -22.49
CA ALA D 68 -12.35 -37.20 -21.52
C ALA D 68 -10.98 -37.10 -22.18
N ASP D 69 -10.84 -37.64 -23.39
CA ASP D 69 -9.56 -37.60 -24.07
C ASP D 69 -9.18 -36.21 -24.56
N SER D 70 -10.16 -35.30 -24.63
CA SER D 70 -9.91 -33.93 -25.08
C SER D 70 -9.99 -32.92 -23.94
N SER D 71 -9.93 -33.40 -22.69
CA SER D 71 -9.97 -32.54 -21.51
C SER D 71 -11.25 -31.72 -21.47
N TYR D 72 -12.36 -32.35 -21.88
CA TYR D 72 -13.68 -31.71 -21.86
C TYR D 72 -13.70 -30.43 -22.68
N LEU D 73 -13.07 -30.48 -23.85
CA LEU D 73 -13.04 -29.34 -24.76
C LEU D 73 -14.19 -29.45 -25.77
N ALA D 74 -14.69 -28.30 -26.19
CA ALA D 74 -15.79 -28.25 -27.16
C ALA D 74 -15.37 -28.85 -28.49
N GLY D 75 -15.94 -30.00 -28.84
CA GLY D 75 -15.61 -30.68 -30.07
C GLY D 75 -16.78 -30.77 -31.02
N PRO D 76 -16.50 -30.98 -32.31
CA PRO D 76 -17.59 -31.12 -33.27
C PRO D 76 -18.39 -32.40 -33.09
N ASP D 77 -17.81 -33.42 -32.46
CA ASP D 77 -18.46 -34.72 -32.29
C ASP D 77 -19.22 -34.81 -30.97
N ASP D 78 -19.59 -33.67 -30.38
CA ASP D 78 -20.35 -33.69 -29.15
C ASP D 78 -21.81 -34.09 -29.43
N ILE D 79 -22.38 -34.85 -28.53
CA ILE D 79 -23.74 -35.36 -28.67
C ILE D 79 -24.69 -34.34 -28.06
N TYR D 80 -25.61 -33.82 -28.88
CA TYR D 80 -26.59 -32.87 -28.39
C TYR D 80 -27.62 -33.57 -27.50
N VAL D 81 -27.96 -32.93 -26.39
CA VAL D 81 -28.94 -33.45 -25.44
C VAL D 81 -30.06 -32.42 -25.33
N SER D 82 -31.25 -32.80 -25.79
CA SER D 82 -32.38 -31.89 -25.77
C SER D 82 -32.81 -31.62 -24.32
N PRO D 83 -33.34 -30.43 -24.04
CA PRO D 83 -33.81 -30.15 -22.67
C PRO D 83 -35.02 -30.98 -22.28
N SER D 84 -35.77 -31.49 -23.25
CA SER D 84 -36.92 -32.33 -22.95
C SER D 84 -36.48 -33.61 -22.22
N GLN D 85 -35.44 -34.27 -22.73
CA GLN D 85 -34.94 -35.47 -22.07
C GLN D 85 -34.33 -35.13 -20.72
N ILE D 86 -33.70 -33.94 -20.60
CA ILE D 86 -33.14 -33.52 -19.32
C ILE D 86 -34.23 -33.37 -18.28
N ARG D 87 -35.36 -32.80 -18.70
CA ARG D 87 -36.54 -32.56 -17.84
C ARG D 87 -37.27 -33.88 -17.56
N ARG D 88 -37.13 -34.87 -18.46
CA ARG D 88 -37.82 -36.18 -18.34
C ARG D 88 -37.03 -37.13 -17.42
N PHE D 89 -35.70 -37.03 -17.40
CA PHE D 89 -34.87 -37.91 -16.60
C PHE D 89 -34.15 -37.18 -15.46
N ASN D 90 -34.40 -35.88 -15.28
CA ASN D 90 -33.79 -35.07 -14.23
C ASN D 90 -32.26 -35.15 -14.30
N LEU D 91 -31.73 -34.90 -15.50
CA LEU D 91 -30.30 -34.94 -15.70
C LEU D 91 -29.64 -33.64 -15.23
N ARG D 92 -28.42 -33.77 -14.74
CA ARG D 92 -27.64 -32.62 -14.27
C ARG D 92 -26.23 -32.72 -14.80
N THR D 93 -25.48 -31.63 -14.66
CA THR D 93 -24.12 -31.57 -15.14
C THR D 93 -23.24 -32.58 -14.38
N GLY D 94 -22.63 -33.49 -15.12
CA GLY D 94 -21.78 -34.52 -14.56
C GLY D 94 -22.31 -35.94 -14.73
N ASP D 95 -23.58 -36.10 -15.06
CA ASP D 95 -24.17 -37.43 -15.23
C ASP D 95 -23.60 -38.09 -16.48
N THR D 96 -23.00 -39.27 -16.30
CA THR D 96 -22.50 -40.03 -17.44
C THR D 96 -23.66 -40.69 -18.17
N ILE D 97 -23.81 -40.35 -19.45
CA ILE D 97 -24.92 -40.84 -20.27
C ILE D 97 -24.34 -41.66 -21.42
N SER D 98 -24.92 -42.85 -21.63
CA SER D 98 -24.50 -43.74 -22.72
C SER D 98 -25.75 -44.28 -23.39
N GLY D 99 -25.97 -43.89 -24.63
CA GLY D 99 -27.16 -44.33 -25.35
C GLY D 99 -26.96 -44.23 -26.85
N LYS D 100 -28.01 -44.63 -27.57
CA LYS D 100 -27.98 -44.59 -29.03
C LYS D 100 -27.97 -43.16 -29.53
N ILE D 101 -27.18 -42.90 -30.56
CA ILE D 101 -27.06 -41.59 -31.17
C ILE D 101 -27.29 -41.72 -32.68
N ARG D 102 -27.53 -40.58 -33.32
CA ARG D 102 -27.76 -40.51 -34.75
C ARG D 102 -26.99 -39.34 -35.33
N PRO D 103 -26.51 -39.46 -36.56
CA PRO D 103 -25.81 -38.34 -37.20
C PRO D 103 -26.73 -37.16 -37.41
N PRO D 104 -26.19 -35.95 -37.49
CA PRO D 104 -27.05 -34.77 -37.68
C PRO D 104 -27.65 -34.74 -39.08
N LYS D 105 -28.92 -34.37 -39.14
CA LYS D 105 -29.64 -34.27 -40.40
C LYS D 105 -29.31 -32.94 -41.08
N GLU D 106 -30.06 -32.60 -42.12
CA GLU D 106 -29.85 -31.34 -42.82
C GLU D 106 -30.25 -30.17 -41.91
N GLY D 107 -29.30 -29.28 -41.65
CA GLY D 107 -29.55 -28.17 -40.75
C GLY D 107 -29.10 -28.38 -39.33
N GLU D 108 -28.49 -29.52 -39.02
CA GLU D 108 -27.99 -29.82 -37.69
C GLU D 108 -26.47 -29.97 -37.74
N ARG D 109 -25.83 -29.82 -36.58
CA ARG D 109 -24.39 -29.85 -36.50
C ARG D 109 -23.86 -30.85 -35.47
N TYR D 110 -24.72 -31.48 -34.69
CA TYR D 110 -24.29 -32.39 -33.63
C TYR D 110 -25.20 -33.61 -33.58
N PHE D 111 -24.68 -34.69 -33.01
CA PHE D 111 -25.44 -35.92 -32.87
C PHE D 111 -26.56 -35.74 -31.86
N ALA D 112 -27.69 -36.38 -32.12
CA ALA D 112 -28.85 -36.33 -31.24
C ALA D 112 -28.96 -37.62 -30.43
N LEU D 113 -29.57 -37.52 -29.25
CA LEU D 113 -29.75 -38.65 -28.35
C LEU D 113 -31.19 -39.13 -28.45
N LEU D 114 -31.37 -40.40 -28.79
CA LEU D 114 -32.71 -40.98 -28.92
C LEU D 114 -33.15 -41.69 -27.64
N LYS D 115 -32.37 -42.66 -27.18
CA LYS D 115 -32.70 -43.45 -26.00
C LYS D 115 -31.46 -43.63 -25.14
N VAL D 116 -31.58 -43.33 -23.85
CA VAL D 116 -30.48 -43.48 -22.91
C VAL D 116 -30.50 -44.90 -22.36
N ASN D 117 -29.35 -45.56 -22.39
CA ASN D 117 -29.25 -46.94 -21.95
C ASN D 117 -28.69 -47.09 -20.55
N GLU D 118 -27.68 -46.29 -20.19
CA GLU D 118 -27.00 -46.42 -18.91
C GLU D 118 -26.68 -45.03 -18.38
N VAL D 119 -27.00 -44.80 -17.11
CA VAL D 119 -26.76 -43.52 -16.44
C VAL D 119 -25.78 -43.74 -15.30
N ASN D 120 -24.66 -43.01 -15.33
CA ASN D 120 -23.64 -43.09 -14.29
C ASN D 120 -23.14 -44.52 -14.09
N PHE D 121 -23.00 -45.24 -15.20
CA PHE D 121 -22.55 -46.64 -15.19
C PHE D 121 -23.47 -47.51 -14.32
N ASP D 122 -24.76 -47.21 -14.39
CA ASP D 122 -25.75 -47.93 -13.60
C ASP D 122 -27.11 -47.80 -14.28
N LYS D 123 -28.08 -48.53 -13.76
CA LYS D 123 -29.42 -48.49 -14.35
C LYS D 123 -30.08 -47.16 -14.04
N PRO D 124 -30.90 -46.63 -14.97
CA PRO D 124 -31.61 -45.37 -14.68
C PRO D 124 -32.60 -45.49 -13.52
N GLU D 125 -33.08 -46.69 -13.24
CA GLU D 125 -34.01 -46.87 -12.12
C GLU D 125 -33.31 -46.66 -10.78
N ASN D 126 -31.99 -46.84 -10.73
CA ASN D 126 -31.23 -46.56 -9.52
C ASN D 126 -30.77 -45.11 -9.44
N ALA D 127 -30.73 -44.41 -10.58
CA ALA D 127 -30.31 -43.01 -10.61
C ALA D 127 -31.48 -42.05 -10.43
N ARG D 128 -32.69 -42.47 -10.79
CA ARG D 128 -33.86 -41.61 -10.62
C ARG D 128 -34.12 -41.33 -9.14
N ASN D 129 -33.81 -42.29 -8.27
CA ASN D 129 -33.99 -42.14 -6.83
C ASN D 129 -32.59 -42.10 -6.21
N LYS D 130 -32.17 -40.91 -5.80
CA LYS D 130 -30.83 -40.73 -5.23
C LYS D 130 -30.84 -39.50 -4.34
N ILE D 131 -29.88 -39.46 -3.41
CA ILE D 131 -29.72 -38.36 -2.48
C ILE D 131 -28.66 -37.42 -3.03
N LEU D 132 -28.95 -36.11 -3.01
CA LEU D 132 -28.01 -35.13 -3.52
C LEU D 132 -26.75 -35.08 -2.67
N PHE D 133 -25.68 -34.56 -3.27
CA PHE D 133 -24.40 -34.47 -2.57
C PHE D 133 -24.46 -33.43 -1.45
N GLU D 134 -25.29 -32.40 -1.60
CA GLU D 134 -25.39 -31.35 -0.59
C GLU D 134 -26.10 -31.82 0.67
N ASN D 135 -26.75 -32.99 0.64
CA ASN D 135 -27.47 -33.51 1.80
C ASN D 135 -26.72 -34.61 2.53
N LEU D 136 -25.61 -35.11 1.99
CA LEU D 136 -24.86 -36.16 2.65
C LEU D 136 -24.19 -35.64 3.92
N THR D 137 -24.20 -36.46 4.95
CA THR D 137 -23.64 -36.07 6.24
C THR D 137 -22.11 -36.20 6.20
N PRO D 138 -21.37 -35.10 6.40
CA PRO D 138 -19.91 -35.21 6.40
C PRO D 138 -19.39 -35.93 7.63
N LEU D 139 -18.17 -36.44 7.51
CA LEU D 139 -17.50 -37.13 8.61
C LEU D 139 -16.00 -36.98 8.43
N HIS D 140 -15.27 -37.34 9.48
CA HIS D 140 -13.81 -37.32 9.43
C HIS D 140 -13.28 -38.55 8.70
N ALA D 141 -11.99 -38.52 8.39
CA ALA D 141 -11.35 -39.65 7.72
C ALA D 141 -11.34 -40.86 8.63
N ASN D 142 -12.04 -41.92 8.21
CA ASN D 142 -12.13 -43.16 8.97
C ASN D 142 -11.26 -44.26 8.38
N SER D 143 -11.41 -44.55 7.09
CA SER D 143 -10.62 -45.58 6.44
C SER D 143 -9.19 -45.10 6.19
N ARG D 144 -8.23 -45.98 6.43
CA ARG D 144 -6.83 -45.64 6.24
C ARG D 144 -6.39 -45.94 4.82
N LEU D 145 -5.88 -44.93 4.13
CA LEU D 145 -5.33 -45.09 2.77
C LEU D 145 -3.81 -45.10 2.88
N ARG D 146 -3.27 -46.28 3.16
CA ARG D 146 -1.83 -46.41 3.34
C ARG D 146 -1.11 -46.22 2.01
N MET D 147 -0.05 -45.42 2.03
CA MET D 147 0.71 -45.08 0.84
C MET D 147 1.99 -45.90 0.68
N GLU D 148 2.34 -46.72 1.67
CA GLU D 148 3.57 -47.49 1.62
C GLU D 148 3.45 -48.61 0.59
N ARG D 149 4.45 -48.72 -0.28
CA ARG D 149 4.46 -49.76 -1.30
C ARG D 149 4.60 -51.14 -0.65
N GLY D 150 5.67 -51.35 0.11
CA GLY D 150 5.94 -52.62 0.72
C GLY D 150 6.84 -53.54 -0.08
N ASN D 151 7.23 -53.14 -1.29
CA ASN D 151 8.10 -53.95 -2.14
C ASN D 151 9.59 -53.74 -1.85
N GLY D 152 9.92 -52.87 -0.89
CA GLY D 152 11.30 -52.62 -0.58
C GLY D 152 12.06 -51.85 -1.62
N SER D 153 11.37 -51.08 -2.46
CA SER D 153 12.03 -50.30 -3.49
C SER D 153 12.67 -49.05 -2.90
N THR D 154 13.66 -48.51 -3.61
CA THR D 154 14.32 -47.30 -3.15
C THR D 154 13.40 -46.08 -3.22
N GLU D 155 12.43 -46.10 -4.13
CA GLU D 155 11.48 -44.99 -4.22
C GLU D 155 10.43 -45.03 -3.13
N ASP D 156 10.31 -46.14 -2.40
CA ASP D 156 9.35 -46.24 -1.32
C ASP D 156 9.71 -45.38 -0.12
N LEU D 157 10.92 -44.82 -0.09
CA LEU D 157 11.31 -43.96 1.03
C LEU D 157 10.42 -42.74 1.12
N THR D 158 10.05 -42.16 -0.02
CA THR D 158 9.17 -41.00 -0.02
C THR D 158 7.80 -41.36 0.58
N ALA D 159 7.24 -42.50 0.18
CA ALA D 159 5.95 -42.91 0.72
C ALA D 159 6.05 -43.20 2.22
N ARG D 160 7.17 -43.80 2.64
CA ARG D 160 7.35 -44.08 4.07
C ARG D 160 7.44 -42.79 4.88
N VAL D 161 8.18 -41.80 4.38
CA VAL D 161 8.28 -40.52 5.06
C VAL D 161 6.92 -39.83 5.09
N LEU D 162 6.16 -39.94 4.00
CA LEU D 162 4.83 -39.33 3.97
C LEU D 162 3.89 -39.98 4.98
N ASP D 163 3.97 -41.31 5.10
CA ASP D 163 3.15 -42.00 6.09
C ASP D 163 3.56 -41.66 7.52
N LEU D 164 4.86 -41.50 7.75
CA LEU D 164 5.32 -41.14 9.08
C LEU D 164 5.02 -39.67 9.42
N ALA D 165 4.86 -38.83 8.40
CA ALA D 165 4.62 -37.41 8.64
C ALA D 165 3.12 -37.09 8.66
N SER D 166 2.38 -37.57 7.67
CA SER D 166 0.97 -37.24 7.54
C SER D 166 0.24 -38.37 6.83
N PRO D 167 -0.34 -39.31 7.59
CA PRO D 167 -1.15 -40.36 6.97
C PRO D 167 -2.39 -39.77 6.32
N ILE D 168 -2.79 -40.37 5.21
CA ILE D 168 -3.91 -39.88 4.40
C ILE D 168 -5.02 -40.92 4.43
N GLY D 169 -6.25 -40.45 4.67
CA GLY D 169 -7.41 -41.31 4.68
C GLY D 169 -8.45 -40.84 3.65
N ARG D 170 -9.54 -41.60 3.59
CA ARG D 170 -10.62 -41.27 2.66
C ARG D 170 -11.34 -40.00 3.11
N GLY D 171 -11.57 -39.09 2.17
CA GLY D 171 -12.22 -37.83 2.47
C GLY D 171 -11.31 -36.75 3.00
N GLN D 172 -9.99 -36.96 2.97
CA GLN D 172 -9.06 -35.98 3.50
C GLN D 172 -9.00 -34.76 2.59
N ARG D 173 -8.77 -33.59 3.20
CA ARG D 173 -8.68 -32.31 2.50
C ARG D 173 -7.39 -31.64 2.95
N GLY D 174 -6.29 -31.94 2.25
CA GLY D 174 -4.98 -31.47 2.62
C GLY D 174 -4.42 -30.43 1.65
N LEU D 175 -3.20 -30.01 1.97
CA LEU D 175 -2.49 -29.02 1.17
C LEU D 175 -1.00 -29.37 1.13
N ILE D 176 -0.40 -29.26 -0.06
CA ILE D 176 1.02 -29.51 -0.24
C ILE D 176 1.66 -28.15 -0.47
N VAL D 177 2.13 -27.53 0.61
CA VAL D 177 2.76 -26.22 0.55
C VAL D 177 4.24 -26.38 0.25
N ALA D 178 4.72 -25.74 -0.80
CA ALA D 178 6.11 -25.88 -1.22
C ALA D 178 6.48 -24.72 -2.12
N PRO D 179 7.65 -24.11 -1.92
CA PRO D 179 8.13 -23.10 -2.86
C PRO D 179 8.48 -23.71 -4.20
N PRO D 180 8.63 -22.92 -5.25
CA PRO D 180 8.99 -23.48 -6.55
C PRO D 180 10.38 -24.10 -6.53
N LYS D 181 10.60 -25.00 -7.49
CA LYS D 181 11.87 -25.73 -7.64
C LYS D 181 12.19 -26.53 -6.37
N ALA D 182 11.18 -27.18 -5.80
CA ALA D 182 11.37 -28.01 -4.61
C ALA D 182 11.26 -29.50 -4.87
N GLY D 183 10.52 -29.91 -5.90
CA GLY D 183 10.34 -31.31 -6.18
C GLY D 183 8.89 -31.74 -6.12
N LYS D 184 7.98 -30.79 -6.39
CA LYS D 184 6.56 -31.08 -6.33
C LYS D 184 6.15 -32.10 -7.40
N THR D 185 6.81 -32.04 -8.55
CA THR D 185 6.45 -32.94 -9.65
C THR D 185 6.74 -34.40 -9.28
N MET D 186 7.97 -34.68 -8.83
CA MET D 186 8.33 -36.04 -8.46
C MET D 186 7.49 -36.53 -7.28
N LEU D 187 7.20 -35.65 -6.33
CA LEU D 187 6.38 -36.03 -5.19
C LEU D 187 4.97 -36.40 -5.62
N LEU D 188 4.38 -35.60 -6.52
CA LEU D 188 3.04 -35.91 -7.01
C LEU D 188 3.03 -37.19 -7.82
N GLN D 189 4.08 -37.42 -8.62
CA GLN D 189 4.19 -38.66 -9.39
C GLN D 189 4.26 -39.86 -8.45
N ASN D 190 5.07 -39.77 -7.39
CA ASN D 190 5.18 -40.85 -6.43
C ASN D 190 3.87 -41.11 -5.72
N ILE D 191 3.16 -40.04 -5.34
CA ILE D 191 1.87 -40.18 -4.68
C ILE D 191 0.88 -40.88 -5.60
N ALA D 192 0.83 -40.46 -6.87
CA ALA D 192 -0.11 -41.06 -7.81
C ALA D 192 0.22 -42.53 -8.05
N GLN D 193 1.50 -42.85 -8.19
CA GLN D 193 1.89 -44.24 -8.39
C GLN D 193 1.56 -45.10 -7.18
N SER D 194 1.80 -44.58 -5.98
CA SER D 194 1.47 -45.34 -4.77
C SER D 194 -0.03 -45.52 -4.62
N ILE D 195 -0.83 -44.52 -5.00
CA ILE D 195 -2.27 -44.68 -4.95
C ILE D 195 -2.74 -45.71 -5.96
N ALA D 196 -2.18 -45.68 -7.18
CA ALA D 196 -2.59 -46.65 -8.19
C ALA D 196 -2.13 -48.07 -7.84
N TYR D 197 -1.04 -48.20 -7.10
CA TYR D 197 -0.53 -49.52 -6.74
C TYR D 197 -1.23 -50.11 -5.53
N ASN D 198 -1.37 -49.31 -4.46
CA ASN D 198 -1.95 -49.83 -3.22
C ASN D 198 -3.48 -49.92 -3.29
N HIS D 199 -4.12 -48.89 -3.84
CA HIS D 199 -5.59 -48.82 -3.90
C HIS D 199 -6.02 -48.64 -5.35
N PRO D 200 -6.01 -49.71 -6.15
CA PRO D 200 -6.43 -49.59 -7.55
C PRO D 200 -7.94 -49.44 -7.73
N ASP D 201 -8.73 -49.70 -6.68
CA ASP D 201 -10.17 -49.60 -6.79
C ASP D 201 -10.68 -48.17 -6.78
N CYS D 202 -9.91 -47.24 -6.23
CA CYS D 202 -10.34 -45.85 -6.15
C CYS D 202 -10.19 -45.16 -7.51
N VAL D 203 -11.09 -44.21 -7.75
CA VAL D 203 -11.07 -43.45 -9.00
C VAL D 203 -10.09 -42.29 -8.85
N LEU D 204 -8.96 -42.38 -9.54
CA LEU D 204 -7.91 -41.36 -9.48
C LEU D 204 -8.09 -40.36 -10.60
N MET D 205 -8.09 -39.08 -10.25
CA MET D 205 -8.23 -37.99 -11.23
C MET D 205 -7.18 -36.94 -10.93
N VAL D 206 -6.31 -36.66 -11.90
CA VAL D 206 -5.23 -35.70 -11.75
C VAL D 206 -5.59 -34.47 -12.57
N LEU D 207 -5.73 -33.33 -11.90
CA LEU D 207 -6.07 -32.07 -12.55
C LEU D 207 -4.83 -31.18 -12.59
N LEU D 208 -4.42 -30.78 -13.80
CA LEU D 208 -3.26 -29.93 -14.01
C LEU D 208 -3.70 -28.71 -14.82
N ILE D 209 -3.90 -27.58 -14.15
CA ILE D 209 -4.37 -26.35 -14.78
C ILE D 209 -3.19 -25.39 -14.93
N ASP D 210 -3.06 -24.83 -16.13
CA ASP D 210 -2.04 -23.81 -16.42
C ASP D 210 -0.63 -24.38 -16.21
N GLU D 211 -0.35 -25.51 -16.86
CA GLU D 211 0.97 -26.16 -16.67
C GLU D 211 1.66 -26.30 -18.03
N ARG D 212 2.94 -26.68 -18.01
CA ARG D 212 3.72 -26.81 -19.27
C ARG D 212 3.31 -28.11 -19.96
N PRO D 213 2.85 -28.08 -21.22
CA PRO D 213 2.34 -29.29 -21.91
C PRO D 213 3.27 -30.50 -21.76
N GLU D 214 4.57 -30.37 -22.08
CA GLU D 214 5.48 -31.48 -21.82
C GLU D 214 5.17 -32.18 -20.50
N GLU D 215 4.96 -31.42 -19.43
CA GLU D 215 4.57 -32.02 -18.16
C GLU D 215 3.23 -32.72 -18.25
N VAL D 216 2.30 -32.17 -19.04
CA VAL D 216 0.99 -32.79 -19.20
C VAL D 216 1.13 -34.16 -19.86
N THR D 217 1.85 -34.21 -20.98
CA THR D 217 1.99 -35.48 -21.69
C THR D 217 2.88 -36.45 -20.93
N GLU D 218 3.73 -35.93 -20.03
CA GLU D 218 4.51 -36.80 -19.16
C GLU D 218 3.61 -37.45 -18.11
N MET D 219 2.79 -36.65 -17.44
CA MET D 219 1.89 -37.18 -16.42
C MET D 219 0.87 -38.13 -17.04
N GLN D 220 0.43 -37.85 -18.26
CA GLN D 220 -0.58 -38.70 -18.90
C GLN D 220 -0.03 -40.08 -19.22
N ARG D 221 1.27 -40.18 -19.52
CA ARG D 221 1.90 -41.44 -19.87
C ARG D 221 2.64 -42.08 -18.71
N LEU D 222 2.46 -41.58 -17.49
CA LEU D 222 3.15 -42.09 -16.32
C LEU D 222 2.22 -42.69 -15.27
N VAL D 223 1.11 -42.04 -14.97
CA VAL D 223 0.19 -42.50 -13.95
C VAL D 223 -0.84 -43.44 -14.56
N LYS D 224 -1.36 -44.34 -13.73
CA LYS D 224 -2.38 -45.30 -14.18
C LYS D 224 -3.76 -44.80 -13.76
N GLY D 225 -4.25 -43.84 -14.52
CA GLY D 225 -5.55 -43.27 -14.24
C GLY D 225 -5.95 -42.24 -15.27
N GLU D 226 -6.93 -41.43 -14.90
CA GLU D 226 -7.44 -40.37 -15.78
C GLU D 226 -6.68 -39.08 -15.53
N VAL D 227 -6.33 -38.39 -16.61
CA VAL D 227 -5.58 -37.15 -16.56
C VAL D 227 -6.34 -36.09 -17.36
N VAL D 228 -6.89 -35.11 -16.66
CA VAL D 228 -7.56 -33.97 -17.28
C VAL D 228 -6.73 -32.73 -16.99
N ALA D 229 -6.18 -32.12 -18.03
CA ALA D 229 -5.27 -30.99 -17.89
C ALA D 229 -5.66 -29.88 -18.84
N SER D 230 -5.13 -28.69 -18.57
CA SER D 230 -5.37 -27.50 -19.40
C SER D 230 -4.11 -26.65 -19.35
N THR D 231 -3.39 -26.63 -20.48
CA THR D 231 -2.12 -25.91 -20.55
C THR D 231 -2.35 -24.41 -20.46
N PHE D 232 -1.25 -23.67 -20.29
CA PHE D 232 -1.31 -22.22 -20.16
C PHE D 232 -1.74 -21.54 -21.46
N ASP D 233 -1.68 -22.22 -22.60
CA ASP D 233 -2.11 -21.63 -23.86
C ASP D 233 -3.61 -21.41 -23.93
N GLU D 234 -4.37 -21.92 -22.97
CA GLU D 234 -5.81 -21.74 -22.94
C GLU D 234 -6.20 -20.63 -21.98
N PRO D 235 -7.28 -19.92 -22.25
CA PRO D 235 -7.71 -18.83 -21.36
C PRO D 235 -8.22 -19.39 -20.04
N ALA D 236 -8.42 -18.47 -19.09
CA ALA D 236 -8.89 -18.85 -17.76
C ALA D 236 -10.31 -19.38 -17.81
N SER D 237 -11.08 -19.02 -18.84
CA SER D 237 -12.44 -19.53 -18.97
C SER D 237 -12.44 -21.05 -19.12
N ARG D 238 -11.53 -21.59 -19.93
CA ARG D 238 -11.44 -23.04 -20.08
C ARG D 238 -10.99 -23.68 -18.77
N HIS D 239 -10.12 -23.00 -18.03
CA HIS D 239 -9.70 -23.50 -16.72
C HIS D 239 -10.90 -23.63 -15.78
N VAL D 240 -11.72 -22.59 -15.71
CA VAL D 240 -12.91 -22.61 -14.86
C VAL D 240 -13.86 -23.71 -15.31
N GLN D 241 -14.05 -23.84 -16.62
CA GLN D 241 -14.96 -24.85 -17.15
C GLN D 241 -14.49 -26.26 -16.80
N VAL D 242 -13.18 -26.51 -16.96
CA VAL D 242 -12.63 -27.83 -16.64
C VAL D 242 -12.76 -28.11 -15.15
N ALA D 243 -12.47 -27.13 -14.31
CA ALA D 243 -12.61 -27.34 -12.87
C ALA D 243 -14.06 -27.64 -12.50
N GLU D 244 -15.01 -26.92 -13.08
CA GLU D 244 -16.41 -27.17 -12.80
C GLU D 244 -16.83 -28.57 -13.25
N MET D 245 -16.43 -28.96 -14.46
CA MET D 245 -16.79 -30.29 -14.96
C MET D 245 -16.18 -31.37 -14.08
N VAL D 246 -14.92 -31.22 -13.67
CA VAL D 246 -14.28 -32.23 -12.84
C VAL D 246 -14.98 -32.34 -11.49
N ILE D 247 -15.29 -31.20 -10.86
CA ILE D 247 -15.90 -31.27 -9.54
C ILE D 247 -17.33 -31.82 -9.63
N GLU D 248 -18.04 -31.51 -10.73
CA GLU D 248 -19.39 -32.03 -10.89
C GLU D 248 -19.36 -33.55 -11.12
N LYS D 249 -18.41 -34.02 -11.93
CA LYS D 249 -18.27 -35.46 -12.12
C LYS D 249 -17.90 -36.14 -10.82
N ALA D 250 -17.03 -35.52 -10.02
CA ALA D 250 -16.66 -36.09 -8.73
C ALA D 250 -17.87 -36.19 -7.80
N LYS D 251 -18.69 -35.13 -7.77
CA LYS D 251 -19.88 -35.16 -6.94
C LYS D 251 -20.86 -36.23 -7.41
N ARG D 252 -21.05 -36.35 -8.73
CA ARG D 252 -21.97 -37.36 -9.24
C ARG D 252 -21.46 -38.77 -8.95
N LEU D 253 -20.14 -38.97 -8.97
CA LEU D 253 -19.59 -40.28 -8.62
C LEU D 253 -19.76 -40.58 -7.14
N VAL D 254 -19.50 -39.58 -6.28
CA VAL D 254 -19.65 -39.79 -4.84
C VAL D 254 -21.11 -40.08 -4.50
N GLU D 255 -22.04 -39.47 -5.24
CA GLU D 255 -23.45 -39.74 -5.01
C GLU D 255 -23.81 -41.21 -5.23
N HIS D 256 -23.01 -41.94 -6.02
CA HIS D 256 -23.20 -43.36 -6.23
C HIS D 256 -22.27 -44.21 -5.36
N LYS D 257 -21.83 -43.66 -4.22
CA LYS D 257 -20.99 -44.37 -3.27
C LYS D 257 -19.67 -44.81 -3.91
N LYS D 258 -18.99 -43.89 -4.56
CA LYS D 258 -17.69 -44.15 -5.17
C LYS D 258 -16.60 -43.35 -4.44
N ASP D 259 -15.39 -43.89 -4.46
CA ASP D 259 -14.23 -43.28 -3.81
C ASP D 259 -13.46 -42.50 -4.87
N VAL D 260 -13.64 -41.18 -4.87
CA VAL D 260 -12.99 -40.29 -5.83
C VAL D 260 -11.77 -39.66 -5.18
N ILE D 261 -10.66 -39.61 -5.93
CA ILE D 261 -9.42 -39.00 -5.47
C ILE D 261 -8.99 -37.97 -6.50
N ILE D 262 -8.85 -36.72 -6.07
CA ILE D 262 -8.48 -35.62 -6.95
C ILE D 262 -7.13 -35.06 -6.48
N LEU D 263 -6.12 -35.16 -7.35
CA LEU D 263 -4.79 -34.65 -7.05
C LEU D 263 -4.61 -33.34 -7.79
N LEU D 264 -4.95 -32.24 -7.12
CA LEU D 264 -4.85 -30.91 -7.71
C LEU D 264 -3.42 -30.39 -7.54
N ASP D 265 -2.89 -29.76 -8.59
CA ASP D 265 -1.55 -29.20 -8.57
C ASP D 265 -1.55 -27.71 -8.91
N SER D 266 -2.70 -27.08 -8.96
CA SER D 266 -2.81 -25.69 -9.42
C SER D 266 -3.83 -24.87 -8.66
N ILE D 267 -4.01 -25.12 -7.36
CA ILE D 267 -4.98 -24.37 -6.57
C ILE D 267 -4.70 -22.88 -6.67
N THR D 268 -3.42 -22.50 -6.65
CA THR D 268 -3.03 -21.11 -6.83
C THR D 268 -3.37 -20.62 -8.23
N ARG D 269 -3.08 -21.44 -9.24
CA ARG D 269 -3.42 -21.07 -10.61
C ARG D 269 -4.93 -21.02 -10.81
N LEU D 270 -5.66 -21.91 -10.14
CA LEU D 270 -7.12 -21.87 -10.23
C LEU D 270 -7.68 -20.61 -9.60
N ALA D 271 -7.11 -20.20 -8.45
CA ALA D 271 -7.54 -18.96 -7.82
C ALA D 271 -7.20 -17.76 -8.70
N ARG D 272 -6.04 -17.78 -9.35
CA ARG D 272 -5.70 -16.70 -10.29
C ARG D 272 -6.68 -16.65 -11.45
N ALA D 273 -7.06 -17.81 -11.98
CA ALA D 273 -8.02 -17.85 -13.08
C ALA D 273 -9.37 -17.29 -12.64
N TYR D 274 -9.82 -17.67 -11.43
CA TYR D 274 -11.10 -17.17 -10.94
C TYR D 274 -11.04 -15.66 -10.69
N ASN D 275 -9.90 -15.16 -10.20
CA ASN D 275 -9.74 -13.73 -10.02
C ASN D 275 -9.66 -12.99 -11.35
N THR D 276 -9.23 -13.67 -12.40
CA THR D 276 -9.19 -13.04 -13.72
C THR D 276 -10.55 -13.03 -14.40
N VAL D 277 -11.36 -14.08 -14.21
CA VAL D 277 -12.64 -14.17 -14.89
C VAL D 277 -13.76 -13.44 -14.14
N VAL D 278 -13.52 -12.99 -12.92
CA VAL D 278 -14.55 -12.29 -12.16
C VAL D 278 -14.62 -10.85 -12.63
N PRO D 279 -15.82 -10.29 -12.84
CA PRO D 279 -15.91 -8.88 -13.25
C PRO D 279 -15.40 -7.95 -12.17
N ALA D 280 -14.79 -6.85 -12.60
CA ALA D 280 -14.27 -5.87 -11.65
C ALA D 280 -15.39 -5.17 -10.92
N SER D 281 -15.24 -5.03 -9.60
CA SER D 281 -16.24 -4.38 -8.76
C SER D 281 -15.75 -3.07 -8.16
N GLY D 282 -14.61 -2.56 -8.63
CA GLY D 282 -14.08 -1.32 -8.11
C GLY D 282 -13.47 -1.40 -6.73
N LYS D 283 -13.31 -2.60 -6.17
CA LYS D 283 -12.74 -2.78 -4.85
C LYS D 283 -11.68 -3.87 -4.93
N VAL D 284 -10.43 -3.50 -4.68
CA VAL D 284 -9.30 -4.42 -4.76
C VAL D 284 -8.65 -4.50 -3.40
N LEU D 285 -8.42 -5.72 -2.91
CA LEU D 285 -7.79 -5.93 -1.62
C LEU D 285 -6.27 -5.89 -1.75
N THR D 286 -5.60 -6.17 -0.64
CA THR D 286 -4.14 -6.16 -0.62
C THR D 286 -3.59 -7.31 -1.47
N GLY D 287 -2.72 -6.97 -2.41
CA GLY D 287 -2.11 -7.95 -3.28
C GLY D 287 -2.78 -8.13 -4.63
N GLY D 288 -3.90 -7.47 -4.87
CA GLY D 288 -4.59 -7.62 -6.15
C GLY D 288 -5.61 -8.74 -6.18
N VAL D 289 -6.26 -9.03 -5.05
CA VAL D 289 -7.25 -10.10 -4.96
C VAL D 289 -8.62 -9.47 -4.80
N ASP D 290 -9.58 -9.92 -5.60
CA ASP D 290 -10.94 -9.42 -5.50
C ASP D 290 -11.63 -10.01 -4.27
N ALA D 291 -12.62 -9.28 -3.76
CA ALA D 291 -13.32 -9.72 -2.55
C ALA D 291 -14.13 -10.98 -2.80
N ASN D 292 -14.66 -11.16 -4.01
CA ASN D 292 -15.50 -12.31 -4.34
C ASN D 292 -14.80 -13.26 -5.30
N ALA D 293 -13.47 -13.20 -5.40
CA ALA D 293 -12.74 -14.08 -6.30
C ALA D 293 -12.39 -15.41 -5.66
N LEU D 294 -12.15 -15.43 -4.35
CA LEU D 294 -11.74 -16.63 -3.65
C LEU D 294 -12.92 -17.51 -3.23
N HIS D 295 -14.15 -17.09 -3.50
CA HIS D 295 -15.31 -17.87 -3.07
C HIS D 295 -15.42 -19.17 -3.86
N ARG D 296 -15.25 -19.09 -5.18
CA ARG D 296 -15.32 -20.30 -6.01
C ARG D 296 -14.21 -21.30 -5.69
N PRO D 297 -12.94 -20.90 -5.57
CA PRO D 297 -11.93 -21.88 -5.12
C PRO D 297 -12.19 -22.37 -3.71
N LYS D 298 -12.75 -21.52 -2.84
CA LYS D 298 -13.10 -21.96 -1.49
C LYS D 298 -14.10 -23.10 -1.53
N ARG D 299 -15.15 -22.96 -2.35
CA ARG D 299 -16.13 -24.03 -2.47
C ARG D 299 -15.54 -25.26 -3.15
N PHE D 300 -14.70 -25.07 -4.17
CA PHE D 300 -14.08 -26.20 -4.84
C PHE D 300 -13.22 -27.00 -3.87
N PHE D 301 -12.53 -26.31 -2.96
CA PHE D 301 -11.71 -26.99 -1.97
C PHE D 301 -12.59 -27.68 -0.91
N GLY D 302 -13.60 -26.96 -0.41
CA GLY D 302 -14.46 -27.52 0.61
C GLY D 302 -15.40 -28.60 0.13
N ALA D 303 -15.48 -28.82 -1.18
CA ALA D 303 -16.32 -29.92 -1.69
C ALA D 303 -15.85 -31.26 -1.17
N ALA D 304 -14.56 -31.41 -0.90
CA ALA D 304 -14.02 -32.66 -0.38
C ALA D 304 -14.59 -32.95 1.00
N ARG D 305 -15.11 -34.16 1.17
CA ARG D 305 -15.71 -34.58 2.43
C ARG D 305 -15.87 -36.09 2.42
N ASN D 306 -15.98 -36.68 3.61
CA ASN D 306 -16.22 -38.10 3.77
C ASN D 306 -17.70 -38.33 4.04
N VAL D 307 -18.29 -39.26 3.29
CA VAL D 307 -19.73 -39.55 3.37
C VAL D 307 -19.94 -40.78 4.24
N GLU D 308 -20.89 -40.69 5.15
CA GLU D 308 -21.21 -41.83 6.01
C GLU D 308 -22.02 -42.90 5.28
N GLU D 309 -22.92 -42.48 4.39
CA GLU D 309 -23.73 -43.43 3.66
C GLU D 309 -22.91 -44.26 2.68
N GLY D 310 -21.81 -43.71 2.18
CA GLY D 310 -20.96 -44.43 1.25
C GLY D 310 -20.15 -43.52 0.36
N GLY D 311 -18.91 -43.92 0.05
CA GLY D 311 -18.04 -43.14 -0.80
C GLY D 311 -17.31 -42.06 -0.03
N SER D 312 -16.42 -41.38 -0.74
CA SER D 312 -15.61 -40.31 -0.17
C SER D 312 -15.05 -39.47 -1.31
N LEU D 313 -14.55 -38.29 -0.96
CA LEU D 313 -13.95 -37.36 -1.92
C LEU D 313 -12.69 -36.78 -1.31
N THR D 314 -11.54 -37.12 -1.88
CA THR D 314 -10.26 -36.64 -1.40
C THR D 314 -9.67 -35.65 -2.40
N ILE D 315 -9.24 -34.49 -1.90
CA ILE D 315 -8.67 -33.44 -2.73
C ILE D 315 -7.34 -33.04 -2.10
N ILE D 316 -6.25 -33.27 -2.81
CA ILE D 316 -4.91 -32.91 -2.36
C ILE D 316 -4.39 -31.84 -3.31
N ALA D 317 -4.41 -30.59 -2.85
CA ALA D 317 -3.99 -29.45 -3.66
C ALA D 317 -2.60 -29.00 -3.23
N THR D 318 -1.79 -28.59 -4.20
CA THR D 318 -0.44 -28.11 -3.95
C THR D 318 -0.42 -26.59 -4.10
N ALA D 319 -0.19 -25.89 -3.00
CA ALA D 319 -0.15 -24.44 -3.01
C ALA D 319 1.25 -23.92 -3.26
N LEU D 320 1.34 -22.76 -3.89
CA LEU D 320 2.60 -22.14 -4.23
C LEU D 320 2.89 -20.96 -3.29
N ILE D 321 4.11 -20.92 -2.77
CA ILE D 321 4.55 -19.84 -1.88
C ILE D 321 5.91 -19.36 -2.36
N ASP D 322 6.29 -18.17 -1.91
CA ASP D 322 7.59 -17.56 -2.21
C ASP D 322 7.79 -17.44 -3.72
N THR D 323 6.71 -17.12 -4.43
CA THR D 323 6.76 -16.97 -5.88
C THR D 323 7.03 -15.53 -6.31
N GLY D 324 7.27 -14.62 -5.37
CA GLY D 324 7.52 -13.23 -5.69
C GLY D 324 6.27 -12.39 -5.89
N SER D 325 5.09 -12.99 -5.91
CA SER D 325 3.84 -12.27 -6.11
C SER D 325 3.07 -12.26 -4.79
N LYS D 326 2.63 -11.07 -4.37
CA LYS D 326 1.89 -10.96 -3.12
C LYS D 326 0.50 -11.59 -3.22
N MET D 327 -0.05 -11.68 -4.44
CA MET D 327 -1.36 -12.29 -4.62
C MET D 327 -1.33 -13.76 -4.21
N ASP D 328 -0.32 -14.50 -4.65
CA ASP D 328 -0.19 -15.90 -4.26
C ASP D 328 0.02 -16.04 -2.75
N GLU D 329 0.76 -15.11 -2.14
CA GLU D 329 0.94 -15.15 -0.69
C GLU D 329 -0.38 -14.95 0.04
N VAL D 330 -1.20 -14.00 -0.43
CA VAL D 330 -2.51 -13.78 0.18
C VAL D 330 -3.39 -15.01 0.01
N ILE D 331 -3.35 -15.61 -1.18
CA ILE D 331 -4.16 -16.81 -1.43
C ILE D 331 -3.74 -17.95 -0.50
N TYR D 332 -2.46 -18.32 -0.62
CA TYR D 332 -1.96 -19.52 0.09
C TYR D 332 -2.49 -19.59 1.51
N GLU D 333 -2.22 -18.56 2.30
CA GLU D 333 -2.60 -18.64 3.73
C GLU D 333 -4.11 -18.43 3.87
N GLU D 334 -4.72 -17.55 3.07
CA GLU D 334 -6.21 -17.45 3.14
C GLU D 334 -6.70 -18.89 3.13
N PHE D 335 -6.03 -19.73 2.35
CA PHE D 335 -6.34 -21.16 2.29
C PHE D 335 -5.65 -21.97 3.38
N LYS D 336 -4.72 -21.36 4.13
CA LYS D 336 -4.02 -22.11 5.17
C LYS D 336 -4.97 -22.53 6.29
N GLY D 337 -5.85 -21.61 6.71
CA GLY D 337 -6.86 -21.98 7.71
C GLY D 337 -7.75 -23.10 7.19
N THR D 338 -7.48 -23.57 5.97
CA THR D 338 -8.32 -24.64 5.35
C THR D 338 -7.61 -26.00 5.47
N GLY D 339 -7.22 -26.60 4.34
CA GLY D 339 -6.55 -27.92 4.32
C GLY D 339 -6.32 -28.53 5.70
N ASN D 340 -7.15 -29.52 6.09
CA ASN D 340 -6.96 -30.22 7.39
C ASN D 340 -5.68 -31.06 7.32
N MET D 341 -4.61 -30.52 6.74
CA MET D 341 -3.36 -31.25 6.56
C MET D 341 -2.42 -30.37 5.76
N GLU D 342 -1.22 -30.13 6.30
CA GLU D 342 -0.20 -29.33 5.64
C GLU D 342 1.09 -30.12 5.58
N LEU D 343 1.60 -30.33 4.37
CA LEU D 343 2.86 -31.04 4.13
C LEU D 343 3.83 -30.03 3.52
N HIS D 344 4.62 -29.38 4.38
CA HIS D 344 5.53 -28.34 3.92
C HIS D 344 6.82 -28.94 3.39
N LEU D 345 7.37 -28.32 2.36
CA LEU D 345 8.64 -28.70 1.78
C LEU D 345 9.62 -27.54 1.89
N SER D 346 10.86 -27.85 2.25
CA SER D 346 11.88 -26.84 2.50
C SER D 346 12.76 -26.67 1.27
N ARG D 347 12.94 -25.42 0.84
CA ARG D 347 13.82 -25.14 -0.29
C ARG D 347 15.29 -25.33 0.10
N LYS D 348 15.63 -25.05 1.36
CA LYS D 348 17.01 -25.21 1.81
C LYS D 348 17.45 -26.66 1.73
N ILE D 349 16.54 -27.59 2.04
CA ILE D 349 16.86 -29.01 1.94
C ILE D 349 16.91 -29.45 0.49
N ALA D 350 16.09 -28.86 -0.38
CA ALA D 350 16.10 -29.22 -1.79
C ALA D 350 17.37 -28.72 -2.47
N GLU D 351 17.92 -27.60 -2.02
CA GLU D 351 19.16 -27.10 -2.58
C GLU D 351 20.35 -28.00 -2.26
N LYS D 352 20.28 -28.76 -1.17
CA LYS D 352 21.32 -29.71 -0.81
C LYS D 352 21.17 -31.04 -1.53
N ARG D 353 20.22 -31.15 -2.46
CA ARG D 353 19.97 -32.37 -3.22
C ARG D 353 19.65 -33.55 -2.30
N VAL D 354 18.86 -33.28 -1.26
CA VAL D 354 18.42 -34.30 -0.31
C VAL D 354 16.95 -34.56 -0.58
N PHE D 355 16.66 -35.61 -1.33
CA PHE D 355 15.30 -35.96 -1.71
C PHE D 355 14.80 -37.13 -0.86
N PRO D 356 13.59 -37.05 -0.31
CA PRO D 356 12.69 -35.90 -0.44
C PRO D 356 13.00 -34.78 0.54
N ALA D 357 12.71 -33.54 0.15
CA ALA D 357 12.93 -32.37 0.99
C ALA D 357 11.61 -32.01 1.66
N ILE D 358 11.29 -32.74 2.72
CA ILE D 358 10.03 -32.58 3.44
C ILE D 358 10.32 -31.95 4.79
N ASP D 359 9.54 -30.92 5.15
CA ASP D 359 9.65 -30.30 6.46
C ASP D 359 8.83 -31.12 7.44
N TYR D 360 9.50 -32.03 8.14
CA TYR D 360 8.81 -32.94 9.05
C TYR D 360 8.26 -32.20 10.27
N ASN D 361 8.89 -31.09 10.65
CA ASN D 361 8.48 -30.38 11.86
C ASN D 361 7.11 -29.74 11.68
N ARG D 362 6.90 -29.00 10.60
CA ARG D 362 5.64 -28.30 10.39
C ARG D 362 4.55 -29.19 9.82
N SER D 363 4.89 -30.40 9.39
CA SER D 363 3.90 -31.32 8.88
C SER D 363 3.08 -31.92 10.03
N GLY D 364 1.99 -32.57 9.68
CA GLY D 364 1.12 -33.19 10.66
C GLY D 364 -0.29 -33.35 10.13
N THR D 365 -1.07 -34.12 10.87
CA THR D 365 -2.46 -34.39 10.52
C THR D 365 -3.32 -34.33 11.78
N ARG D 366 -4.45 -33.64 11.68
CA ARG D 366 -5.38 -33.54 12.79
C ARG D 366 -6.24 -34.79 12.88
N LYS D 367 -6.55 -35.19 14.12
CA LYS D 367 -7.32 -36.41 14.37
C LYS D 367 -6.64 -37.64 13.77
N GLU D 368 -5.32 -37.71 13.92
CA GLU D 368 -4.56 -38.81 13.35
C GLU D 368 -4.82 -40.13 14.08
N GLU D 369 -5.40 -40.08 15.28
CA GLU D 369 -5.69 -41.30 16.03
C GLU D 369 -6.79 -42.12 15.38
N LEU D 370 -7.57 -41.53 14.48
CA LEU D 370 -8.64 -42.25 13.79
C LEU D 370 -8.14 -43.07 12.61
N LEU D 371 -6.86 -42.93 12.24
CA LEU D 371 -6.29 -43.67 11.13
C LEU D 371 -5.12 -44.56 11.54
N THR D 372 -4.67 -44.48 12.79
CA THR D 372 -3.55 -45.29 13.27
C THR D 372 -3.93 -45.93 14.59
N THR D 373 -3.25 -47.03 14.91
CA THR D 373 -3.49 -47.73 16.15
C THR D 373 -2.84 -46.99 17.32
N GLN D 374 -3.04 -47.53 18.53
CA GLN D 374 -2.48 -46.89 19.72
C GLN D 374 -0.96 -46.96 19.74
N GLU D 375 -0.41 -48.15 19.51
CA GLU D 375 1.04 -48.30 19.53
C GLU D 375 1.69 -47.54 18.38
N GLU D 376 1.05 -47.52 17.21
CA GLU D 376 1.58 -46.76 16.08
C GLU D 376 1.58 -45.27 16.39
N LEU D 377 0.50 -44.77 16.99
CA LEU D 377 0.45 -43.35 17.36
C LEU D 377 1.50 -43.02 18.41
N GLN D 378 1.71 -43.92 19.38
CA GLN D 378 2.74 -43.68 20.39
C GLN D 378 4.13 -43.66 19.78
N LYS D 379 4.40 -44.57 18.85
CA LYS D 379 5.70 -44.58 18.17
C LYS D 379 5.90 -43.33 17.33
N MET D 380 4.85 -42.87 16.64
CA MET D 380 4.95 -41.63 15.88
C MET D 380 5.20 -40.43 16.78
N TRP D 381 4.54 -40.40 17.95
CA TRP D 381 4.76 -39.32 18.90
C TRP D 381 6.19 -39.33 19.42
N ILE D 382 6.73 -40.52 19.73
CA ILE D 382 8.11 -40.62 20.20
C ILE D 382 9.07 -40.18 19.09
N LEU D 383 8.81 -40.59 17.85
CA LEU D 383 9.67 -40.19 16.74
C LEU D 383 9.64 -38.67 16.54
N ARG D 384 8.47 -38.05 16.69
CA ARG D 384 8.37 -36.61 16.55
C ARG D 384 9.10 -35.90 17.69
N LYS D 385 8.98 -36.43 18.91
CA LYS D 385 9.67 -35.81 20.04
C LYS D 385 11.18 -35.97 19.94
N ILE D 386 11.65 -37.02 19.27
CA ILE D 386 13.08 -37.19 19.07
C ILE D 386 13.58 -36.31 17.93
N ILE D 387 12.76 -36.16 16.87
CA ILE D 387 13.18 -35.39 15.70
C ILE D 387 13.12 -33.89 15.95
N HIS D 388 12.16 -33.43 16.76
CA HIS D 388 11.95 -32.01 16.97
C HIS D 388 13.19 -31.24 17.40
N PRO D 389 14.01 -31.71 18.35
CA PRO D 389 15.19 -30.92 18.73
C PRO D 389 16.20 -30.74 17.60
N MET D 390 16.38 -31.75 16.76
CA MET D 390 17.36 -31.66 15.69
C MET D 390 16.91 -30.71 14.61
N GLY D 391 17.87 -30.19 13.85
CA GLY D 391 17.56 -29.31 12.75
C GLY D 391 16.90 -30.03 11.60
N GLU D 392 16.36 -29.24 10.67
CA GLU D 392 15.61 -29.81 9.55
C GLU D 392 16.49 -30.72 8.69
N ILE D 393 17.64 -30.20 8.24
CA ILE D 393 18.52 -31.00 7.40
C ILE D 393 19.06 -32.20 8.16
N ASP D 394 19.46 -31.98 9.42
CA ASP D 394 19.96 -33.07 10.25
C ASP D 394 18.90 -34.13 10.49
N ALA D 395 17.66 -33.71 10.77
CA ALA D 395 16.58 -34.67 10.99
C ALA D 395 16.30 -35.46 9.72
N MET D 396 16.31 -34.79 8.56
CA MET D 396 16.08 -35.49 7.30
C MET D 396 17.18 -36.50 7.01
N GLU D 397 18.44 -36.12 7.25
CA GLU D 397 19.54 -37.05 7.05
C GLU D 397 19.43 -38.24 7.99
N PHE D 398 19.09 -37.99 9.26
CA PHE D 398 18.91 -39.07 10.22
C PHE D 398 17.80 -40.01 9.78
N LEU D 399 16.65 -39.45 9.37
CA LEU D 399 15.53 -40.29 8.95
C LEU D 399 15.88 -41.11 7.71
N ILE D 400 16.59 -40.52 6.75
CA ILE D 400 16.98 -41.26 5.55
C ILE D 400 17.95 -42.38 5.91
N ASN D 401 18.94 -42.09 6.75
CA ASN D 401 19.93 -43.11 7.11
C ASN D 401 19.31 -44.22 7.93
N LYS D 402 18.26 -43.91 8.70
CA LYS D 402 17.61 -44.95 9.49
C LYS D 402 16.60 -45.75 8.68
N LEU D 403 15.97 -45.15 7.67
CA LEU D 403 15.04 -45.89 6.84
C LEU D 403 15.76 -46.70 5.76
N ALA D 404 16.99 -46.31 5.41
CA ALA D 404 17.74 -47.09 4.43
C ALA D 404 18.22 -48.43 5.00
N MET D 405 18.27 -48.57 6.33
CA MET D 405 18.76 -49.81 6.92
C MET D 405 17.74 -50.94 6.80
N THR D 406 16.46 -50.63 6.86
CA THR D 406 15.40 -51.63 6.82
C THR D 406 14.44 -51.35 5.67
N LYS D 407 13.48 -52.26 5.49
CA LYS D 407 12.48 -52.12 4.44
C LYS D 407 11.16 -51.55 4.96
N THR D 408 10.75 -51.96 6.15
CA THR D 408 9.49 -51.51 6.74
C THR D 408 9.77 -50.59 7.92
N ASN D 409 8.81 -49.69 8.18
CA ASN D 409 8.96 -48.74 9.27
C ASN D 409 8.75 -49.42 10.62
N ASP D 410 8.09 -50.58 10.64
CA ASP D 410 7.90 -51.30 11.91
C ASP D 410 9.23 -51.74 12.50
N ASP D 411 10.16 -52.20 11.66
CA ASP D 411 11.48 -52.56 12.16
C ASP D 411 12.22 -51.35 12.70
N PHE D 412 12.09 -50.21 12.04
CA PHE D 412 12.72 -48.98 12.55
C PHE D 412 12.15 -48.60 13.91
N PHE D 413 10.82 -48.66 14.05
CA PHE D 413 10.20 -48.33 15.33
C PHE D 413 10.61 -49.31 16.41
N GLU D 414 10.75 -50.58 16.07
CA GLU D 414 11.17 -51.58 17.05
C GLU D 414 12.63 -51.38 17.45
N MET D 415 13.48 -50.94 16.52
CA MET D 415 14.87 -50.70 16.84
C MET D 415 15.08 -49.39 17.59
N MET D 416 14.15 -48.44 17.45
CA MET D 416 14.29 -47.18 18.18
C MET D 416 14.15 -47.38 19.68
N LYS D 417 13.31 -48.33 20.10
CA LYS D 417 13.12 -48.61 21.51
C LYS D 417 14.30 -49.39 22.08
N MET E 1 -50.87 -33.33 17.80
CA MET E 1 -50.44 -32.91 16.47
C MET E 1 -49.47 -31.73 16.55
N ASN E 2 -48.18 -32.05 16.66
CA ASN E 2 -47.12 -31.05 16.76
C ASN E 2 -46.17 -31.20 15.58
N LEU E 3 -45.62 -30.08 15.13
CA LEU E 3 -44.72 -30.10 13.97
C LEU E 3 -43.41 -30.79 14.30
N THR E 4 -42.82 -30.45 15.45
CA THR E 4 -41.54 -31.05 15.82
C THR E 4 -41.67 -32.56 16.06
N GLU E 5 -42.82 -33.00 16.57
CA GLU E 5 -43.01 -34.44 16.77
C GLU E 5 -43.00 -35.19 15.45
N LEU E 6 -43.64 -34.63 14.42
CA LEU E 6 -43.62 -35.26 13.10
C LEU E 6 -42.26 -35.12 12.44
N LYS E 7 -41.51 -34.06 12.77
CA LYS E 7 -40.16 -33.90 12.24
C LYS E 7 -39.19 -34.89 12.85
N ASN E 8 -39.39 -35.28 14.10
CA ASN E 8 -38.49 -36.23 14.75
C ASN E 8 -38.78 -37.67 14.33
N THR E 9 -39.97 -37.94 13.82
CA THR E 9 -40.31 -39.30 13.39
C THR E 9 -39.49 -39.69 12.17
N PRO E 10 -39.15 -40.97 12.02
CA PRO E 10 -38.38 -41.40 10.85
C PRO E 10 -39.21 -41.38 9.58
N VAL E 11 -38.53 -41.64 8.46
CA VAL E 11 -39.18 -41.58 7.16
C VAL E 11 -40.10 -42.78 6.95
N SER E 12 -39.66 -43.96 7.43
CA SER E 12 -40.43 -45.18 7.18
C SER E 12 -41.79 -45.13 7.87
N GLU E 13 -41.81 -44.70 9.14
CA GLU E 13 -43.08 -44.62 9.86
C GLU E 13 -44.01 -43.58 9.25
N LEU E 14 -43.46 -42.46 8.78
CA LEU E 14 -44.28 -41.45 8.14
C LEU E 14 -44.87 -41.96 6.82
N ILE E 15 -44.06 -42.70 6.04
CA ILE E 15 -44.57 -43.30 4.81
C ILE E 15 -45.68 -44.29 5.11
N THR E 16 -45.48 -45.10 6.15
CA THR E 16 -46.50 -46.08 6.53
C THR E 16 -47.79 -45.40 6.96
N LEU E 17 -47.67 -44.34 7.76
CA LEU E 17 -48.85 -43.61 8.23
C LEU E 17 -49.57 -42.96 7.05
N GLY E 18 -48.83 -42.37 6.12
CA GLY E 18 -49.45 -41.78 4.95
C GLY E 18 -50.14 -42.79 4.07
N GLU E 19 -49.54 -43.96 3.90
CA GLU E 19 -50.19 -45.01 3.12
C GLU E 19 -51.45 -45.54 3.83
N ASN E 20 -51.43 -45.58 5.16
CA ASN E 20 -52.64 -45.98 5.89
C ASN E 20 -53.72 -44.92 5.80
N MET E 21 -53.34 -43.64 5.70
CA MET E 21 -54.34 -42.59 5.60
C MET E 21 -54.99 -42.57 4.21
N GLY E 22 -54.41 -43.27 3.24
CA GLY E 22 -55.00 -43.33 1.92
C GLY E 22 -54.75 -42.10 1.07
N LEU E 23 -53.48 -41.83 0.78
CA LEU E 23 -53.09 -40.70 -0.04
C LEU E 23 -52.23 -41.18 -1.21
N GLU E 24 -51.66 -40.23 -1.95
CA GLU E 24 -50.78 -40.58 -3.06
C GLU E 24 -49.52 -41.27 -2.54
N ASN E 25 -48.88 -42.03 -3.42
CA ASN E 25 -47.67 -42.78 -3.08
C ASN E 25 -46.61 -41.86 -2.47
N LEU E 26 -46.25 -42.13 -1.23
CA LEU E 26 -45.30 -41.31 -0.48
C LEU E 26 -43.87 -41.82 -0.55
N ALA E 27 -43.64 -42.98 -1.18
CA ALA E 27 -42.28 -43.48 -1.31
C ALA E 27 -41.42 -42.55 -2.16
N ARG E 28 -41.96 -42.08 -3.27
CA ARG E 28 -41.28 -41.10 -4.12
C ARG E 28 -41.69 -39.68 -3.75
N MET E 29 -41.57 -39.34 -2.47
CA MET E 29 -41.96 -38.02 -1.98
C MET E 29 -41.00 -37.58 -0.88
N ARG E 30 -40.84 -36.27 -0.74
CA ARG E 30 -39.99 -35.73 0.30
C ARG E 30 -40.68 -35.86 1.67
N LYS E 31 -39.86 -35.93 2.72
CA LYS E 31 -40.41 -36.06 4.07
C LYS E 31 -41.25 -34.86 4.45
N GLN E 32 -40.83 -33.65 4.04
CA GLN E 32 -41.61 -32.46 4.33
C GLN E 32 -42.95 -32.50 3.61
N ASP E 33 -42.96 -32.96 2.35
CA ASP E 33 -44.22 -33.10 1.63
C ASP E 33 -45.11 -34.16 2.25
N ILE E 34 -44.50 -35.24 2.76
CA ILE E 34 -45.27 -36.28 3.46
C ILE E 34 -45.94 -35.69 4.70
N ILE E 35 -45.18 -34.91 5.49
CA ILE E 35 -45.73 -34.30 6.69
C ILE E 35 -46.84 -33.32 6.33
N PHE E 36 -46.64 -32.57 5.24
CA PHE E 36 -47.65 -31.60 4.80
C PHE E 36 -48.94 -32.32 4.41
N ALA E 37 -48.83 -33.40 3.65
CA ALA E 37 -50.02 -34.16 3.24
C ALA E 37 -50.70 -34.79 4.44
N ILE E 38 -49.93 -35.29 5.40
CA ILE E 38 -50.52 -35.88 6.60
C ILE E 38 -51.27 -34.83 7.40
N LEU E 39 -50.69 -33.63 7.52
CA LEU E 39 -51.38 -32.55 8.22
C LEU E 39 -52.65 -32.14 7.51
N LYS E 40 -52.61 -32.06 6.18
CA LYS E 40 -53.82 -31.74 5.41
C LYS E 40 -54.90 -32.78 5.65
N GLN E 41 -54.54 -34.07 5.55
CA GLN E 41 -55.53 -35.13 5.71
C GLN E 41 -56.08 -35.16 7.13
N HIS E 42 -55.25 -34.83 8.12
CA HIS E 42 -55.72 -34.83 9.50
C HIS E 42 -56.60 -33.63 9.79
N ALA E 43 -56.33 -32.49 9.14
CA ALA E 43 -57.18 -31.31 9.32
C ALA E 43 -58.48 -31.42 8.53
N LYS E 44 -58.52 -32.23 7.47
CA LYS E 44 -59.78 -32.44 6.76
C LYS E 44 -60.80 -33.15 7.64
N SER E 45 -60.35 -33.90 8.65
CA SER E 45 -61.24 -34.57 9.57
C SER E 45 -61.80 -33.65 10.64
N GLY E 46 -61.27 -32.43 10.76
CA GLY E 46 -61.74 -31.46 11.73
C GLY E 46 -60.87 -31.29 12.94
N GLU E 47 -59.81 -32.08 13.10
CA GLU E 47 -58.94 -31.96 14.25
C GLU E 47 -58.04 -30.73 14.13
N ASP E 48 -57.48 -30.32 15.26
CA ASP E 48 -56.62 -29.14 15.31
C ASP E 48 -55.17 -29.53 15.11
N ILE E 49 -54.38 -28.59 14.60
CA ILE E 49 -52.95 -28.77 14.38
C ILE E 49 -52.20 -27.69 15.13
N PHE E 50 -51.10 -28.07 15.77
CA PHE E 50 -50.29 -27.16 16.56
C PHE E 50 -48.87 -27.12 16.01
N GLY E 51 -48.22 -25.97 16.16
CA GLY E 51 -46.87 -25.77 15.70
C GLY E 51 -46.14 -24.80 16.60
N ASP E 52 -44.86 -24.59 16.29
CA ASP E 52 -44.02 -23.70 17.07
C ASP E 52 -42.82 -23.30 16.22
N GLY E 53 -42.08 -22.31 16.70
CA GLY E 53 -40.90 -21.84 15.99
C GLY E 53 -40.54 -20.44 16.43
N VAL E 54 -39.38 -19.99 15.96
CA VAL E 54 -38.87 -18.66 16.26
C VAL E 54 -39.39 -17.68 15.21
N LEU E 55 -39.88 -16.53 15.66
CA LEU E 55 -40.46 -15.55 14.75
C LEU E 55 -39.38 -14.75 14.04
N GLU E 56 -39.58 -14.54 12.74
CA GLU E 56 -38.69 -13.73 11.90
C GLU E 56 -39.56 -12.72 11.15
N ILE E 57 -39.68 -11.52 11.73
CA ILE E 57 -40.50 -10.48 11.11
C ILE E 57 -39.79 -9.94 9.89
N LEU E 58 -40.50 -9.93 8.76
CA LEU E 58 -39.94 -9.41 7.52
C LEU E 58 -40.04 -7.89 7.49
N GLN E 59 -39.43 -7.30 6.46
CA GLN E 59 -39.43 -5.85 6.34
C GLN E 59 -40.82 -5.31 5.97
N ASP E 60 -41.62 -6.11 5.27
CA ASP E 60 -42.94 -5.64 4.86
C ASP E 60 -43.89 -5.54 6.05
N GLY E 61 -43.80 -6.47 7.00
CA GLY E 61 -44.65 -6.44 8.16
C GLY E 61 -45.10 -7.81 8.63
N PHE E 62 -45.03 -8.79 7.76
CA PHE E 62 -45.41 -10.16 8.10
C PHE E 62 -44.18 -10.92 8.60
N GLY E 63 -44.34 -12.21 8.82
CA GLY E 63 -43.22 -13.00 9.32
C GLY E 63 -43.52 -14.48 9.25
N PHE E 64 -42.51 -15.27 9.59
CA PHE E 64 -42.61 -16.72 9.59
C PHE E 64 -42.03 -17.27 10.89
N LEU E 65 -42.30 -18.55 11.13
CA LEU E 65 -41.79 -19.26 12.30
C LEU E 65 -40.74 -20.26 11.82
N ARG E 66 -39.47 -19.85 11.89
CA ARG E 66 -38.38 -20.72 11.47
C ARG E 66 -38.22 -21.90 12.44
N SER E 67 -37.56 -22.95 11.95
CA SER E 67 -37.30 -24.14 12.73
C SER E 67 -35.82 -24.23 13.06
N ALA E 68 -35.52 -24.83 14.23
CA ALA E 68 -34.14 -24.91 14.68
C ALA E 68 -33.38 -26.06 14.03
N ASP E 69 -34.08 -27.11 13.61
CA ASP E 69 -33.40 -28.26 13.01
C ASP E 69 -32.87 -27.95 11.61
N SER E 70 -33.35 -26.88 10.98
CA SER E 70 -32.91 -26.48 9.65
C SER E 70 -32.03 -25.24 9.67
N SER E 71 -31.50 -24.87 10.84
CA SER E 71 -30.63 -23.70 11.00
C SER E 71 -31.32 -22.43 10.53
N TYR E 72 -32.62 -22.33 10.84
CA TYR E 72 -33.43 -21.15 10.52
C TYR E 72 -33.42 -20.84 9.02
N LEU E 73 -33.54 -21.90 8.22
CA LEU E 73 -33.59 -21.77 6.77
C LEU E 73 -35.03 -21.69 6.30
N ALA E 74 -35.24 -20.94 5.21
CA ALA E 74 -36.58 -20.77 4.66
C ALA E 74 -37.14 -22.09 4.18
N GLY E 75 -38.17 -22.58 4.85
CA GLY E 75 -38.79 -23.85 4.50
C GLY E 75 -40.22 -23.70 4.07
N PRO E 76 -40.74 -24.69 3.34
CA PRO E 76 -42.14 -24.63 2.91
C PRO E 76 -43.13 -24.78 4.06
N ASP E 77 -42.71 -25.37 5.18
CA ASP E 77 -43.59 -25.62 6.32
C ASP E 77 -43.53 -24.48 7.34
N ASP E 78 -43.11 -23.28 6.92
CA ASP E 78 -43.09 -22.15 7.83
C ASP E 78 -44.50 -21.65 8.09
N ILE E 79 -44.76 -21.23 9.33
CA ILE E 79 -46.09 -20.76 9.73
C ILE E 79 -46.16 -19.27 9.48
N TYR E 80 -47.11 -18.85 8.65
CA TYR E 80 -47.30 -17.44 8.37
C TYR E 80 -47.90 -16.72 9.58
N VAL E 81 -47.36 -15.54 9.88
CA VAL E 81 -47.82 -14.72 10.99
C VAL E 81 -48.28 -13.39 10.41
N SER E 82 -49.58 -13.12 10.51
CA SER E 82 -50.13 -11.89 9.96
C SER E 82 -49.63 -10.68 10.77
N PRO E 83 -49.48 -9.52 10.12
CA PRO E 83 -49.05 -8.33 10.88
C PRO E 83 -50.09 -7.85 11.87
N SER E 84 -51.35 -8.21 11.68
CA SER E 84 -52.39 -7.83 12.62
C SER E 84 -52.13 -8.42 14.00
N GLN E 85 -51.81 -9.72 14.05
CA GLN E 85 -51.48 -10.35 15.32
C GLN E 85 -50.20 -9.79 15.91
N ILE E 86 -49.24 -9.44 15.05
CA ILE E 86 -47.99 -8.85 15.51
C ILE E 86 -48.26 -7.52 16.21
N ARG E 87 -49.16 -6.73 15.62
CA ARG E 87 -49.56 -5.39 16.13
C ARG E 87 -50.44 -5.56 17.38
N ARG E 88 -51.14 -6.69 17.49
CA ARG E 88 -52.08 -6.96 18.63
C ARG E 88 -51.33 -7.48 19.86
N PHE E 89 -50.24 -8.23 19.66
CA PHE E 89 -49.48 -8.81 20.76
C PHE E 89 -48.08 -8.21 20.90
N ASN E 90 -47.74 -7.21 20.08
CA ASN E 90 -46.43 -6.56 20.12
C ASN E 90 -45.30 -7.58 19.97
N LEU E 91 -45.41 -8.41 18.95
CA LEU E 91 -44.40 -9.43 18.68
C LEU E 91 -43.20 -8.84 17.97
N ARG E 92 -42.02 -9.39 18.26
CA ARG E 92 -40.78 -8.95 17.64
C ARG E 92 -39.98 -10.18 17.22
N THR E 93 -38.94 -9.92 16.43
CA THR E 93 -38.08 -11.00 15.93
C THR E 93 -37.38 -11.69 17.09
N GLY E 94 -37.60 -13.00 17.22
CA GLY E 94 -37.01 -13.80 18.27
C GLY E 94 -38.00 -14.38 19.25
N ASP E 95 -39.23 -13.87 19.29
CA ASP E 95 -40.23 -14.36 20.22
C ASP E 95 -40.67 -15.76 19.83
N THR E 96 -40.53 -16.71 20.76
CA THR E 96 -40.98 -18.07 20.52
C THR E 96 -42.50 -18.13 20.63
N ILE E 97 -43.15 -18.54 19.56
CA ILE E 97 -44.61 -18.59 19.48
C ILE E 97 -45.04 -20.04 19.28
N SER E 98 -46.01 -20.48 20.08
CA SER E 98 -46.56 -21.83 19.98
C SER E 98 -48.08 -21.73 20.06
N GLY E 99 -48.76 -22.06 18.97
CA GLY E 99 -50.20 -21.97 18.94
C GLY E 99 -50.79 -22.85 17.86
N LYS E 100 -52.12 -22.83 17.78
CA LYS E 100 -52.82 -23.63 16.79
C LYS E 100 -52.57 -23.08 15.38
N ILE E 101 -52.40 -23.99 14.42
CA ILE E 101 -52.16 -23.64 13.03
C ILE E 101 -53.16 -24.39 12.16
N ARG E 102 -53.26 -23.95 10.92
CA ARG E 102 -54.17 -24.55 9.94
C ARG E 102 -53.44 -24.66 8.61
N PRO E 103 -53.74 -25.71 7.83
CA PRO E 103 -53.12 -25.85 6.50
C PRO E 103 -53.55 -24.72 5.58
N PRO E 104 -52.74 -24.40 4.58
CA PRO E 104 -53.09 -23.30 3.67
C PRO E 104 -54.27 -23.68 2.78
N LYS E 105 -55.17 -22.72 2.59
CA LYS E 105 -56.35 -22.91 1.76
C LYS E 105 -55.96 -22.72 0.28
N GLU E 106 -56.96 -22.63 -0.59
CA GLU E 106 -56.71 -22.43 -2.00
C GLU E 106 -56.16 -21.02 -2.23
N GLY E 107 -54.97 -20.94 -2.81
CA GLY E 107 -54.30 -19.67 -3.02
C GLY E 107 -53.30 -19.30 -1.97
N GLU E 108 -53.07 -20.15 -0.97
CA GLU E 108 -52.09 -19.91 0.08
C GLU E 108 -50.99 -20.95 0.00
N ARG E 109 -49.84 -20.63 0.60
CA ARG E 109 -48.67 -21.49 0.53
C ARG E 109 -48.08 -21.81 1.90
N TYR E 110 -48.58 -21.23 2.97
CA TYR E 110 -48.01 -21.43 4.30
C TYR E 110 -49.13 -21.54 5.34
N PHE E 111 -48.80 -22.18 6.46
CA PHE E 111 -49.77 -22.33 7.53
C PHE E 111 -50.06 -20.99 8.19
N ALA E 112 -51.31 -20.80 8.61
CA ALA E 112 -51.74 -19.58 9.27
C ALA E 112 -51.86 -19.80 10.78
N LEU E 113 -51.69 -18.73 11.54
CA LEU E 113 -51.78 -18.78 13.00
C LEU E 113 -53.13 -18.21 13.43
N LEU E 114 -53.89 -19.02 14.17
CA LEU E 114 -55.20 -18.60 14.66
C LEU E 114 -55.14 -18.04 16.08
N LYS E 115 -54.63 -18.83 17.02
CA LYS E 115 -54.57 -18.43 18.42
C LYS E 115 -53.21 -18.82 18.99
N VAL E 116 -52.54 -17.87 19.64
CA VAL E 116 -51.24 -18.12 20.26
C VAL E 116 -51.48 -18.61 21.68
N ASN E 117 -50.82 -19.72 22.04
CA ASN E 117 -51.02 -20.33 23.34
C ASN E 117 -49.90 -19.99 24.33
N GLU E 118 -48.65 -19.97 23.87
CA GLU E 118 -47.51 -19.75 24.74
C GLU E 118 -46.50 -18.87 24.04
N VAL E 119 -46.00 -17.85 24.74
CA VAL E 119 -45.03 -16.91 24.20
C VAL E 119 -43.75 -17.01 25.03
N ASN E 120 -42.65 -17.30 24.35
CA ASN E 120 -41.33 -17.40 24.99
C ASN E 120 -41.34 -18.41 26.13
N PHE E 121 -42.05 -19.53 25.92
CA PHE E 121 -42.18 -20.58 26.92
C PHE E 121 -42.76 -20.05 28.23
N ASP E 122 -43.71 -19.12 28.09
CA ASP E 122 -44.33 -18.48 29.25
C ASP E 122 -45.69 -17.96 28.83
N LYS E 123 -46.46 -17.50 29.83
CA LYS E 123 -47.78 -16.96 29.55
C LYS E 123 -47.68 -15.62 28.82
N PRO E 124 -48.61 -15.34 27.91
CA PRO E 124 -48.57 -14.02 27.24
C PRO E 124 -48.80 -12.86 28.19
N GLU E 125 -49.45 -13.09 29.33
CA GLU E 125 -49.66 -12.02 30.29
C GLU E 125 -48.35 -11.59 30.95
N ASN E 126 -47.36 -12.48 30.99
CA ASN E 126 -46.04 -12.11 31.50
C ASN E 126 -45.14 -11.53 30.43
N ALA E 127 -45.43 -11.78 29.15
CA ALA E 127 -44.63 -11.25 28.05
C ALA E 127 -45.12 -9.89 27.58
N ARG E 128 -46.40 -9.58 27.77
CA ARG E 128 -46.92 -8.28 27.36
C ARG E 128 -46.27 -7.16 28.16
N ASN E 129 -45.93 -7.42 29.42
CA ASN E 129 -45.26 -6.44 30.28
C ASN E 129 -43.84 -6.93 30.52
N LYS E 130 -42.88 -6.30 29.86
CA LYS E 130 -41.49 -6.70 29.97
C LYS E 130 -40.59 -5.51 29.65
N ILE E 131 -39.35 -5.57 30.14
CA ILE E 131 -38.35 -4.53 29.92
C ILE E 131 -37.48 -4.94 28.75
N LEU E 132 -37.24 -4.02 27.83
CA LEU E 132 -36.43 -4.30 26.67
C LEU E 132 -34.98 -4.59 27.06
N PHE E 133 -34.26 -5.28 26.17
CA PHE E 133 -32.87 -5.62 26.44
C PHE E 133 -31.98 -4.39 26.41
N GLU E 134 -32.34 -3.38 25.63
CA GLU E 134 -31.54 -2.15 25.54
C GLU E 134 -31.62 -1.30 26.80
N ASN E 135 -32.54 -1.59 27.71
CA ASN E 135 -32.69 -0.82 28.93
C ASN E 135 -32.12 -1.50 30.16
N LEU E 136 -31.70 -2.76 30.05
CA LEU E 136 -31.16 -3.47 31.20
C LEU E 136 -29.79 -2.89 31.58
N THR E 137 -29.56 -2.79 32.88
CA THR E 137 -28.32 -2.21 33.39
C THR E 137 -27.19 -3.23 33.29
N PRO E 138 -26.12 -2.97 32.55
CA PRO E 138 -25.02 -3.92 32.46
C PRO E 138 -24.24 -3.98 33.77
N LEU E 139 -23.53 -5.09 33.95
CA LEU E 139 -22.66 -5.29 35.12
C LEU E 139 -21.53 -6.23 34.74
N HIS E 140 -20.54 -6.32 35.63
CA HIS E 140 -19.43 -7.21 35.42
C HIS E 140 -19.82 -8.65 35.80
N ALA E 141 -18.95 -9.59 35.44
CA ALA E 141 -19.19 -10.99 35.78
C ALA E 141 -19.15 -11.19 37.28
N ASN E 142 -20.29 -11.60 37.85
CA ASN E 142 -20.41 -11.83 39.29
C ASN E 142 -20.41 -13.32 39.62
N SER E 143 -21.29 -14.09 39.00
CA SER E 143 -21.37 -15.52 39.26
C SER E 143 -20.21 -16.25 38.59
N ARG E 144 -19.65 -17.23 39.29
CA ARG E 144 -18.52 -17.99 38.78
C ARG E 144 -19.02 -19.21 38.02
N LEU E 145 -18.62 -19.33 36.75
CA LEU E 145 -18.94 -20.49 35.92
C LEU E 145 -17.69 -21.37 35.85
N ARG E 146 -17.54 -22.22 36.86
CA ARG E 146 -16.37 -23.08 36.93
C ARG E 146 -16.43 -24.15 35.83
N MET E 147 -15.30 -24.33 35.14
CA MET E 147 -15.21 -25.25 34.02
C MET E 147 -14.57 -26.59 34.39
N GLU E 148 -14.07 -26.72 35.61
CA GLU E 148 -13.42 -27.95 36.04
C GLU E 148 -14.43 -29.08 36.19
N ARG E 149 -14.12 -30.23 35.59
CA ARG E 149 -15.01 -31.39 35.70
C ARG E 149 -15.06 -31.90 37.12
N GLY E 150 -13.90 -32.27 37.68
CA GLY E 150 -13.82 -32.83 39.01
C GLY E 150 -13.84 -34.34 39.06
N ASN E 151 -14.03 -35.01 37.92
CA ASN E 151 -14.07 -36.47 37.87
C ASN E 151 -12.69 -37.10 37.75
N GLY E 152 -11.62 -36.29 37.71
CA GLY E 152 -10.29 -36.83 37.59
C GLY E 152 -9.96 -37.42 36.25
N SER E 153 -10.66 -37.02 35.20
CA SER E 153 -10.40 -37.54 33.87
C SER E 153 -9.16 -36.89 33.27
N THR E 154 -8.56 -37.58 32.29
CA THR E 154 -7.38 -37.04 31.63
C THR E 154 -7.70 -35.83 30.77
N GLU E 155 -8.95 -35.73 30.29
CA GLU E 155 -9.34 -34.57 29.50
C GLU E 155 -9.62 -33.35 30.36
N ASP E 156 -9.72 -33.52 31.68
CA ASP E 156 -9.96 -32.39 32.57
C ASP E 156 -8.76 -31.47 32.70
N LEU E 157 -7.60 -31.87 32.17
CA LEU E 157 -6.41 -31.02 32.24
C LEU E 157 -6.63 -29.72 31.48
N THR E 158 -7.32 -29.79 30.33
CA THR E 158 -7.59 -28.57 29.57
C THR E 158 -8.47 -27.62 30.35
N ALA E 159 -9.52 -28.13 31.00
CA ALA E 159 -10.40 -27.29 31.80
C ALA E 159 -9.66 -26.71 33.00
N ARG E 160 -8.76 -27.50 33.61
CA ARG E 160 -7.99 -26.99 34.74
C ARG E 160 -7.06 -25.87 34.31
N VAL E 161 -6.39 -26.04 33.16
CA VAL E 161 -5.51 -24.99 32.66
C VAL E 161 -6.30 -23.74 32.30
N LEU E 162 -7.51 -23.93 31.74
CA LEU E 162 -8.35 -22.79 31.40
C LEU E 162 -8.79 -22.04 32.65
N ASP E 163 -9.13 -22.77 33.72
CA ASP E 163 -9.52 -22.13 34.96
C ASP E 163 -8.34 -21.42 35.61
N LEU E 164 -7.14 -21.99 35.53
CA LEU E 164 -5.97 -21.32 36.08
C LEU E 164 -5.53 -20.13 35.26
N ALA E 165 -5.88 -20.11 33.97
CA ALA E 165 -5.44 -19.02 33.10
C ALA E 165 -6.48 -17.90 33.02
N SER E 166 -7.75 -18.26 32.81
CA SER E 166 -8.81 -17.27 32.62
C SER E 166 -10.14 -17.86 33.06
N PRO E 167 -10.53 -17.63 34.32
CA PRO E 167 -11.85 -18.07 34.76
C PRO E 167 -12.95 -17.32 34.02
N ILE E 168 -14.05 -18.02 33.77
CA ILE E 168 -15.16 -17.50 32.99
C ILE E 168 -16.38 -17.39 33.89
N GLY E 169 -17.05 -16.24 33.83
CA GLY E 169 -18.27 -16.02 34.59
C GLY E 169 -19.44 -15.68 33.67
N ARG E 170 -20.59 -15.47 34.30
CA ARG E 170 -21.80 -15.13 33.54
C ARG E 170 -21.68 -13.72 32.98
N GLY E 171 -22.02 -13.56 31.70
CA GLY E 171 -21.93 -12.29 31.03
C GLY E 171 -20.56 -11.93 30.50
N GLN E 172 -19.63 -12.88 30.50
CA GLN E 172 -18.28 -12.61 30.02
C GLN E 172 -18.27 -12.45 28.50
N ARG E 173 -17.37 -11.58 28.02
CA ARG E 173 -17.21 -11.29 26.59
C ARG E 173 -15.73 -11.44 26.26
N GLY E 174 -15.34 -12.67 25.92
CA GLY E 174 -13.96 -13.01 25.67
C GLY E 174 -13.65 -13.29 24.21
N LEU E 175 -12.38 -13.63 23.98
CA LEU E 175 -11.88 -13.94 22.64
C LEU E 175 -10.87 -15.06 22.73
N ILE E 176 -10.98 -16.02 21.80
CA ILE E 176 -10.04 -17.13 21.71
C ILE E 176 -9.18 -16.88 20.48
N VAL E 177 -8.04 -16.23 20.69
CA VAL E 177 -7.11 -15.90 19.62
C VAL E 177 -6.17 -17.07 19.40
N ALA E 178 -6.10 -17.57 18.17
CA ALA E 178 -5.28 -18.72 17.87
C ALA E 178 -5.05 -18.77 16.36
N PRO E 179 -3.82 -19.04 15.92
CA PRO E 179 -3.57 -19.26 14.50
C PRO E 179 -4.20 -20.56 14.04
N PRO E 180 -4.34 -20.78 12.74
CA PRO E 180 -4.92 -22.03 12.25
C PRO E 180 -4.05 -23.23 12.58
N LYS E 181 -4.68 -24.40 12.59
CA LYS E 181 -4.02 -25.67 12.90
C LYS E 181 -3.40 -25.64 14.30
N ALA E 182 -4.13 -25.08 15.28
CA ALA E 182 -3.65 -25.01 16.65
C ALA E 182 -4.40 -25.94 17.59
N GLY E 183 -5.64 -26.29 17.29
CA GLY E 183 -6.44 -27.12 18.17
C GLY E 183 -7.69 -26.44 18.67
N LYS E 184 -8.20 -25.50 17.89
CA LYS E 184 -9.39 -24.76 18.29
C LYS E 184 -10.61 -25.67 18.37
N THR E 185 -10.67 -26.67 17.50
CA THR E 185 -11.84 -27.56 17.48
C THR E 185 -11.93 -28.37 18.77
N MET E 186 -10.83 -29.02 19.15
CA MET E 186 -10.84 -29.83 20.38
C MET E 186 -11.07 -28.95 21.60
N LEU E 187 -10.49 -27.75 21.60
CA LEU E 187 -10.68 -26.85 22.74
C LEU E 187 -12.13 -26.42 22.86
N LEU E 188 -12.77 -26.10 21.74
CA LEU E 188 -14.18 -25.73 21.78
C LEU E 188 -15.06 -26.90 22.19
N GLN E 189 -14.73 -28.10 21.72
CA GLN E 189 -15.48 -29.29 22.13
C GLN E 189 -15.36 -29.50 23.63
N ASN E 190 -14.15 -29.37 24.17
CA ASN E 190 -13.96 -29.55 25.61
C ASN E 190 -14.71 -28.49 26.40
N ILE E 191 -14.69 -27.24 25.93
CA ILE E 191 -15.41 -26.17 26.61
C ILE E 191 -16.90 -26.46 26.62
N ALA E 192 -17.45 -26.87 25.47
CA ALA E 192 -18.88 -27.16 25.39
C ALA E 192 -19.26 -28.33 26.29
N GLN E 193 -18.43 -29.38 26.30
CA GLN E 193 -18.73 -30.53 27.16
C GLN E 193 -18.67 -30.15 28.63
N SER E 194 -17.67 -29.34 29.02
CA SER E 194 -17.57 -28.92 30.41
C SER E 194 -18.74 -28.02 30.80
N ILE E 195 -19.21 -27.16 29.89
CA ILE E 195 -20.37 -26.34 30.18
C ILE E 195 -21.62 -27.19 30.33
N ALA E 196 -21.80 -28.18 29.45
CA ALA E 196 -22.97 -29.03 29.53
C ALA E 196 -22.94 -29.93 30.76
N TYR E 197 -21.74 -30.28 31.25
CA TYR E 197 -21.62 -31.16 32.41
C TYR E 197 -21.75 -30.39 33.72
N ASN E 198 -21.05 -29.27 33.86
CA ASN E 198 -21.04 -28.54 35.12
C ASN E 198 -22.30 -27.69 35.30
N HIS E 199 -22.73 -27.00 34.23
CA HIS E 199 -23.88 -26.11 34.29
C HIS E 199 -24.90 -26.51 33.23
N PRO E 200 -25.67 -27.58 33.50
CA PRO E 200 -26.69 -28.01 32.53
C PRO E 200 -27.90 -27.09 32.46
N ASP E 201 -28.08 -26.19 33.41
CA ASP E 201 -29.24 -25.30 33.42
C ASP E 201 -29.12 -24.17 32.42
N CYS E 202 -27.90 -23.81 32.02
CA CYS E 202 -27.71 -22.71 31.08
C CYS E 202 -28.05 -23.14 29.66
N VAL E 203 -28.54 -22.19 28.87
CA VAL E 203 -28.90 -22.44 27.48
C VAL E 203 -27.65 -22.31 26.63
N LEU E 204 -27.15 -23.43 26.11
CA LEU E 204 -25.94 -23.45 25.30
C LEU E 204 -26.31 -23.39 23.82
N MET E 205 -25.68 -22.46 23.10
CA MET E 205 -25.91 -22.29 21.67
C MET E 205 -24.55 -22.17 20.98
N VAL E 206 -24.28 -23.07 20.05
CA VAL E 206 -23.02 -23.11 19.32
C VAL E 206 -23.30 -22.63 17.90
N LEU E 207 -22.66 -21.53 17.51
CA LEU E 207 -22.81 -20.95 16.18
C LEU E 207 -21.55 -21.23 15.37
N LEU E 208 -21.72 -21.91 14.23
CA LEU E 208 -20.62 -22.24 13.33
C LEU E 208 -20.95 -21.72 11.94
N ILE E 209 -20.36 -20.60 11.56
CA ILE E 209 -20.62 -19.95 10.29
C ILE E 209 -19.44 -20.21 9.36
N ASP E 210 -19.75 -20.62 8.12
CA ASP E 210 -18.75 -20.83 7.08
C ASP E 210 -17.73 -21.89 7.49
N GLU E 211 -18.24 -23.08 7.83
CA GLU E 211 -17.40 -24.21 8.22
C GLU E 211 -17.76 -25.42 7.36
N ARG E 212 -17.01 -26.50 7.55
CA ARG E 212 -17.21 -27.69 6.75
C ARG E 212 -18.41 -28.48 7.25
N PRO E 213 -19.15 -29.14 6.35
CA PRO E 213 -20.31 -29.93 6.81
C PRO E 213 -19.93 -31.07 7.73
N GLU E 214 -18.78 -31.70 7.52
CA GLU E 214 -18.33 -32.76 8.41
C GLU E 214 -18.14 -32.25 9.84
N GLU E 215 -17.48 -31.10 10.02
CA GLU E 215 -17.35 -30.52 11.35
C GLU E 215 -18.70 -30.14 11.94
N VAL E 216 -19.63 -29.68 11.10
CA VAL E 216 -20.97 -29.32 11.59
C VAL E 216 -21.67 -30.55 12.15
N THR E 217 -21.71 -31.64 11.38
CA THR E 217 -22.41 -32.84 11.83
C THR E 217 -21.65 -33.51 12.97
N GLU E 218 -20.34 -33.25 13.09
CA GLU E 218 -19.59 -33.75 14.23
C GLU E 218 -19.99 -33.00 15.50
N MET E 219 -19.99 -31.67 15.44
CA MET E 219 -20.37 -30.88 16.60
C MET E 219 -21.82 -31.12 17.00
N GLN E 220 -22.70 -31.36 16.02
CA GLN E 220 -24.10 -31.57 16.33
C GLN E 220 -24.33 -32.87 17.09
N ARG E 221 -23.50 -33.89 16.83
CA ARG E 221 -23.64 -35.19 17.47
C ARG E 221 -22.68 -35.37 18.64
N LEU E 222 -22.02 -34.30 19.09
CA LEU E 222 -21.05 -34.39 20.18
C LEU E 222 -21.45 -33.59 21.42
N VAL E 223 -21.96 -32.37 21.23
CA VAL E 223 -22.30 -31.50 22.35
C VAL E 223 -23.75 -31.76 22.75
N LYS E 224 -24.06 -31.49 24.01
CA LYS E 224 -25.42 -31.66 24.54
C LYS E 224 -26.11 -30.30 24.59
N GLY E 225 -26.54 -29.86 23.42
CA GLY E 225 -27.21 -28.58 23.31
C GLY E 225 -27.70 -28.31 21.91
N GLU E 226 -27.99 -27.05 21.65
CA GLU E 226 -28.46 -26.61 20.34
C GLU E 226 -27.29 -26.20 19.47
N VAL E 227 -27.33 -26.62 18.20
CA VAL E 227 -26.27 -26.33 17.24
C VAL E 227 -26.90 -25.71 16.01
N VAL E 228 -26.64 -24.42 15.79
CA VAL E 228 -27.07 -23.70 14.61
C VAL E 228 -25.84 -23.33 13.79
N ALA E 229 -25.73 -23.91 12.60
CA ALA E 229 -24.55 -23.74 11.77
C ALA E 229 -24.95 -23.39 10.35
N SER E 230 -23.98 -22.88 9.58
CA SER E 230 -24.18 -22.50 8.18
C SER E 230 -22.87 -22.77 7.44
N THR E 231 -22.87 -23.81 6.62
CA THR E 231 -21.67 -24.22 5.90
C THR E 231 -21.27 -23.17 4.88
N PHE E 232 -20.06 -23.34 4.33
CA PHE E 232 -19.54 -22.40 3.34
C PHE E 232 -20.30 -22.45 2.02
N ASP E 233 -21.08 -23.50 1.77
CA ASP E 233 -21.85 -23.59 0.54
C ASP E 233 -22.98 -22.58 0.48
N GLU E 234 -23.27 -21.88 1.57
CA GLU E 234 -24.32 -20.88 1.61
C GLU E 234 -23.74 -19.48 1.46
N PRO E 235 -24.47 -18.56 0.86
CA PRO E 235 -23.97 -17.19 0.69
C PRO E 235 -23.88 -16.47 2.03
N ALA E 236 -23.23 -15.31 1.99
CA ALA E 236 -23.05 -14.51 3.21
C ALA E 236 -24.37 -13.96 3.71
N SER E 237 -25.38 -13.85 2.83
CA SER E 237 -26.69 -13.38 3.26
C SER E 237 -27.30 -14.32 4.29
N ARG E 238 -27.20 -15.64 4.07
CA ARG E 238 -27.71 -16.59 5.03
C ARG E 238 -26.91 -16.53 6.34
N HIS E 239 -25.60 -16.27 6.24
CA HIS E 239 -24.78 -16.10 7.43
C HIS E 239 -25.29 -14.93 8.27
N VAL E 240 -25.53 -13.79 7.63
CA VAL E 240 -26.02 -12.61 8.33
C VAL E 240 -27.39 -12.90 8.94
N GLN E 241 -28.26 -13.57 8.18
CA GLN E 241 -29.60 -13.88 8.68
C GLN E 241 -29.54 -14.79 9.90
N VAL E 242 -28.69 -15.81 9.86
CA VAL E 242 -28.55 -16.73 10.98
C VAL E 242 -28.00 -16.00 12.20
N ALA E 243 -26.99 -15.16 12.00
CA ALA E 243 -26.43 -14.40 13.12
C ALA E 243 -27.48 -13.50 13.74
N GLU E 244 -28.28 -12.82 12.92
CA GLU E 244 -29.32 -11.94 13.44
C GLU E 244 -30.37 -12.73 14.20
N MET E 245 -30.81 -13.86 13.65
CA MET E 245 -31.81 -14.67 14.34
C MET E 245 -31.28 -15.18 15.68
N VAL E 246 -30.02 -15.63 15.70
CA VAL E 246 -29.44 -16.16 16.94
C VAL E 246 -29.33 -15.06 18.00
N ILE E 247 -28.84 -13.88 17.60
CA ILE E 247 -28.68 -12.82 18.59
C ILE E 247 -30.04 -12.30 19.07
N GLU E 248 -31.05 -12.28 18.19
CA GLU E 248 -32.37 -11.84 18.61
C GLU E 248 -33.00 -12.85 19.57
N LYS E 249 -32.83 -14.15 19.29
CA LYS E 249 -33.33 -15.16 20.21
C LYS E 249 -32.61 -15.07 21.55
N ALA E 250 -31.31 -14.81 21.53
CA ALA E 250 -30.56 -14.66 22.78
C ALA E 250 -31.06 -13.47 23.57
N LYS E 251 -31.31 -12.35 22.90
CA LYS E 251 -31.83 -11.17 23.59
C LYS E 251 -33.21 -11.44 24.18
N ARG E 252 -34.08 -12.12 23.41
CA ARG E 252 -35.42 -12.41 23.91
C ARG E 252 -35.37 -13.37 25.10
N LEU E 253 -34.41 -14.30 25.11
CA LEU E 253 -34.27 -15.20 26.25
C LEU E 253 -33.74 -14.46 27.47
N VAL E 254 -32.75 -13.58 27.28
CA VAL E 254 -32.19 -12.82 28.39
C VAL E 254 -33.26 -11.90 28.98
N GLU E 255 -34.16 -11.38 28.14
CA GLU E 255 -35.24 -10.55 28.64
C GLU E 255 -36.15 -11.29 29.61
N HIS E 256 -36.19 -12.62 29.55
CA HIS E 256 -36.94 -13.43 30.49
C HIS E 256 -36.07 -14.01 31.59
N LYS E 257 -34.95 -13.35 31.90
CA LYS E 257 -34.04 -13.76 32.98
C LYS E 257 -33.50 -15.17 32.75
N LYS E 258 -32.97 -15.41 31.55
CA LYS E 258 -32.36 -16.69 31.21
C LYS E 258 -30.86 -16.51 31.00
N ASP E 259 -30.11 -17.57 31.26
CA ASP E 259 -28.66 -17.57 31.12
C ASP E 259 -28.31 -18.18 29.75
N VAL E 260 -28.00 -17.32 28.79
CA VAL E 260 -27.67 -17.74 27.44
C VAL E 260 -26.15 -17.77 27.28
N ILE E 261 -25.66 -18.82 26.64
CA ILE E 261 -24.23 -18.98 26.36
C ILE E 261 -24.07 -19.23 24.86
N ILE E 262 -23.30 -18.36 24.20
CA ILE E 262 -23.06 -18.45 22.77
C ILE E 262 -21.59 -18.71 22.53
N LEU E 263 -21.27 -19.85 21.93
CA LEU E 263 -19.89 -20.22 21.60
C LEU E 263 -19.68 -19.98 20.12
N LEU E 264 -19.21 -18.77 19.79
CA LEU E 264 -18.96 -18.40 18.41
C LEU E 264 -17.58 -18.89 17.98
N ASP E 265 -17.48 -19.42 16.77
CA ASP E 265 -16.22 -19.91 16.22
C ASP E 265 -15.86 -19.26 14.90
N SER E 266 -16.58 -18.21 14.51
CA SER E 266 -16.41 -17.62 13.20
C SER E 266 -16.54 -16.10 13.19
N ILE E 267 -16.09 -15.42 14.24
CA ILE E 267 -16.18 -13.96 14.32
C ILE E 267 -15.48 -13.35 13.11
N THR E 268 -14.34 -13.90 12.72
CA THR E 268 -13.64 -13.45 11.53
C THR E 268 -14.46 -13.72 10.27
N ARG E 269 -15.03 -14.92 10.18
CA ARG E 269 -15.88 -15.25 9.04
C ARG E 269 -17.14 -14.40 9.01
N LEU E 270 -17.69 -14.09 10.20
CA LEU E 270 -18.86 -13.22 10.25
C LEU E 270 -18.51 -11.81 9.79
N ALA E 271 -17.36 -11.30 10.19
CA ALA E 271 -16.92 -9.99 9.73
C ALA E 271 -16.69 -9.98 8.22
N ARG E 272 -16.12 -11.07 7.69
CA ARG E 272 -15.96 -11.17 6.25
C ARG E 272 -17.30 -11.17 5.53
N ALA E 273 -18.28 -11.90 6.07
CA ALA E 273 -19.61 -11.92 5.48
C ALA E 273 -20.25 -10.54 5.49
N TYR E 274 -20.11 -9.82 6.61
CA TYR E 274 -20.68 -8.48 6.70
C TYR E 274 -19.98 -7.52 5.75
N ASN E 275 -18.66 -7.67 5.59
CA ASN E 275 -17.94 -6.84 4.62
C ASN E 275 -18.30 -7.20 3.19
N THR E 276 -18.75 -8.42 2.94
CA THR E 276 -19.17 -8.81 1.60
C THR E 276 -20.58 -8.34 1.28
N VAL E 277 -21.49 -8.35 2.27
CA VAL E 277 -22.88 -7.97 2.02
C VAL E 277 -23.11 -6.47 2.08
N VAL E 278 -22.13 -5.68 2.53
CA VAL E 278 -22.30 -4.24 2.63
C VAL E 278 -22.08 -3.62 1.24
N PRO E 279 -22.94 -2.70 0.82
CA PRO E 279 -22.73 -2.05 -0.49
C PRO E 279 -21.45 -1.25 -0.51
N ALA E 280 -20.80 -1.22 -1.67
CA ALA E 280 -19.56 -0.48 -1.83
C ALA E 280 -19.82 1.02 -1.75
N SER E 281 -18.97 1.72 -1.00
CA SER E 281 -19.09 3.16 -0.81
C SER E 281 -17.94 3.94 -1.45
N GLY E 282 -17.10 3.28 -2.24
CA GLY E 282 -15.99 3.94 -2.88
C GLY E 282 -14.83 4.28 -1.96
N LYS E 283 -14.85 3.80 -0.72
CA LYS E 283 -13.79 4.06 0.24
C LYS E 283 -13.38 2.75 0.89
N VAL E 284 -12.14 2.31 0.63
CA VAL E 284 -11.62 1.06 1.15
C VAL E 284 -10.43 1.37 2.05
N LEU E 285 -10.44 0.79 3.26
CA LEU E 285 -9.36 0.99 4.20
C LEU E 285 -8.22 0.00 3.93
N THR E 286 -7.21 0.04 4.80
CA THR E 286 -6.07 -0.85 4.67
C THR E 286 -6.48 -2.29 4.90
N GLY E 287 -6.17 -3.16 3.94
CA GLY E 287 -6.47 -4.57 4.02
C GLY E 287 -7.76 -4.99 3.33
N GLY E 288 -8.53 -4.05 2.80
CA GLY E 288 -9.77 -4.41 2.14
C GLY E 288 -10.98 -4.44 3.04
N VAL E 289 -11.01 -3.60 4.07
CA VAL E 289 -12.11 -3.54 5.02
C VAL E 289 -12.89 -2.26 4.80
N ASP E 290 -14.21 -2.37 4.70
CA ASP E 290 -15.04 -1.19 4.54
C ASP E 290 -15.16 -0.43 5.86
N ALA E 291 -15.42 0.87 5.76
CA ALA E 291 -15.49 1.70 6.97
C ALA E 291 -16.70 1.35 7.82
N ASN E 292 -17.80 0.91 7.19
CA ASN E 292 -19.03 0.59 7.91
C ASN E 292 -19.32 -0.91 7.92
N ALA E 293 -18.29 -1.74 7.68
CA ALA E 293 -18.50 -3.18 7.64
C ALA E 293 -18.36 -3.80 9.03
N LEU E 294 -17.51 -3.25 9.88
CA LEU E 294 -17.25 -3.80 11.21
C LEU E 294 -18.27 -3.36 12.26
N HIS E 295 -19.22 -2.50 11.89
CA HIS E 295 -20.19 -2.00 12.86
C HIS E 295 -21.14 -3.11 13.32
N ARG E 296 -21.65 -3.89 12.37
CA ARG E 296 -22.56 -4.99 12.72
C ARG E 296 -21.88 -6.06 13.56
N PRO E 297 -20.68 -6.55 13.22
CA PRO E 297 -20.00 -7.48 14.14
C PRO E 297 -19.65 -6.84 15.47
N LYS E 298 -19.33 -5.53 15.46
CA LYS E 298 -19.08 -4.83 16.72
C LYS E 298 -20.29 -4.90 17.64
N ARG E 299 -21.48 -4.61 17.10
CA ARG E 299 -22.69 -4.69 17.92
C ARG E 299 -23.00 -6.13 18.32
N PHE E 300 -22.81 -7.09 17.41
CA PHE E 300 -23.05 -8.48 17.75
C PHE E 300 -22.16 -8.93 18.90
N PHE E 301 -20.91 -8.47 18.91
CA PHE E 301 -20.00 -8.82 20.00
C PHE E 301 -20.39 -8.10 21.29
N GLY E 302 -20.67 -6.81 21.21
CA GLY E 302 -21.02 -6.02 22.38
C GLY E 302 -22.38 -6.33 22.96
N ALA E 303 -23.19 -7.13 22.27
CA ALA E 303 -24.49 -7.51 22.82
C ALA E 303 -24.34 -8.28 24.12
N ALA E 304 -23.25 -9.02 24.27
CA ALA E 304 -22.99 -9.77 25.48
C ALA E 304 -22.83 -8.84 26.68
N ARG E 305 -23.57 -9.12 27.75
CA ARG E 305 -23.54 -8.31 28.96
C ARG E 305 -24.21 -9.07 30.08
N ASN E 306 -23.89 -8.69 31.31
CA ASN E 306 -24.50 -9.26 32.51
C ASN E 306 -25.60 -8.35 33.00
N VAL E 307 -26.78 -8.92 33.26
CA VAL E 307 -27.95 -8.16 33.66
C VAL E 307 -28.11 -8.26 35.18
N GLU E 308 -28.36 -7.12 35.82
CA GLU E 308 -28.56 -7.12 37.27
C GLU E 308 -29.95 -7.62 37.65
N GLU E 309 -30.97 -7.32 36.84
CA GLU E 309 -32.32 -7.76 37.14
C GLU E 309 -32.45 -9.28 37.04
N GLY E 310 -31.66 -9.90 36.18
CA GLY E 310 -31.73 -11.35 36.01
C GLY E 310 -31.22 -11.82 34.66
N GLY E 311 -30.55 -12.97 34.63
CA GLY E 311 -30.04 -13.51 33.40
C GLY E 311 -28.69 -12.92 33.03
N SER E 312 -28.12 -13.48 31.96
CA SER E 312 -26.81 -13.05 31.47
C SER E 312 -26.67 -13.54 30.04
N LEU E 313 -25.68 -12.98 29.34
CA LEU E 313 -25.38 -13.34 27.96
C LEU E 313 -23.87 -13.45 27.79
N THR E 314 -23.39 -14.65 27.56
CA THR E 314 -21.97 -14.92 27.38
C THR E 314 -21.68 -15.25 25.93
N ILE E 315 -20.68 -14.57 25.36
CA ILE E 315 -20.28 -14.77 23.97
C ILE E 315 -18.78 -15.02 23.95
N ILE E 316 -18.37 -16.22 23.55
CA ILE E 316 -16.97 -16.60 23.45
C ILE E 316 -16.68 -16.81 21.96
N ALA E 317 -16.01 -15.84 21.34
CA ALA E 317 -15.70 -15.89 19.92
C ALA E 317 -14.23 -16.25 19.74
N THR E 318 -13.95 -17.04 18.69
CA THR E 318 -12.59 -17.46 18.37
C THR E 318 -12.13 -16.69 17.14
N ALA E 319 -11.13 -15.83 17.33
CA ALA E 319 -10.60 -15.02 16.24
C ALA E 319 -9.45 -15.74 15.54
N LEU E 320 -9.29 -15.47 14.26
CA LEU E 320 -8.26 -16.07 13.44
C LEU E 320 -7.15 -15.07 13.16
N ILE E 321 -5.90 -15.50 13.35
CA ILE E 321 -4.73 -14.68 13.10
C ILE E 321 -3.73 -15.50 12.28
N ASP E 322 -2.79 -14.80 11.66
CA ASP E 322 -1.72 -15.42 10.88
C ASP E 322 -2.28 -16.30 9.76
N THR E 323 -3.38 -15.85 9.17
CA THR E 323 -4.04 -16.58 8.09
C THR E 323 -3.54 -16.16 6.71
N GLY E 324 -2.55 -15.27 6.64
CA GLY E 324 -2.03 -14.79 5.37
C GLY E 324 -2.81 -13.67 4.73
N SER E 325 -3.97 -13.30 5.29
CA SER E 325 -4.78 -12.22 4.75
C SER E 325 -4.71 -11.03 5.70
N LYS E 326 -4.42 -9.85 5.13
CA LYS E 326 -4.32 -8.65 5.96
C LYS E 326 -5.67 -8.21 6.50
N MET E 327 -6.76 -8.60 5.82
CA MET E 327 -8.10 -8.24 6.28
C MET E 327 -8.39 -8.86 7.64
N ASP E 328 -8.07 -10.15 7.80
CA ASP E 328 -8.26 -10.81 9.08
C ASP E 328 -7.37 -10.20 10.16
N GLU E 329 -6.16 -9.79 9.80
CA GLU E 329 -5.29 -9.14 10.77
C GLU E 329 -5.87 -7.81 11.23
N VAL E 330 -6.43 -7.03 10.30
CA VAL E 330 -7.06 -5.76 10.69
C VAL E 330 -8.27 -6.01 11.57
N ILE E 331 -9.06 -7.03 11.23
CA ILE E 331 -10.24 -7.35 12.03
C ILE E 331 -9.84 -7.75 13.45
N TYR E 332 -9.11 -8.88 13.49
CA TYR E 332 -8.79 -9.52 14.78
C TYR E 332 -8.53 -8.47 15.85
N GLU E 333 -7.41 -7.77 15.70
CA GLU E 333 -7.05 -6.81 16.76
C GLU E 333 -8.06 -5.66 16.72
N GLU E 334 -8.64 -5.33 15.55
CA GLU E 334 -9.69 -4.29 15.56
C GLU E 334 -10.60 -4.58 16.75
N PHE E 335 -10.87 -5.87 16.99
CA PHE E 335 -11.68 -6.27 18.17
C PHE E 335 -10.76 -6.61 19.34
N LYS E 336 -9.43 -6.57 19.16
CA LYS E 336 -8.61 -6.87 20.33
C LYS E 336 -8.91 -5.91 21.47
N GLY E 337 -9.05 -4.63 21.15
CA GLY E 337 -9.46 -3.66 22.20
C GLY E 337 -10.92 -3.86 22.56
N THR E 338 -11.61 -4.74 21.81
CA THR E 338 -13.05 -5.01 22.07
C THR E 338 -13.20 -6.42 22.63
N GLY E 339 -12.76 -6.64 23.87
CA GLY E 339 -12.91 -7.95 24.53
C GLY E 339 -12.14 -7.97 25.83
N ASN E 340 -12.80 -8.30 26.95
CA ASN E 340 -12.10 -8.23 28.23
C ASN E 340 -11.48 -9.57 28.63
N MET E 341 -11.22 -10.45 27.67
CA MET E 341 -10.59 -11.73 27.95
C MET E 341 -9.94 -12.25 26.68
N GLU E 342 -8.66 -12.56 26.75
CA GLU E 342 -7.91 -13.08 25.61
C GLU E 342 -7.21 -14.36 26.02
N LEU E 343 -7.51 -15.45 25.32
CA LEU E 343 -6.89 -16.75 25.56
C LEU E 343 -6.09 -17.11 24.31
N HIS E 344 -4.81 -16.75 24.31
CA HIS E 344 -3.96 -16.97 23.16
C HIS E 344 -3.44 -18.39 23.11
N LEU E 345 -3.32 -18.94 21.91
CA LEU E 345 -2.76 -20.25 21.68
C LEU E 345 -1.52 -20.12 20.80
N SER E 346 -0.48 -20.88 21.13
CA SER E 346 0.81 -20.79 20.45
C SER E 346 0.92 -21.90 19.41
N ARG E 347 1.28 -21.53 18.19
CA ARG E 347 1.50 -22.53 17.14
C ARG E 347 2.77 -23.32 17.39
N LYS E 348 3.79 -22.69 17.98
CA LYS E 348 5.04 -23.38 18.26
C LYS E 348 4.82 -24.52 19.24
N ILE E 349 3.95 -24.33 20.23
CA ILE E 349 3.66 -25.39 21.18
C ILE E 349 2.79 -26.48 20.53
N ALA E 350 1.91 -26.09 19.61
CA ALA E 350 1.07 -27.07 18.94
C ALA E 350 1.89 -27.95 17.99
N GLU E 351 2.94 -27.39 17.41
CA GLU E 351 3.80 -28.18 16.53
C GLU E 351 4.57 -29.25 17.30
N LYS E 352 4.82 -29.05 18.59
CA LYS E 352 5.49 -30.03 19.43
C LYS E 352 4.53 -31.09 19.95
N ARG E 353 3.26 -31.06 19.51
CA ARG E 353 2.24 -32.03 19.94
C ARG E 353 2.06 -32.00 21.45
N VAL E 354 2.07 -30.80 22.03
CA VAL E 354 1.86 -30.59 23.46
C VAL E 354 0.47 -29.99 23.62
N PHE E 355 -0.51 -30.82 23.92
CA PHE E 355 -1.88 -30.38 24.08
C PHE E 355 -2.24 -30.29 25.56
N PRO E 356 -2.89 -29.20 25.99
CA PRO E 356 -3.26 -28.06 25.14
C PRO E 356 -2.11 -27.07 24.93
N ALA E 357 -2.11 -26.40 23.78
CA ALA E 357 -1.08 -25.41 23.44
C ALA E 357 -1.65 -24.02 23.75
N ILE E 358 -1.62 -23.67 25.03
CA ILE E 358 -2.17 -22.42 25.51
C ILE E 358 -1.03 -21.50 25.92
N ASP E 359 -1.10 -20.24 25.47
CA ASP E 359 -0.13 -19.23 25.86
C ASP E 359 -0.55 -18.67 27.21
N TYR E 360 0.02 -19.22 28.29
CA TYR E 360 -0.39 -18.81 29.63
C TYR E 360 0.07 -17.39 29.94
N ASN E 361 1.17 -16.94 29.31
CA ASN E 361 1.71 -15.62 29.62
C ASN E 361 0.76 -14.50 29.17
N ARG E 362 0.31 -14.55 27.92
CA ARG E 362 -0.54 -13.48 27.40
C ARG E 362 -2.00 -13.64 27.79
N SER E 363 -2.37 -14.77 28.37
CA SER E 363 -3.74 -14.96 28.81
C SER E 363 -4.00 -14.18 30.11
N GLY E 364 -5.27 -14.08 30.47
CA GLY E 364 -5.66 -13.36 31.66
C GLY E 364 -7.09 -12.88 31.57
N THR E 365 -7.60 -12.43 32.72
CA THR E 365 -8.95 -11.92 32.83
C THR E 365 -8.96 -10.67 33.70
N ARG E 366 -9.65 -9.64 33.24
CA ARG E 366 -9.77 -8.40 33.99
C ARG E 366 -10.84 -8.54 35.06
N LYS E 367 -10.60 -7.91 36.22
CA LYS E 367 -11.49 -7.98 37.37
C LYS E 367 -11.71 -9.43 37.81
N GLU E 368 -10.62 -10.20 37.83
CA GLU E 368 -10.70 -11.60 38.20
C GLU E 368 -10.99 -11.80 39.68
N GLU E 369 -10.81 -10.76 40.50
CA GLU E 369 -11.08 -10.89 41.93
C GLU E 369 -12.57 -11.03 42.22
N LEU E 370 -13.44 -10.70 41.26
CA LEU E 370 -14.87 -10.84 41.45
C LEU E 370 -15.37 -12.26 41.22
N LEU E 371 -14.52 -13.15 40.75
CA LEU E 371 -14.90 -14.54 40.50
C LEU E 371 -14.10 -15.54 41.32
N THR E 372 -13.07 -15.09 42.04
CA THR E 372 -12.23 -15.97 42.84
C THR E 372 -12.07 -15.39 44.23
N THR E 373 -11.76 -16.26 45.18
CA THR E 373 -11.55 -15.84 46.56
C THR E 373 -10.18 -15.18 46.72
N GLN E 374 -9.91 -14.71 47.93
CA GLN E 374 -8.64 -14.03 48.20
C GLN E 374 -7.47 -14.99 48.11
N GLU E 375 -7.57 -16.14 48.78
CA GLU E 375 -6.47 -17.11 48.76
C GLU E 375 -6.29 -17.69 47.36
N GLU E 376 -7.39 -17.93 46.65
CA GLU E 376 -7.28 -18.44 45.28
C GLU E 376 -6.61 -17.42 44.37
N LEU E 377 -6.96 -16.14 44.51
CA LEU E 377 -6.31 -15.10 43.71
C LEU E 377 -4.83 -14.97 44.05
N GLN E 378 -4.48 -15.10 45.33
CA GLN E 378 -3.08 -15.03 45.73
C GLN E 378 -2.30 -16.20 45.16
N LYS E 379 -2.89 -17.41 45.20
CA LYS E 379 -2.22 -18.58 44.62
C LYS E 379 -2.06 -18.45 43.12
N MET E 380 -3.07 -17.91 42.43
CA MET E 380 -2.94 -17.70 40.99
C MET E 380 -1.86 -16.66 40.69
N TRP E 381 -1.78 -15.61 41.50
CA TRP E 381 -0.73 -14.60 41.31
C TRP E 381 0.66 -15.21 41.50
N ILE E 382 0.81 -16.04 42.53
CA ILE E 382 2.10 -16.69 42.78
C ILE E 382 2.45 -17.63 41.62
N LEU E 383 1.46 -18.38 41.13
CA LEU E 383 1.71 -19.29 40.01
C LEU E 383 2.10 -18.52 38.76
N ARG E 384 1.47 -17.36 38.52
CA ARG E 384 1.84 -16.55 37.36
C ARG E 384 3.24 -15.97 37.52
N LYS E 385 3.60 -15.54 38.73
CA LYS E 385 4.94 -14.99 38.95
C LYS E 385 6.01 -16.07 38.86
N ILE E 386 5.66 -17.32 39.14
CA ILE E 386 6.62 -18.41 38.98
C ILE E 386 6.72 -18.83 37.52
N ILE E 387 5.60 -18.82 36.80
CA ILE E 387 5.59 -19.28 35.42
C ILE E 387 6.20 -18.25 34.47
N HIS E 388 6.04 -16.96 34.76
CA HIS E 388 6.48 -15.89 33.86
C HIS E 388 7.94 -15.98 33.45
N PRO E 389 8.91 -16.24 34.35
CA PRO E 389 10.30 -16.30 33.90
C PRO E 389 10.57 -17.43 32.91
N MET E 390 9.93 -18.58 33.09
CA MET E 390 10.18 -19.72 32.22
C MET E 390 9.60 -19.48 30.83
N GLY E 391 10.15 -20.19 29.85
CA GLY E 391 9.65 -20.10 28.49
C GLY E 391 8.29 -20.74 28.34
N GLU E 392 7.66 -20.46 27.18
CA GLU E 392 6.30 -20.93 26.94
C GLU E 392 6.23 -22.46 26.96
N ILE E 393 7.07 -23.12 26.16
CA ILE E 393 7.05 -24.57 26.10
C ILE E 393 7.46 -25.18 27.45
N ASP E 394 8.48 -24.59 28.07
CA ASP E 394 8.92 -25.08 29.38
C ASP E 394 7.84 -24.91 30.43
N ALA E 395 7.16 -23.75 30.44
CA ALA E 395 6.09 -23.52 31.41
C ALA E 395 4.93 -24.48 31.17
N MET E 396 4.60 -24.75 29.91
CA MET E 396 3.51 -25.68 29.62
C MET E 396 3.87 -27.10 30.07
N GLU E 397 5.11 -27.52 29.81
CA GLU E 397 5.54 -28.84 30.26
C GLU E 397 5.52 -28.94 31.78
N PHE E 398 5.99 -27.89 32.46
CA PHE E 398 5.97 -27.88 33.92
C PHE E 398 4.54 -27.97 34.45
N LEU E 399 3.63 -27.18 33.87
CA LEU E 399 2.25 -27.20 34.32
C LEU E 399 1.61 -28.55 34.09
N ILE E 400 1.86 -29.17 32.94
CA ILE E 400 1.29 -30.48 32.65
C ILE E 400 1.83 -31.53 33.62
N ASN E 401 3.15 -31.52 33.86
CA ASN E 401 3.75 -32.50 34.74
C ASN E 401 3.29 -32.31 36.18
N LYS E 402 2.97 -31.07 36.58
CA LYS E 402 2.52 -30.83 37.94
C LYS E 402 1.03 -31.11 38.10
N LEU E 403 0.24 -30.94 37.05
CA LEU E 403 -1.19 -31.25 37.13
C LEU E 403 -1.47 -32.73 36.95
N ALA E 404 -0.55 -33.46 36.30
CA ALA E 404 -0.74 -34.90 36.16
C ALA E 404 -0.55 -35.64 37.48
N MET E 405 0.13 -35.02 38.45
CA MET E 405 0.38 -35.71 39.72
C MET E 405 -0.87 -35.81 40.58
N THR E 406 -1.74 -34.80 40.52
CA THR E 406 -2.93 -34.74 41.34
C THR E 406 -4.18 -34.63 40.47
N LYS E 407 -5.34 -34.65 41.13
CA LYS E 407 -6.61 -34.54 40.43
C LYS E 407 -7.18 -33.12 40.49
N THR E 408 -7.04 -32.44 41.62
CA THR E 408 -7.56 -31.10 41.81
C THR E 408 -6.42 -30.09 41.87
N ASN E 409 -6.72 -28.86 41.47
CA ASN E 409 -5.70 -27.81 41.48
C ASN E 409 -5.40 -27.32 42.90
N ASP E 410 -6.32 -27.58 43.84
CA ASP E 410 -6.08 -27.18 45.22
C ASP E 410 -4.88 -27.92 45.81
N ASP E 411 -4.75 -29.21 45.51
CA ASP E 411 -3.60 -29.96 45.97
C ASP E 411 -2.30 -29.44 45.37
N PHE E 412 -2.34 -29.06 44.08
CA PHE E 412 -1.16 -28.47 43.45
C PHE E 412 -0.77 -27.16 44.13
N PHE E 413 -1.77 -26.30 44.39
CA PHE E 413 -1.49 -25.03 45.06
C PHE E 413 -0.94 -25.26 46.46
N GLU E 414 -1.45 -26.26 47.18
CA GLU E 414 -0.97 -26.55 48.51
C GLU E 414 0.44 -27.11 48.49
N MET E 415 0.79 -27.88 47.45
CA MET E 415 2.13 -28.44 47.34
C MET E 415 3.13 -27.41 46.84
N MET E 416 2.67 -26.37 46.15
CA MET E 416 3.60 -25.33 45.68
C MET E 416 4.19 -24.56 46.85
N LYS E 417 3.41 -24.34 47.91
CA LYS E 417 3.89 -23.62 49.07
C LYS E 417 4.84 -24.48 49.91
N MET F 1 -42.94 22.61 40.88
CA MET F 1 -43.13 21.82 39.67
C MET F 1 -41.91 21.92 38.77
N ASN F 2 -40.95 21.03 38.97
CA ASN F 2 -39.72 20.98 38.19
C ASN F 2 -39.63 19.64 37.46
N LEU F 3 -39.03 19.67 36.28
CA LEU F 3 -38.92 18.46 35.47
C LEU F 3 -37.97 17.45 36.10
N THR F 4 -36.80 17.92 36.55
CA THR F 4 -35.81 17.02 37.14
C THR F 4 -36.32 16.40 38.44
N GLU F 5 -37.13 17.14 39.20
CA GLU F 5 -37.69 16.59 40.43
C GLU F 5 -38.62 15.43 40.14
N LEU F 6 -39.45 15.55 39.09
CA LEU F 6 -40.32 14.44 38.71
C LEU F 6 -39.54 13.31 38.06
N LYS F 7 -38.42 13.62 37.41
CA LYS F 7 -37.57 12.58 36.84
C LYS F 7 -36.84 11.78 37.91
N ASN F 8 -36.51 12.40 39.04
CA ASN F 8 -35.80 11.69 40.11
C ASN F 8 -36.75 10.83 40.94
N THR F 9 -38.05 11.12 40.92
CA THR F 9 -39.01 10.35 41.68
C THR F 9 -39.12 8.93 41.12
N PRO F 10 -39.40 7.94 41.96
CA PRO F 10 -39.52 6.56 41.47
C PRO F 10 -40.82 6.36 40.69
N VAL F 11 -40.94 5.17 40.11
CA VAL F 11 -42.09 4.87 39.26
C VAL F 11 -43.35 4.66 40.11
N SER F 12 -43.19 4.01 41.27
CA SER F 12 -44.34 3.67 42.10
C SER F 12 -45.04 4.91 42.62
N GLU F 13 -44.27 5.88 43.12
CA GLU F 13 -44.87 7.11 43.64
C GLU F 13 -45.52 7.92 42.52
N LEU F 14 -44.94 7.92 41.32
CA LEU F 14 -45.55 8.63 40.20
C LEU F 14 -46.87 7.96 39.79
N ILE F 15 -46.90 6.63 39.77
CA ILE F 15 -48.13 5.91 39.46
C ILE F 15 -49.20 6.22 40.50
N THR F 16 -48.81 6.22 41.77
CA THR F 16 -49.76 6.53 42.84
C THR F 16 -50.31 7.95 42.71
N LEU F 17 -49.43 8.91 42.42
CA LEU F 17 -49.86 10.29 42.26
C LEU F 17 -50.80 10.44 41.07
N GLY F 18 -50.48 9.77 39.96
CA GLY F 18 -51.35 9.83 38.79
C GLY F 18 -52.70 9.20 39.03
N GLU F 19 -52.74 8.08 39.78
CA GLU F 19 -54.01 7.47 40.12
C GLU F 19 -54.82 8.35 41.06
N ASN F 20 -54.15 9.07 41.97
CA ASN F 20 -54.86 10.00 42.83
C ASN F 20 -55.39 11.20 42.06
N MET F 21 -54.68 11.62 41.01
CA MET F 21 -55.16 12.75 40.21
C MET F 21 -56.36 12.38 39.35
N GLY F 22 -56.64 11.09 39.21
CA GLY F 22 -57.80 10.66 38.44
C GLY F 22 -57.59 10.71 36.94
N LEU F 23 -56.65 9.92 36.44
CA LEU F 23 -56.35 9.84 35.02
C LEU F 23 -56.45 8.39 34.56
N GLU F 24 -56.05 8.14 33.32
CA GLU F 24 -56.03 6.79 32.79
C GLU F 24 -55.03 5.93 33.55
N ASN F 25 -55.24 4.61 33.49
CA ASN F 25 -54.39 3.65 34.18
C ASN F 25 -52.93 3.84 33.81
N LEU F 26 -52.10 4.18 34.80
CA LEU F 26 -50.69 4.47 34.57
C LEU F 26 -49.78 3.27 34.80
N ALA F 27 -50.33 2.14 35.25
CA ALA F 27 -49.50 0.96 35.44
C ALA F 27 -48.94 0.45 34.12
N ARG F 28 -49.76 0.42 33.08
CA ARG F 28 -49.31 0.06 31.73
C ARG F 28 -48.94 1.30 30.93
N MET F 29 -48.07 2.14 31.50
CA MET F 29 -47.66 3.38 30.85
C MET F 29 -46.20 3.64 31.16
N ARG F 30 -45.54 4.36 30.25
CA ARG F 30 -44.15 4.73 30.46
C ARG F 30 -44.04 5.84 31.49
N LYS F 31 -42.88 5.90 32.17
CA LYS F 31 -42.67 6.92 33.18
C LYS F 31 -42.72 8.32 32.59
N GLN F 32 -42.16 8.49 31.38
CA GLN F 32 -42.21 9.79 30.72
C GLN F 32 -43.64 10.19 30.40
N ASP F 33 -44.45 9.23 29.93
CA ASP F 33 -45.86 9.52 29.66
C ASP F 33 -46.60 9.84 30.95
N ILE F 34 -46.26 9.16 32.05
CA ILE F 34 -46.87 9.46 33.34
C ILE F 34 -46.56 10.88 33.75
N ILE F 35 -45.29 11.28 33.63
CA ILE F 35 -44.90 12.65 33.99
C ILE F 35 -45.61 13.65 33.10
N PHE F 36 -45.73 13.34 31.80
CA PHE F 36 -46.40 14.25 30.88
C PHE F 36 -47.87 14.43 31.25
N ALA F 37 -48.55 13.32 31.58
CA ALA F 37 -49.95 13.41 31.97
C ALA F 37 -50.12 14.16 33.28
N ILE F 38 -49.20 13.95 34.23
CA ILE F 38 -49.26 14.66 35.50
C ILE F 38 -49.07 16.16 35.28
N LEU F 39 -48.14 16.53 34.41
CA LEU F 39 -47.92 17.94 34.11
C LEU F 39 -49.14 18.55 33.44
N LYS F 40 -49.76 17.81 32.51
CA LYS F 40 -50.98 18.29 31.86
C LYS F 40 -52.08 18.52 32.89
N GLN F 41 -52.31 17.54 33.77
CA GLN F 41 -53.38 17.66 34.75
C GLN F 41 -53.10 18.77 35.75
N HIS F 42 -51.83 19.01 36.07
CA HIS F 42 -51.50 20.08 37.01
C HIS F 42 -51.61 21.45 36.37
N ALA F 43 -51.33 21.54 35.06
CA ALA F 43 -51.49 22.81 34.35
C ALA F 43 -52.95 23.11 34.03
N LYS F 44 -53.80 22.08 33.95
CA LYS F 44 -55.23 22.34 33.75
C LYS F 44 -55.84 23.08 34.94
N SER F 45 -55.23 22.94 36.12
CA SER F 45 -55.71 23.65 37.30
C SER F 45 -55.27 25.11 37.34
N GLY F 46 -54.37 25.52 36.46
CA GLY F 46 -53.90 26.89 36.40
C GLY F 46 -52.53 27.13 36.99
N GLU F 47 -51.91 26.13 37.60
CA GLU F 47 -50.59 26.32 38.19
C GLU F 47 -49.51 26.38 37.11
N ASP F 48 -48.36 26.90 37.49
CA ASP F 48 -47.24 27.04 36.57
C ASP F 48 -46.33 25.82 36.62
N ILE F 49 -45.64 25.57 35.50
CA ILE F 49 -44.70 24.46 35.39
C ILE F 49 -43.34 25.04 34.99
N PHE F 50 -42.29 24.50 35.61
CA PHE F 50 -40.93 24.95 35.37
C PHE F 50 -40.09 23.79 34.87
N GLY F 51 -39.09 24.12 34.05
CA GLY F 51 -38.19 23.12 33.50
C GLY F 51 -36.81 23.72 33.29
N ASP F 52 -35.89 22.87 32.83
CA ASP F 52 -34.51 23.28 32.60
C ASP F 52 -33.87 22.29 31.65
N GLY F 53 -32.69 22.66 31.15
CA GLY F 53 -31.96 21.80 30.24
C GLY F 53 -30.96 22.59 29.44
N VAL F 54 -30.14 21.86 28.70
CA VAL F 54 -29.10 22.45 27.85
C VAL F 54 -29.69 22.71 26.48
N LEU F 55 -29.44 23.90 25.94
CA LEU F 55 -30.02 24.29 24.66
C LEU F 55 -29.24 23.67 23.50
N GLU F 56 -29.99 23.18 22.50
CA GLU F 56 -29.43 22.59 21.29
C GLU F 56 -30.13 23.26 20.10
N ILE F 57 -29.51 24.33 19.58
CA ILE F 57 -30.09 25.06 18.47
C ILE F 57 -29.96 24.23 17.19
N LEU F 58 -31.09 24.02 16.51
CA LEU F 58 -31.10 23.27 15.27
C LEU F 58 -30.65 24.16 14.11
N GLN F 59 -30.49 23.53 12.94
CA GLN F 59 -30.03 24.26 11.77
C GLN F 59 -31.12 25.19 11.23
N ASP F 60 -32.39 24.86 11.43
CA ASP F 60 -33.47 25.69 10.92
C ASP F 60 -33.56 27.01 11.69
N GLY F 61 -33.35 26.97 13.00
CA GLY F 61 -33.42 28.17 13.81
C GLY F 61 -34.01 27.96 15.19
N PHE F 62 -34.76 26.88 15.36
CA PHE F 62 -35.37 26.55 16.64
C PHE F 62 -34.41 25.66 17.44
N GLY F 63 -34.88 25.16 18.58
CA GLY F 63 -34.03 24.32 19.41
C GLY F 63 -34.83 23.66 20.50
N PHE F 64 -34.15 22.78 21.24
CA PHE F 64 -34.74 22.05 22.35
C PHE F 64 -33.83 22.13 23.56
N LEU F 65 -34.35 21.71 24.70
CA LEU F 65 -33.62 21.68 25.96
C LEU F 65 -33.39 20.22 26.33
N ARG F 66 -32.22 19.70 25.97
CA ARG F 66 -31.88 18.31 26.25
C ARG F 66 -31.68 18.10 27.75
N SER F 67 -31.78 16.86 28.18
CA SER F 67 -31.61 16.48 29.57
C SER F 67 -30.30 15.70 29.74
N ALA F 68 -29.69 15.85 30.92
CA ALA F 68 -28.41 15.21 31.17
C ALA F 68 -28.54 13.74 31.55
N ASP F 69 -29.68 13.35 32.13
CA ASP F 69 -29.86 11.97 32.55
C ASP F 69 -30.05 11.02 31.37
N SER F 70 -30.36 11.55 30.18
CA SER F 70 -30.56 10.75 28.98
C SER F 70 -29.41 10.90 27.99
N SER F 71 -28.28 11.44 28.43
CA SER F 71 -27.10 11.64 27.58
C SER F 71 -27.42 12.51 26.37
N TYR F 72 -28.25 13.53 26.60
CA TYR F 72 -28.63 14.49 25.56
C TYR F 72 -29.27 13.80 24.36
N LEU F 73 -30.14 12.85 24.64
CA LEU F 73 -30.88 12.13 23.61
C LEU F 73 -32.23 12.80 23.35
N ALA F 74 -32.67 12.73 22.10
CA ALA F 74 -33.94 13.33 21.71
C ALA F 74 -35.10 12.68 22.44
N GLY F 75 -35.74 13.43 23.34
CA GLY F 75 -36.84 12.91 24.12
C GLY F 75 -38.14 13.63 23.82
N PRO F 76 -39.28 12.98 24.15
CA PRO F 76 -40.57 13.64 23.93
C PRO F 76 -40.80 14.81 24.87
N ASP F 77 -40.13 14.85 26.01
CA ASP F 77 -40.31 15.91 27.01
C ASP F 77 -39.35 17.07 26.82
N ASP F 78 -38.81 17.23 25.61
CA ASP F 78 -37.93 18.37 25.33
C ASP F 78 -38.74 19.65 25.23
N ILE F 79 -38.17 20.74 25.75
CA ILE F 79 -38.83 22.04 25.77
C ILE F 79 -38.48 22.78 24.47
N TYR F 80 -39.51 23.12 23.70
CA TYR F 80 -39.29 23.85 22.46
C TYR F 80 -38.90 25.29 22.76
N VAL F 81 -37.90 25.78 22.02
CA VAL F 81 -37.40 27.15 22.16
C VAL F 81 -37.59 27.83 20.82
N SER F 82 -38.46 28.84 20.78
CA SER F 82 -38.73 29.54 19.54
C SER F 82 -37.51 30.36 19.12
N PRO F 83 -37.31 30.54 17.81
CA PRO F 83 -36.17 31.35 17.36
C PRO F 83 -36.30 32.82 17.73
N SER F 84 -37.52 33.29 17.97
CA SER F 84 -37.72 34.68 18.38
C SER F 84 -37.02 34.96 19.70
N GLN F 85 -37.21 34.08 20.69
CA GLN F 85 -36.53 34.26 21.97
C GLN F 85 -35.03 34.10 21.82
N ILE F 86 -34.58 33.21 20.93
CA ILE F 86 -33.16 33.04 20.68
C ILE F 86 -32.54 34.33 20.16
N ARG F 87 -33.27 34.99 19.25
CA ARG F 87 -32.85 36.26 18.61
C ARG F 87 -32.97 37.41 19.61
N ARG F 88 -33.85 37.28 20.60
CA ARG F 88 -34.12 38.35 21.61
C ARG F 88 -33.08 38.30 22.75
N PHE F 89 -32.59 37.10 23.09
CA PHE F 89 -31.65 36.94 24.19
C PHE F 89 -30.27 36.48 23.71
N ASN F 90 -30.06 36.36 22.39
CA ASN F 90 -28.78 35.94 21.83
C ASN F 90 -28.33 34.61 22.41
N LEU F 91 -29.24 33.64 22.38
CA LEU F 91 -28.94 32.30 22.90
C LEU F 91 -28.14 31.49 21.89
N ARG F 92 -27.27 30.62 22.41
CA ARG F 92 -26.46 29.76 21.58
C ARG F 92 -26.47 28.35 22.15
N THR F 93 -25.97 27.41 21.37
CA THR F 93 -25.93 26.01 21.79
C THR F 93 -25.04 25.85 23.00
N GLY F 94 -25.61 25.34 24.10
CA GLY F 94 -24.90 25.12 25.34
C GLY F 94 -25.38 25.97 26.50
N ASP F 95 -26.14 27.02 26.23
CA ASP F 95 -26.63 27.90 27.29
C ASP F 95 -27.67 27.16 28.13
N THR F 96 -27.43 27.09 29.44
CA THR F 96 -28.39 26.48 30.35
C THR F 96 -29.54 27.44 30.59
N ILE F 97 -30.75 27.01 30.24
CA ILE F 97 -31.95 27.84 30.36
C ILE F 97 -32.91 27.19 31.35
N SER F 98 -33.41 27.99 32.28
CA SER F 98 -34.37 27.53 33.28
C SER F 98 -35.49 28.55 33.38
N GLY F 99 -36.70 28.18 32.97
CA GLY F 99 -37.82 29.10 33.01
C GLY F 99 -39.13 28.37 33.01
N LYS F 100 -40.21 29.15 33.05
CA LYS F 100 -41.55 28.58 33.05
C LYS F 100 -41.86 27.94 31.72
N ILE F 101 -42.54 26.79 31.76
CA ILE F 101 -42.93 26.05 30.57
C ILE F 101 -44.43 25.75 30.66
N ARG F 102 -44.99 25.37 29.51
CA ARG F 102 -46.41 25.03 29.40
C ARG F 102 -46.56 23.78 28.57
N PRO F 103 -47.56 22.95 28.87
CA PRO F 103 -47.80 21.75 28.07
C PRO F 103 -48.19 22.10 26.66
N PRO F 104 -47.96 21.21 25.69
CA PRO F 104 -48.30 21.52 24.30
C PRO F 104 -49.81 21.54 24.10
N LYS F 105 -50.28 22.51 23.32
CA LYS F 105 -51.69 22.66 23.02
C LYS F 105 -52.07 21.69 21.88
N GLU F 106 -53.27 21.86 21.34
CA GLU F 106 -53.72 21.03 20.24
C GLU F 106 -52.90 21.33 18.99
N GLY F 107 -52.24 20.31 18.45
CA GLY F 107 -51.37 20.49 17.30
C GLY F 107 -49.91 20.68 17.62
N GLU F 108 -49.52 20.63 18.91
CA GLU F 108 -48.14 20.75 19.33
C GLU F 108 -47.68 19.46 19.97
N ARG F 109 -46.37 19.26 20.02
CA ARG F 109 -45.78 18.04 20.54
C ARG F 109 -44.74 18.26 21.62
N TYR F 110 -44.38 19.50 21.93
CA TYR F 110 -43.34 19.79 22.90
C TYR F 110 -43.73 21.00 23.73
N PHE F 111 -43.13 21.09 24.92
CA PHE F 111 -43.39 22.20 25.82
C PHE F 111 -42.81 23.49 25.25
N ALA F 112 -43.51 24.59 25.48
CA ALA F 112 -43.07 25.91 25.03
C ALA F 112 -42.49 26.71 26.19
N LEU F 113 -41.59 27.62 25.85
CA LEU F 113 -40.93 28.48 26.84
C LEU F 113 -41.57 29.86 26.81
N LEU F 114 -42.08 30.30 27.96
CA LEU F 114 -42.72 31.61 28.07
C LEU F 114 -41.75 32.68 28.55
N LYS F 115 -41.15 32.48 29.73
CA LYS F 115 -40.24 33.45 30.32
C LYS F 115 -39.04 32.72 30.90
N VAL F 116 -37.84 33.20 30.55
CA VAL F 116 -36.59 32.61 31.03
C VAL F 116 -36.23 33.28 32.35
N ASN F 117 -35.93 32.47 33.37
CA ASN F 117 -35.63 33.00 34.69
C ASN F 117 -34.14 33.05 34.99
N GLU F 118 -33.38 32.04 34.57
CA GLU F 118 -31.96 31.95 34.88
C GLU F 118 -31.21 31.41 33.68
N VAL F 119 -30.11 32.07 33.33
CA VAL F 119 -29.28 31.69 32.19
C VAL F 119 -27.90 31.31 32.69
N ASN F 120 -27.47 30.09 32.39
CA ASN F 120 -26.15 29.58 32.78
C ASN F 120 -25.94 29.68 34.29
N PHE F 121 -26.99 29.39 35.04
CA PHE F 121 -26.96 29.44 36.51
C PHE F 121 -26.57 30.84 36.99
N ASP F 122 -27.04 31.86 36.28
CA ASP F 122 -26.73 33.23 36.62
C ASP F 122 -27.82 34.14 36.05
N LYS F 123 -27.75 35.42 36.41
CA LYS F 123 -28.74 36.36 35.94
C LYS F 123 -28.56 36.63 34.43
N PRO F 124 -29.65 36.84 33.69
CA PRO F 124 -29.49 37.17 32.26
C PRO F 124 -28.77 38.48 32.02
N GLU F 125 -28.79 39.40 32.99
CA GLU F 125 -28.09 40.66 32.82
C GLU F 125 -26.57 40.47 32.82
N ASN F 126 -26.09 39.38 33.44
CA ASN F 126 -24.66 39.06 33.39
C ASN F 126 -24.30 38.23 32.18
N ALA F 127 -25.26 37.55 31.57
CA ALA F 127 -25.02 36.72 30.39
C ALA F 127 -25.14 37.51 29.09
N ARG F 128 -25.94 38.57 29.09
CA ARG F 128 -26.10 39.38 27.88
C ARG F 128 -24.78 40.05 27.50
N ASN F 129 -23.97 40.41 28.48
CA ASN F 129 -22.66 41.02 28.26
C ASN F 129 -21.59 40.02 28.66
N LYS F 130 -20.95 39.40 27.69
CA LYS F 130 -19.94 38.39 27.94
C LYS F 130 -18.98 38.31 26.77
N ILE F 131 -17.79 37.80 27.03
CA ILE F 131 -16.75 37.63 26.03
C ILE F 131 -16.80 36.21 25.51
N LEU F 132 -16.74 36.06 24.20
CA LEU F 132 -16.80 34.73 23.58
C LEU F 132 -15.57 33.92 23.94
N PHE F 133 -15.71 32.59 23.83
CA PHE F 133 -14.59 31.70 24.15
C PHE F 133 -13.47 31.81 23.14
N GLU F 134 -13.79 32.16 21.88
CA GLU F 134 -12.78 32.28 20.84
C GLU F 134 -11.89 33.51 21.02
N ASN F 135 -12.26 34.43 21.91
CA ASN F 135 -11.48 35.64 22.13
C ASN F 135 -10.65 35.61 23.41
N LEU F 136 -10.83 34.60 24.25
CA LEU F 136 -10.07 34.52 25.48
C LEU F 136 -8.60 34.22 25.19
N THR F 137 -7.72 34.86 25.95
CA THR F 137 -6.28 34.69 25.73
C THR F 137 -5.81 33.40 26.36
N PRO F 138 -5.25 32.46 25.58
CA PRO F 138 -4.76 31.21 26.17
C PRO F 138 -3.51 31.44 26.99
N LEU F 139 -3.25 30.49 27.89
CA LEU F 139 -2.06 30.51 28.73
C LEU F 139 -1.69 29.08 29.10
N HIS F 140 -0.51 28.93 29.67
CA HIS F 140 -0.05 27.63 30.12
C HIS F 140 -0.67 27.30 31.48
N ALA F 141 -0.51 26.04 31.90
CA ALA F 141 -1.02 25.60 33.19
C ALA F 141 -0.30 26.32 34.32
N ASN F 142 -1.05 27.11 35.09
CA ASN F 142 -0.49 27.87 36.20
C ASN F 142 -0.85 27.24 37.55
N SER F 143 -2.14 27.00 37.80
CA SER F 143 -2.57 26.41 39.05
C SER F 143 -2.26 24.92 39.08
N ARG F 144 -1.80 24.43 40.22
CA ARG F 144 -1.44 23.03 40.38
C ARG F 144 -2.66 22.23 40.85
N LEU F 145 -3.04 21.21 40.07
CA LEU F 145 -4.12 20.30 40.44
C LEU F 145 -3.50 19.01 40.95
N ARG F 146 -3.16 19.00 42.24
CA ARG F 146 -2.52 17.85 42.84
C ARG F 146 -3.49 16.68 42.93
N MET F 147 -3.02 15.50 42.54
CA MET F 147 -3.85 14.30 42.49
C MET F 147 -3.63 13.39 43.69
N GLU F 148 -2.66 13.70 44.56
CA GLU F 148 -2.36 12.85 45.71
C GLU F 148 -3.48 12.95 46.74
N ARG F 149 -3.96 11.78 47.20
CA ARG F 149 -5.01 11.75 48.21
C ARG F 149 -4.51 12.30 49.54
N GLY F 150 -3.45 11.70 50.07
CA GLY F 150 -2.91 12.09 51.36
C GLY F 150 -3.44 11.30 52.54
N ASN F 151 -4.41 10.40 52.32
CA ASN F 151 -4.97 9.60 53.39
C ASN F 151 -4.17 8.33 53.67
N GLY F 152 -3.07 8.10 52.95
CA GLY F 152 -2.28 6.92 53.18
C GLY F 152 -2.91 5.63 52.72
N SER F 153 -3.86 5.69 51.79
CA SER F 153 -4.51 4.49 51.30
C SER F 153 -3.61 3.75 50.31
N THR F 154 -3.89 2.45 50.15
CA THR F 154 -3.09 1.64 49.23
C THR F 154 -3.35 2.03 47.78
N GLU F 155 -4.53 2.57 47.48
CA GLU F 155 -4.84 3.01 46.13
C GLU F 155 -4.19 4.34 45.78
N ASP F 156 -3.66 5.05 46.78
CA ASP F 156 -3.00 6.34 46.53
C ASP F 156 -1.66 6.17 45.81
N LEU F 157 -1.16 4.93 45.69
CA LEU F 157 0.11 4.71 45.00
C LEU F 157 0.01 5.13 43.53
N THR F 158 -1.13 4.87 42.90
CA THR F 158 -1.31 5.28 41.51
C THR F 158 -1.26 6.80 41.37
N ALA F 159 -1.94 7.51 42.26
CA ALA F 159 -1.92 8.97 42.21
C ALA F 159 -0.53 9.51 42.49
N ARG F 160 0.20 8.87 43.41
CA ARG F 160 1.56 9.32 43.71
C ARG F 160 2.48 9.12 42.50
N VAL F 161 2.37 7.97 41.84
CA VAL F 161 3.17 7.72 40.65
C VAL F 161 2.80 8.70 39.53
N LEU F 162 1.51 9.02 39.41
CA LEU F 162 1.07 9.97 38.39
C LEU F 162 1.64 11.36 38.67
N ASP F 163 1.64 11.76 39.94
CA ASP F 163 2.21 13.06 40.30
C ASP F 163 3.71 13.10 40.08
N LEU F 164 4.41 11.99 40.38
CA LEU F 164 5.85 11.96 40.15
C LEU F 164 6.20 11.87 38.66
N ALA F 165 5.28 11.39 37.84
CA ALA F 165 5.57 11.22 36.41
C ALA F 165 5.10 12.43 35.61
N SER F 166 3.88 12.89 35.83
CA SER F 166 3.30 13.97 35.05
C SER F 166 2.28 14.72 35.89
N PRO F 167 2.68 15.79 36.56
CA PRO F 167 1.72 16.61 37.29
C PRO F 167 0.74 17.29 36.33
N ILE F 168 -0.50 17.43 36.78
CA ILE F 168 -1.58 17.96 35.98
C ILE F 168 -2.04 19.28 36.57
N GLY F 169 -2.20 20.30 35.72
CA GLY F 169 -2.68 21.60 36.14
C GLY F 169 -3.94 21.98 35.38
N ARG F 170 -4.45 23.16 35.71
CA ARG F 170 -5.66 23.67 35.07
C ARG F 170 -5.36 24.05 33.62
N GLY F 171 -6.22 23.63 32.71
CA GLY F 171 -6.04 23.90 31.30
C GLY F 171 -5.11 22.94 30.58
N GLN F 172 -4.72 21.85 31.21
CA GLN F 172 -3.81 20.90 30.59
C GLN F 172 -4.51 20.13 29.48
N ARG F 173 -3.75 19.79 28.44
CA ARG F 173 -4.24 19.04 27.28
C ARG F 173 -3.30 17.86 27.07
N GLY F 174 -3.61 16.75 27.74
CA GLY F 174 -2.76 15.57 27.72
C GLY F 174 -3.35 14.41 26.96
N LEU F 175 -2.61 13.31 26.97
CA LEU F 175 -3.00 12.08 26.29
C LEU F 175 -2.57 10.88 27.12
N ILE F 176 -3.45 9.90 27.24
CA ILE F 176 -3.16 8.65 27.95
C ILE F 176 -3.02 7.58 26.88
N VAL F 177 -1.79 7.35 26.45
CA VAL F 177 -1.49 6.36 25.42
C VAL F 177 -1.27 5.01 26.09
N ALA F 178 -2.03 4.00 25.66
CA ALA F 178 -1.94 2.68 26.27
C ALA F 178 -2.54 1.66 25.31
N PRO F 179 -1.89 0.51 25.13
CA PRO F 179 -2.50 -0.57 24.35
C PRO F 179 -3.69 -1.15 25.08
N PRO F 180 -4.54 -1.92 24.40
CA PRO F 180 -5.69 -2.53 25.08
C PRO F 180 -5.25 -3.54 26.13
N LYS F 181 -6.16 -3.79 27.07
CA LYS F 181 -5.93 -4.72 28.19
C LYS F 181 -4.74 -4.29 29.03
N ALA F 182 -4.61 -2.99 29.29
CA ALA F 182 -3.51 -2.47 30.09
C ALA F 182 -3.95 -1.99 31.48
N GLY F 183 -5.21 -1.58 31.63
CA GLY F 183 -5.67 -1.07 32.91
C GLY F 183 -6.16 0.36 32.81
N LYS F 184 -6.63 0.76 31.63
CA LYS F 184 -7.09 2.13 31.43
C LYS F 184 -8.33 2.42 32.27
N THR F 185 -9.19 1.41 32.46
CA THR F 185 -10.42 1.63 33.22
C THR F 185 -10.14 1.96 34.67
N MET F 186 -9.30 1.14 35.33
CA MET F 186 -8.97 1.39 36.73
C MET F 186 -8.22 2.71 36.89
N LEU F 187 -7.33 3.02 35.94
CA LEU F 187 -6.59 4.27 36.01
C LEU F 187 -7.52 5.47 35.88
N LEU F 188 -8.48 5.41 34.96
CA LEU F 188 -9.43 6.51 34.81
C LEU F 188 -10.32 6.63 36.03
N GLN F 189 -10.73 5.49 36.61
CA GLN F 189 -11.52 5.53 37.83
C GLN F 189 -10.75 6.18 38.97
N ASN F 190 -9.48 5.83 39.12
CA ASN F 190 -8.66 6.42 40.17
C ASN F 190 -8.46 7.91 39.94
N ILE F 191 -8.25 8.32 38.69
CA ILE F 191 -8.09 9.74 38.38
C ILE F 191 -9.36 10.50 38.73
N ALA F 192 -10.52 9.95 38.34
CA ALA F 192 -11.78 10.64 38.62
C ALA F 192 -12.04 10.73 40.12
N GLN F 193 -11.76 9.65 40.86
CA GLN F 193 -11.97 9.68 42.30
C GLN F 193 -11.03 10.69 42.97
N SER F 194 -9.77 10.74 42.53
CA SER F 194 -8.84 11.71 43.10
C SER F 194 -9.24 13.14 42.77
N ILE F 195 -9.77 13.37 41.57
CA ILE F 195 -10.23 14.72 41.24
C ILE F 195 -11.44 15.10 42.08
N ALA F 196 -12.37 14.16 42.26
CA ALA F 196 -13.56 14.45 43.06
C ALA F 196 -13.23 14.63 44.54
N TYR F 197 -12.17 13.99 45.01
CA TYR F 197 -11.80 14.08 46.42
C TYR F 197 -10.96 15.33 46.71
N ASN F 198 -9.93 15.58 45.90
CA ASN F 198 -9.03 16.70 46.16
C ASN F 198 -9.63 18.03 45.73
N HIS F 199 -10.26 18.08 44.56
CA HIS F 199 -10.82 19.32 44.02
C HIS F 199 -12.30 19.11 43.71
N PRO F 200 -13.15 19.17 44.75
CA PRO F 200 -14.59 19.00 44.53
C PRO F 200 -15.25 20.20 43.89
N ASP F 201 -14.59 21.36 43.84
CA ASP F 201 -15.17 22.56 43.27
C ASP F 201 -15.19 22.54 41.75
N CYS F 202 -14.32 21.77 41.11
CA CYS F 202 -14.25 21.73 39.67
C CYS F 202 -15.39 20.89 39.09
N VAL F 203 -15.83 21.27 37.90
CA VAL F 203 -16.92 20.57 37.22
C VAL F 203 -16.32 19.40 36.46
N LEU F 204 -16.59 18.19 36.93
CA LEU F 204 -16.06 16.97 36.32
C LEU F 204 -17.07 16.39 35.35
N MET F 205 -16.62 16.11 34.13
CA MET F 205 -17.46 15.54 33.08
C MET F 205 -16.71 14.40 32.43
N VAL F 206 -17.29 13.19 32.49
CA VAL F 206 -16.69 11.99 31.94
C VAL F 206 -17.46 11.62 30.68
N LEU F 207 -16.75 11.61 29.54
CA LEU F 207 -17.35 11.27 28.25
C LEU F 207 -16.87 9.89 27.83
N LEU F 208 -17.82 8.97 27.62
CA LEU F 208 -17.53 7.61 27.20
C LEU F 208 -18.32 7.31 25.93
N ILE F 209 -17.64 7.37 24.79
CA ILE F 209 -18.26 7.16 23.48
C ILE F 209 -17.90 5.77 22.99
N ASP F 210 -18.92 5.03 22.52
CA ASP F 210 -18.74 3.71 21.91
C ASP F 210 -18.11 2.73 22.91
N GLU F 211 -18.76 2.58 24.06
CA GLU F 211 -18.30 1.67 25.10
C GLU F 211 -19.45 0.73 25.48
N ARG F 212 -19.15 -0.22 26.37
CA ARG F 212 -20.13 -1.21 26.75
C ARG F 212 -21.10 -0.62 27.77
N PRO F 213 -22.38 -1.04 27.75
CA PRO F 213 -23.33 -0.49 28.73
C PRO F 213 -22.97 -0.84 30.17
N GLU F 214 -22.40 -2.02 30.42
CA GLU F 214 -21.97 -2.36 31.76
C GLU F 214 -20.91 -1.40 32.28
N GLU F 215 -19.90 -1.07 31.48
CA GLU F 215 -18.91 -0.09 31.89
C GLU F 215 -19.53 1.28 32.10
N VAL F 216 -20.53 1.65 31.29
CA VAL F 216 -21.20 2.93 31.44
C VAL F 216 -21.90 3.01 32.79
N THR F 217 -22.71 1.99 33.11
CA THR F 217 -23.45 2.02 34.37
C THR F 217 -22.53 1.82 35.56
N GLU F 218 -21.35 1.23 35.34
CA GLU F 218 -20.35 1.15 36.39
C GLU F 218 -19.76 2.52 36.68
N MET F 219 -19.32 3.23 35.64
CA MET F 219 -18.74 4.55 35.82
C MET F 219 -19.76 5.52 36.39
N GLN F 220 -21.03 5.37 36.00
CA GLN F 220 -22.06 6.30 36.47
C GLN F 220 -22.31 6.15 37.96
N ARG F 221 -22.14 4.93 38.50
CA ARG F 221 -22.39 4.66 39.91
C ARG F 221 -21.11 4.64 40.73
N LEU F 222 -19.98 5.08 40.17
CA LEU F 222 -18.70 5.06 40.86
C LEU F 222 -18.12 6.43 41.09
N VAL F 223 -18.15 7.31 40.10
CA VAL F 223 -17.56 8.63 40.20
C VAL F 223 -18.58 9.61 40.76
N LYS F 224 -18.08 10.66 41.41
CA LYS F 224 -18.94 11.69 41.99
C LYS F 224 -18.98 12.89 41.05
N GLY F 225 -19.77 12.74 39.98
CA GLY F 225 -19.89 13.80 39.01
C GLY F 225 -20.89 13.45 37.93
N GLU F 226 -20.80 14.18 36.83
CA GLU F 226 -21.68 13.98 35.68
C GLU F 226 -21.06 12.99 34.71
N VAL F 227 -21.88 12.07 34.22
CA VAL F 227 -21.44 11.04 33.29
C VAL F 227 -22.34 11.08 32.06
N VAL F 228 -21.78 11.50 30.93
CA VAL F 228 -22.47 11.49 29.65
C VAL F 228 -21.79 10.47 28.74
N ALA F 229 -22.51 9.42 28.38
CA ALA F 229 -21.94 8.32 27.61
C ALA F 229 -22.86 7.95 26.46
N SER F 230 -22.30 7.21 25.50
CA SER F 230 -23.04 6.75 24.33
C SER F 230 -22.48 5.37 23.95
N THR F 231 -23.27 4.33 24.21
CA THR F 231 -22.84 2.97 23.95
C THR F 231 -22.67 2.73 22.44
N PHE F 232 -22.05 1.58 22.13
CA PHE F 232 -21.82 1.22 20.74
C PHE F 232 -23.10 0.91 19.97
N ASP F 233 -24.21 0.67 20.66
CA ASP F 233 -25.48 0.40 19.98
C ASP F 233 -26.04 1.63 19.28
N GLU F 234 -25.46 2.80 19.48
CA GLU F 234 -25.91 4.01 18.84
C GLU F 234 -25.03 4.34 17.64
N PRO F 235 -25.59 4.96 16.61
CA PRO F 235 -24.80 5.32 15.43
C PRO F 235 -23.78 6.41 15.74
N ALA F 236 -22.88 6.64 14.79
CA ALA F 236 -21.84 7.64 14.97
C ALA F 236 -22.43 9.05 14.99
N SER F 237 -23.62 9.23 14.41
CA SER F 237 -24.26 10.54 14.44
C SER F 237 -24.56 10.97 15.87
N ARG F 238 -25.06 10.07 16.70
CA ARG F 238 -25.31 10.39 18.10
C ARG F 238 -24.00 10.68 18.83
N HIS F 239 -22.93 9.96 18.46
CA HIS F 239 -21.63 10.23 19.05
C HIS F 239 -21.18 11.65 18.75
N VAL F 240 -21.29 12.06 17.49
CA VAL F 240 -20.90 13.41 17.10
C VAL F 240 -21.76 14.44 17.82
N GLN F 241 -23.07 14.17 17.91
CA GLN F 241 -23.98 15.10 18.57
C GLN F 241 -23.63 15.26 20.05
N VAL F 242 -23.35 14.15 20.72
CA VAL F 242 -23.00 14.19 22.14
C VAL F 242 -21.69 14.93 22.35
N ALA F 243 -20.69 14.67 21.48
CA ALA F 243 -19.41 15.38 21.60
C ALA F 243 -19.61 16.89 21.41
N GLU F 244 -20.41 17.27 20.41
CA GLU F 244 -20.65 18.69 20.18
C GLU F 244 -21.37 19.34 21.36
N MET F 245 -22.40 18.67 21.89
CA MET F 245 -23.11 19.24 23.04
C MET F 245 -22.20 19.37 24.24
N VAL F 246 -21.36 18.37 24.50
CA VAL F 246 -20.47 18.42 25.64
C VAL F 246 -19.46 19.56 25.50
N ILE F 247 -18.85 19.69 24.31
CA ILE F 247 -17.85 20.73 24.15
C ILE F 247 -18.49 22.11 24.17
N GLU F 248 -19.72 22.25 23.66
CA GLU F 248 -20.39 23.54 23.71
C GLU F 248 -20.75 23.91 25.15
N LYS F 249 -21.23 22.94 25.93
CA LYS F 249 -21.51 23.21 27.34
C LYS F 249 -20.23 23.58 28.09
N ALA F 250 -19.12 22.90 27.78
CA ALA F 250 -17.85 23.23 28.41
C ALA F 250 -17.41 24.64 28.07
N LYS F 251 -17.55 25.04 26.80
CA LYS F 251 -17.19 26.39 26.42
C LYS F 251 -18.08 27.42 27.10
N ARG F 252 -19.38 27.15 27.18
CA ARG F 252 -20.29 28.10 27.84
C ARG F 252 -19.98 28.21 29.33
N LEU F 253 -19.56 27.11 29.96
CA LEU F 253 -19.19 27.17 31.37
C LEU F 253 -17.88 27.94 31.56
N VAL F 254 -16.90 27.70 30.69
CA VAL F 254 -15.63 28.42 30.80
C VAL F 254 -15.83 29.91 30.57
N GLU F 255 -16.79 30.27 29.71
CA GLU F 255 -17.09 31.68 29.49
C GLU F 255 -17.57 32.38 30.75
N HIS F 256 -18.10 31.63 31.72
CA HIS F 256 -18.50 32.19 33.01
C HIS F 256 -17.46 31.95 34.10
N LYS F 257 -16.19 31.80 33.71
CA LYS F 257 -15.08 31.62 34.65
C LYS F 257 -15.27 30.38 35.52
N LYS F 258 -15.56 29.26 34.88
CA LYS F 258 -15.69 27.98 35.57
C LYS F 258 -14.56 27.04 35.18
N ASP F 259 -14.22 26.13 36.09
CA ASP F 259 -13.15 25.15 35.88
C ASP F 259 -13.79 23.85 35.44
N VAL F 260 -13.71 23.58 34.13
CA VAL F 260 -14.30 22.39 33.53
C VAL F 260 -13.20 21.35 33.34
N ILE F 261 -13.51 20.10 33.67
CA ILE F 261 -12.60 18.98 33.50
C ILE F 261 -13.31 17.90 32.69
N ILE F 262 -12.74 17.52 31.55
CA ILE F 262 -13.32 16.53 30.66
C ILE F 262 -12.36 15.34 30.59
N LEU F 263 -12.82 14.18 31.03
CA LEU F 263 -12.04 12.95 31.00
C LEU F 263 -12.54 12.11 29.83
N LEU F 264 -11.92 12.30 28.67
CA LEU F 264 -12.30 11.57 27.47
C LEU F 264 -11.60 10.21 27.45
N ASP F 265 -12.32 9.17 27.05
CA ASP F 265 -11.79 7.82 26.97
C ASP F 265 -11.95 7.22 25.59
N SER F 266 -12.33 8.01 24.60
CA SER F 266 -12.66 7.49 23.28
C SER F 266 -12.22 8.40 22.14
N ILE F 267 -11.09 9.11 22.28
CA ILE F 267 -10.60 10.00 21.23
C ILE F 267 -10.45 9.23 19.92
N THR F 268 -9.95 8.00 20.00
CA THR F 268 -9.86 7.15 18.82
C THR F 268 -11.23 6.80 18.28
N ARG F 269 -12.16 6.44 19.17
CA ARG F 269 -13.51 6.12 18.74
C ARG F 269 -14.21 7.36 18.18
N LEU F 270 -13.94 8.53 18.77
CA LEU F 270 -14.51 9.76 18.25
C LEU F 270 -13.98 10.07 16.85
N ALA F 271 -12.68 9.86 16.64
CA ALA F 271 -12.11 10.06 15.31
C ALA F 271 -12.69 9.07 14.30
N ARG F 272 -12.90 7.82 14.72
CA ARG F 272 -13.55 6.85 13.85
C ARG F 272 -14.97 7.27 13.50
N ALA F 273 -15.71 7.78 14.48
CA ALA F 273 -17.07 8.24 14.22
C ALA F 273 -17.07 9.40 13.23
N TYR F 274 -16.14 10.35 13.41
CA TYR F 274 -16.07 11.48 12.49
C TYR F 274 -15.66 11.05 11.09
N ASN F 275 -14.76 10.06 11.00
CA ASN F 275 -14.39 9.54 9.69
C ASN F 275 -15.52 8.74 9.05
N THR F 276 -16.44 8.20 9.85
CA THR F 276 -17.59 7.50 9.31
C THR F 276 -18.68 8.45 8.86
N VAL F 277 -18.90 9.55 9.57
CA VAL F 277 -19.98 10.48 9.24
C VAL F 277 -19.60 11.48 8.16
N VAL F 278 -18.33 11.56 7.79
CA VAL F 278 -17.91 12.53 6.77
C VAL F 278 -18.21 11.95 5.39
N PRO F 279 -18.77 12.74 4.48
CA PRO F 279 -19.05 12.23 3.13
C PRO F 279 -17.76 11.88 2.40
N ALA F 280 -17.84 10.83 1.57
CA ALA F 280 -16.69 10.39 0.81
C ALA F 280 -16.31 11.42 -0.25
N SER F 281 -15.01 11.72 -0.36
CA SER F 281 -14.51 12.69 -1.31
C SER F 281 -13.65 12.04 -2.40
N GLY F 282 -13.63 10.72 -2.48
CA GLY F 282 -12.84 10.04 -3.49
C GLY F 282 -11.35 10.03 -3.24
N LYS F 283 -10.90 10.48 -2.07
CA LYS F 283 -9.49 10.51 -1.73
C LYS F 283 -9.31 9.90 -0.35
N VAL F 284 -8.61 8.77 -0.28
CA VAL F 284 -8.39 8.05 0.96
C VAL F 284 -6.89 7.99 1.22
N LEU F 285 -6.49 8.36 2.44
CA LEU F 285 -5.09 8.33 2.82
C LEU F 285 -4.68 6.94 3.29
N THR F 286 -3.45 6.84 3.76
CA THR F 286 -2.93 5.57 4.24
C THR F 286 -3.64 5.16 5.52
N GLY F 287 -4.19 3.94 5.52
CA GLY F 287 -4.89 3.40 6.67
C GLY F 287 -6.39 3.56 6.64
N GLY F 288 -6.95 4.26 5.65
CA GLY F 288 -8.38 4.46 5.58
C GLY F 288 -8.88 5.69 6.28
N VAL F 289 -8.08 6.75 6.33
CA VAL F 289 -8.44 8.00 7.00
C VAL F 289 -8.71 9.06 5.94
N ASP F 290 -9.83 9.75 6.07
CA ASP F 290 -10.15 10.83 5.13
C ASP F 290 -9.30 12.06 5.43
N ALA F 291 -9.08 12.89 4.40
CA ALA F 291 -8.25 14.06 4.56
C ALA F 291 -8.89 15.10 5.48
N ASN F 292 -10.22 15.17 5.49
CA ASN F 292 -10.94 16.16 6.30
C ASN F 292 -11.69 15.51 7.45
N ALA F 293 -11.31 14.29 7.84
CA ALA F 293 -12.00 13.61 8.93
C ALA F 293 -11.41 13.95 10.30
N LEU F 294 -10.11 14.23 10.36
CA LEU F 294 -9.43 14.50 11.63
C LEU F 294 -9.53 15.96 12.04
N HIS F 295 -10.16 16.82 11.24
CA HIS F 295 -10.25 18.23 11.57
C HIS F 295 -11.15 18.47 12.78
N ARG F 296 -12.32 17.82 12.80
CA ARG F 296 -13.24 17.97 13.93
C ARG F 296 -12.67 17.43 15.23
N PRO F 297 -12.08 16.23 15.28
CA PRO F 297 -11.40 15.82 16.53
C PRO F 297 -10.22 16.71 16.87
N LYS F 298 -9.52 17.24 15.86
CA LYS F 298 -8.43 18.17 16.14
C LYS F 298 -8.94 19.40 16.87
N ARG F 299 -10.03 19.98 16.41
CA ARG F 299 -10.61 21.14 17.09
C ARG F 299 -11.15 20.77 18.46
N PHE F 300 -11.80 19.61 18.58
CA PHE F 300 -12.32 19.18 19.88
C PHE F 300 -11.20 19.04 20.89
N PHE F 301 -10.04 18.54 20.45
CA PHE F 301 -8.90 18.40 21.35
C PHE F 301 -8.29 19.76 21.68
N GLY F 302 -8.10 20.59 20.66
CA GLY F 302 -7.50 21.91 20.87
C GLY F 302 -8.38 22.89 21.59
N ALA F 303 -9.65 22.57 21.80
CA ALA F 303 -10.53 23.46 22.55
C ALA F 303 -10.02 23.68 23.98
N ALA F 304 -9.35 22.69 24.54
CA ALA F 304 -8.79 22.80 25.88
C ALA F 304 -7.73 23.89 25.93
N ARG F 305 -7.87 24.80 26.90
CA ARG F 305 -6.95 25.90 27.07
C ARG F 305 -7.17 26.53 28.43
N ASN F 306 -6.16 27.24 28.92
CA ASN F 306 -6.24 27.97 30.18
C ASN F 306 -6.52 29.43 29.90
N VAL F 307 -7.51 29.98 30.59
CA VAL F 307 -7.96 31.35 30.37
C VAL F 307 -7.36 32.24 31.45
N GLU F 308 -6.81 33.39 31.02
CA GLU F 308 -6.25 34.34 31.98
C GLU F 308 -7.31 35.12 32.72
N GLU F 309 -8.42 35.46 32.04
CA GLU F 309 -9.48 36.22 32.69
C GLU F 309 -10.18 35.41 33.77
N GLY F 310 -10.21 34.09 33.63
CA GLY F 310 -10.86 33.24 34.61
C GLY F 310 -11.32 31.91 34.04
N GLY F 311 -11.22 30.86 34.84
CA GLY F 311 -11.64 29.53 34.41
C GLY F 311 -10.56 28.82 33.62
N SER F 312 -10.85 27.57 33.30
CA SER F 312 -9.92 26.72 32.55
C SER F 312 -10.71 25.55 31.97
N LEU F 313 -10.09 24.86 31.02
CA LEU F 313 -10.69 23.70 30.37
C LEU F 313 -9.63 22.62 30.22
N THR F 314 -9.79 21.52 30.94
CA THR F 314 -8.85 20.41 30.91
C THR F 314 -9.48 19.22 30.20
N ILE F 315 -8.75 18.66 29.24
CA ILE F 315 -9.22 17.52 28.46
C ILE F 315 -8.14 16.46 28.52
N ILE F 316 -8.44 15.31 29.11
CA ILE F 316 -7.53 14.19 29.21
C ILE F 316 -8.13 13.05 28.39
N ALA F 317 -7.58 12.84 27.20
CA ALA F 317 -8.06 11.81 26.29
C ALA F 317 -7.14 10.60 26.33
N THR F 318 -7.73 9.40 26.22
CA THR F 318 -6.98 8.16 26.23
C THR F 318 -6.96 7.60 24.81
N ALA F 319 -5.79 7.57 24.20
CA ALA F 319 -5.63 7.07 22.84
C ALA F 319 -5.33 5.58 22.83
N LEU F 320 -5.77 4.91 21.78
CA LEU F 320 -5.59 3.46 21.63
C LEU F 320 -4.50 3.19 20.59
N ILE F 321 -3.57 2.29 20.95
CA ILE F 321 -2.49 1.88 20.07
C ILE F 321 -2.43 0.36 20.08
N ASP F 322 -1.74 -0.19 19.07
CA ASP F 322 -1.52 -1.63 18.95
C ASP F 322 -2.85 -2.39 18.93
N THR F 323 -3.85 -1.81 18.29
CA THR F 323 -5.17 -2.42 18.18
C THR F 323 -5.33 -3.27 16.93
N GLY F 324 -4.28 -3.43 16.13
CA GLY F 324 -4.35 -4.20 14.91
C GLY F 324 -4.88 -3.46 13.71
N SER F 325 -5.37 -2.24 13.88
CA SER F 325 -5.91 -1.44 12.79
C SER F 325 -4.94 -0.29 12.50
N LYS F 326 -4.59 -0.13 11.22
CA LYS F 326 -3.67 0.92 10.83
C LYS F 326 -4.30 2.30 10.97
N MET F 327 -5.63 2.37 10.89
CA MET F 327 -6.31 3.66 11.03
C MET F 327 -6.08 4.26 12.42
N ASP F 328 -6.21 3.43 13.46
CA ASP F 328 -5.94 3.92 14.81
C ASP F 328 -4.48 4.32 14.99
N GLU F 329 -3.56 3.59 14.35
CA GLU F 329 -2.15 3.96 14.42
C GLU F 329 -1.91 5.32 13.76
N VAL F 330 -2.53 5.57 12.61
CA VAL F 330 -2.39 6.86 11.95
C VAL F 330 -2.98 7.97 12.81
N ILE F 331 -4.13 7.70 13.43
CA ILE F 331 -4.77 8.70 14.29
C ILE F 331 -3.87 9.03 15.47
N TYR F 332 -3.27 8.01 16.07
CA TYR F 332 -2.37 8.23 17.21
C TYR F 332 -1.14 8.99 16.78
N GLU F 333 -0.59 8.62 15.63
CA GLU F 333 0.63 9.30 15.11
C GLU F 333 0.30 10.78 14.88
N GLU F 334 -0.89 11.09 14.38
CA GLU F 334 -1.26 12.46 14.08
C GLU F 334 -1.51 13.25 15.35
N PHE F 335 -2.18 12.65 16.33
CA PHE F 335 -2.49 13.35 17.57
C PHE F 335 -1.32 13.40 18.54
N LYS F 336 -0.23 12.65 18.27
CA LYS F 336 0.90 12.65 19.18
C LYS F 336 1.58 14.02 19.23
N GLY F 337 1.83 14.63 18.07
CA GLY F 337 2.46 15.92 18.01
C GLY F 337 1.57 17.10 18.34
N THR F 338 0.39 16.86 18.90
CA THR F 338 -0.57 17.92 19.20
C THR F 338 -0.62 18.30 20.67
N GLY F 339 -0.77 17.32 21.56
CA GLY F 339 -0.85 17.59 22.98
C GLY F 339 0.50 17.92 23.59
N ASN F 340 0.47 18.17 24.90
CA ASN F 340 1.68 18.50 25.63
C ASN F 340 1.90 17.62 26.85
N MET F 341 1.31 16.43 26.87
CA MET F 341 1.49 15.50 27.97
C MET F 341 1.17 14.09 27.49
N GLU F 342 2.11 13.16 27.65
CA GLU F 342 1.92 11.78 27.25
C GLU F 342 2.23 10.88 28.44
N LEU F 343 1.25 10.07 28.82
CA LEU F 343 1.40 9.11 29.91
C LEU F 343 1.26 7.71 29.31
N HIS F 344 2.40 7.12 28.94
CA HIS F 344 2.40 5.82 28.27
C HIS F 344 2.30 4.69 29.28
N LEU F 345 1.57 3.64 28.91
CA LEU F 345 1.43 2.44 29.71
C LEU F 345 2.00 1.26 28.94
N SER F 346 2.72 0.40 29.64
CA SER F 346 3.41 -0.74 29.02
C SER F 346 2.59 -2.00 29.18
N ARG F 347 2.37 -2.72 28.07
CA ARG F 347 1.65 -3.98 28.13
C ARG F 347 2.51 -5.07 28.79
N LYS F 348 3.82 -5.00 28.61
CA LYS F 348 4.70 -6.01 29.22
C LYS F 348 4.64 -5.95 30.74
N ILE F 349 4.51 -4.74 31.30
CA ILE F 349 4.39 -4.62 32.74
C ILE F 349 3.00 -5.04 33.21
N ALA F 350 1.97 -4.81 32.39
CA ALA F 350 0.62 -5.22 32.77
C ALA F 350 0.47 -6.73 32.75
N GLU F 351 1.20 -7.41 31.85
CA GLU F 351 1.16 -8.86 31.82
C GLU F 351 1.77 -9.49 33.06
N LYS F 352 2.69 -8.80 33.72
CA LYS F 352 3.29 -9.28 34.97
C LYS F 352 2.43 -8.98 36.19
N ARG F 353 1.22 -8.44 35.98
CA ARG F 353 0.30 -8.10 37.07
C ARG F 353 0.94 -7.11 38.05
N VAL F 354 1.66 -6.14 37.51
CA VAL F 354 2.29 -5.09 38.31
C VAL F 354 1.50 -3.82 38.06
N PHE F 355 0.59 -3.50 38.97
CA PHE F 355 -0.26 -2.32 38.85
C PHE F 355 0.24 -1.21 39.76
N PRO F 356 0.35 0.04 39.28
CA PRO F 356 0.02 0.40 37.90
C PRO F 356 1.16 0.13 36.92
N ALA F 357 0.82 -0.16 35.67
CA ALA F 357 1.81 -0.43 34.62
C ALA F 357 2.02 0.85 33.82
N ILE F 358 2.82 1.75 34.37
CA ILE F 358 3.07 3.06 33.79
C ILE F 358 4.50 3.10 33.26
N ASP F 359 4.67 3.58 32.03
CA ASP F 359 5.99 3.75 31.44
C ASP F 359 6.54 5.08 31.93
N TYR F 360 7.34 5.04 33.00
CA TYR F 360 7.84 6.27 33.59
C TYR F 360 8.87 6.94 32.69
N ASN F 361 9.56 6.16 31.85
CA ASN F 361 10.61 6.73 31.01
C ASN F 361 10.04 7.68 29.96
N ARG F 362 9.03 7.22 29.21
CA ARG F 362 8.49 8.04 28.13
C ARG F 362 7.49 9.07 28.62
N SER F 363 7.07 9.01 29.89
CA SER F 363 6.16 9.99 30.43
C SER F 363 6.89 11.30 30.70
N GLY F 364 6.12 12.34 30.95
CA GLY F 364 6.67 13.65 31.22
C GLY F 364 5.67 14.75 30.91
N THR F 365 6.01 15.96 31.36
CA THR F 365 5.19 17.14 31.16
C THR F 365 6.08 18.32 30.78
N ARG F 366 5.66 19.05 29.76
CA ARG F 366 6.39 20.23 29.32
C ARG F 366 6.04 21.42 30.21
N LYS F 367 7.05 22.27 30.46
CA LYS F 367 6.89 23.43 31.34
C LYS F 367 6.43 23.01 32.73
N GLU F 368 7.03 21.92 33.24
CA GLU F 368 6.66 21.41 34.55
C GLU F 368 7.11 22.32 35.68
N GLU F 369 8.04 23.25 35.43
CA GLU F 369 8.50 24.15 36.47
C GLU F 369 7.43 25.15 36.89
N LEU F 370 6.39 25.33 36.08
CA LEU F 370 5.31 26.24 36.41
C LEU F 370 4.29 25.64 37.38
N LEU F 371 4.40 24.34 37.69
CA LEU F 371 3.49 23.68 38.60
C LEU F 371 4.18 23.09 39.82
N THR F 372 5.51 23.12 39.87
CA THR F 372 6.26 22.56 40.99
C THR F 372 7.31 23.57 41.45
N THR F 373 7.72 23.44 42.70
CA THR F 373 8.74 24.32 43.26
C THR F 373 10.12 23.93 42.75
N GLN F 374 11.13 24.71 43.16
CA GLN F 374 12.49 24.45 42.72
C GLN F 374 13.03 23.16 43.30
N GLU F 375 12.88 22.97 44.61
CA GLU F 375 13.39 21.74 45.24
C GLU F 375 12.61 20.52 44.76
N GLU F 376 11.30 20.66 44.55
CA GLU F 376 10.51 19.55 44.05
C GLU F 376 10.94 19.18 42.63
N LEU F 377 11.19 20.17 41.78
CA LEU F 377 11.66 19.91 40.43
C LEU F 377 13.04 19.25 40.44
N GLN F 378 13.93 19.71 41.34
CA GLN F 378 15.24 19.09 41.43
C GLN F 378 15.15 17.64 41.89
N LYS F 379 14.29 17.37 42.87
CA LYS F 379 14.10 15.99 43.32
C LYS F 379 13.51 15.11 42.23
N MET F 380 12.56 15.64 41.46
CA MET F 380 12.01 14.86 40.35
C MET F 380 13.06 14.60 39.28
N TRP F 381 13.92 15.59 39.01
CA TRP F 381 14.99 15.39 38.04
C TRP F 381 15.97 14.32 38.52
N ILE F 382 16.33 14.35 39.81
CA ILE F 382 17.23 13.33 40.35
C ILE F 382 16.57 11.95 40.29
N LEU F 383 15.28 11.86 40.61
CA LEU F 383 14.59 10.59 40.54
C LEU F 383 14.54 10.06 39.12
N ARG F 384 14.33 10.94 38.14
CA ARG F 384 14.32 10.51 36.74
C ARG F 384 15.71 10.06 36.30
N LYS F 385 16.75 10.76 36.73
CA LYS F 385 18.11 10.37 36.35
C LYS F 385 18.52 9.05 37.02
N ILE F 386 17.95 8.74 38.18
CA ILE F 386 18.24 7.46 38.82
C ILE F 386 17.43 6.34 38.18
N ILE F 387 16.18 6.63 37.79
CA ILE F 387 15.30 5.60 37.24
C ILE F 387 15.68 5.26 35.79
N HIS F 388 16.15 6.24 35.02
CA HIS F 388 16.42 6.05 33.60
C HIS F 388 17.33 4.87 33.29
N PRO F 389 18.45 4.64 33.99
CA PRO F 389 19.29 3.49 33.62
C PRO F 389 18.60 2.15 33.82
N MET F 390 17.78 2.01 34.86
CA MET F 390 17.12 0.74 35.13
C MET F 390 16.05 0.44 34.09
N GLY F 391 15.73 -0.84 33.94
CA GLY F 391 14.69 -1.25 33.03
C GLY F 391 13.31 -0.85 33.52
N GLU F 392 12.33 -0.97 32.61
CA GLU F 392 10.98 -0.53 32.92
C GLU F 392 10.39 -1.31 34.09
N ILE F 393 10.41 -2.64 34.00
CA ILE F 393 9.85 -3.47 35.06
C ILE F 393 10.64 -3.29 36.36
N ASP F 394 11.97 -3.25 36.26
CA ASP F 394 12.80 -3.05 37.44
C ASP F 394 12.55 -1.69 38.06
N ALA F 395 12.42 -0.64 37.25
CA ALA F 395 12.16 0.69 37.79
C ALA F 395 10.79 0.75 38.46
N MET F 396 9.79 0.09 37.87
CA MET F 396 8.47 0.08 38.47
C MET F 396 8.47 -0.66 39.80
N GLU F 397 9.16 -1.81 39.85
CA GLU F 397 9.26 -2.55 41.12
C GLU F 397 9.98 -1.74 42.17
N PHE F 398 11.07 -1.06 41.79
CA PHE F 398 11.79 -0.21 42.73
C PHE F 398 10.91 0.91 43.26
N LEU F 399 10.18 1.59 42.36
CA LEU F 399 9.32 2.67 42.77
C LEU F 399 8.21 2.19 43.70
N ILE F 400 7.61 1.04 43.40
CA ILE F 400 6.56 0.51 44.24
C ILE F 400 7.11 0.14 45.62
N ASN F 401 8.26 -0.51 45.67
CA ASN F 401 8.83 -0.93 46.94
C ASN F 401 9.27 0.27 47.77
N LYS F 402 9.66 1.36 47.11
CA LYS F 402 10.08 2.54 47.86
C LYS F 402 8.90 3.41 48.28
N LEU F 403 7.80 3.39 47.53
CA LEU F 403 6.61 4.15 47.93
C LEU F 403 5.77 3.39 48.96
N ALA F 404 5.91 2.07 49.02
CA ALA F 404 5.18 1.31 50.02
C ALA F 404 5.73 1.52 51.43
N MET F 405 6.97 1.99 51.55
CA MET F 405 7.58 2.18 52.86
C MET F 405 7.00 3.38 53.59
N THR F 406 6.64 4.43 52.87
CA THR F 406 6.15 5.67 53.46
C THR F 406 4.77 6.01 52.90
N LYS F 407 4.17 7.07 53.44
CA LYS F 407 2.87 7.52 52.99
C LYS F 407 2.95 8.68 52.00
N THR F 408 3.88 9.61 52.22
CA THR F 408 4.04 10.78 51.38
C THR F 408 5.33 10.67 50.57
N ASN F 409 5.33 11.30 49.39
CA ASN F 409 6.51 11.27 48.53
C ASN F 409 7.62 12.15 49.06
N ASP F 410 7.30 13.10 49.94
CA ASP F 410 8.33 13.96 50.52
C ASP F 410 9.30 13.15 51.37
N ASP F 411 8.79 12.19 52.13
CA ASP F 411 9.67 11.33 52.91
C ASP F 411 10.56 10.47 52.01
N PHE F 412 10.02 9.97 50.90
CA PHE F 412 10.84 9.22 49.95
C PHE F 412 11.94 10.10 49.36
N PHE F 413 11.61 11.32 48.96
CA PHE F 413 12.62 12.22 48.43
C PHE F 413 13.68 12.55 49.46
N GLU F 414 13.27 12.73 50.73
CA GLU F 414 14.24 13.03 51.77
C GLU F 414 15.14 11.83 52.07
N MET F 415 14.59 10.61 51.95
CA MET F 415 15.40 9.42 52.20
C MET F 415 16.30 9.09 51.02
N MET F 416 15.95 9.55 49.81
CA MET F 416 16.81 9.29 48.66
C MET F 416 18.14 10.01 48.78
N LYS F 417 18.14 11.20 49.37
CA LYS F 417 19.37 11.97 49.54
C LYS F 417 20.23 11.38 50.66
N MET G 1 17.69 -11.41 -59.87
CA MET G 1 17.02 -10.25 -59.30
C MET G 1 16.36 -10.61 -57.96
N ASN G 2 17.12 -10.48 -56.89
CA ASN G 2 16.63 -10.77 -55.54
C ASN G 2 16.69 -9.51 -54.69
N LEU G 3 15.74 -9.39 -53.76
CA LEU G 3 15.67 -8.20 -52.92
C LEU G 3 16.84 -8.14 -51.95
N THR G 4 17.15 -9.26 -51.29
CA THR G 4 18.24 -9.27 -50.32
C THR G 4 19.58 -9.02 -50.99
N GLU G 5 19.76 -9.47 -52.23
CA GLU G 5 21.01 -9.21 -52.93
C GLU G 5 21.21 -7.72 -53.18
N LEU G 6 20.15 -7.02 -53.55
CA LEU G 6 20.25 -5.58 -53.74
C LEU G 6 20.36 -4.84 -52.40
N LYS G 7 19.80 -5.41 -51.34
CA LYS G 7 19.94 -4.82 -50.01
C LYS G 7 21.36 -4.96 -49.47
N ASN G 8 22.07 -6.03 -49.83
CA ASN G 8 23.43 -6.23 -49.33
C ASN G 8 24.44 -5.39 -50.12
N THR G 9 24.09 -4.95 -51.32
CA THR G 9 25.01 -4.15 -52.12
C THR G 9 25.21 -2.77 -51.47
N PRO G 10 26.39 -2.18 -51.63
CA PRO G 10 26.63 -0.86 -51.04
C PRO G 10 25.88 0.24 -51.78
N VAL G 11 25.96 1.45 -51.23
CA VAL G 11 25.23 2.58 -51.79
C VAL G 11 25.89 3.06 -53.07
N SER G 12 27.22 3.05 -53.10
CA SER G 12 27.95 3.61 -54.25
C SER G 12 27.68 2.79 -55.52
N GLU G 13 27.74 1.45 -55.40
CA GLU G 13 27.48 0.61 -56.56
C GLU G 13 26.03 0.73 -57.04
N LEU G 14 25.08 0.88 -56.11
CA LEU G 14 23.69 1.05 -56.51
C LEU G 14 23.50 2.39 -57.22
N ILE G 15 24.14 3.45 -56.73
CA ILE G 15 24.06 4.75 -57.39
C ILE G 15 24.65 4.67 -58.79
N THR G 16 25.79 3.98 -58.92
CA THR G 16 26.43 3.84 -60.23
C THR G 16 25.53 3.06 -61.19
N LEU G 17 24.93 1.97 -60.70
CA LEU G 17 24.04 1.17 -61.55
C LEU G 17 22.82 1.98 -61.98
N GLY G 18 22.24 2.74 -61.05
CA GLY G 18 21.09 3.57 -61.39
C GLY G 18 21.44 4.66 -62.39
N GLU G 19 22.61 5.27 -62.26
CA GLU G 19 23.04 6.27 -63.23
C GLU G 19 23.30 5.63 -64.60
N ASN G 20 23.81 4.41 -64.63
CA ASN G 20 23.99 3.72 -65.90
C ASN G 20 22.67 3.34 -66.53
N MET G 21 21.65 3.05 -65.72
CA MET G 21 20.35 2.69 -66.26
C MET G 21 19.62 3.91 -66.84
N GLY G 22 20.10 5.11 -66.54
CA GLY G 22 19.50 6.31 -67.08
C GLY G 22 18.21 6.73 -66.39
N LEU G 23 18.31 7.06 -65.10
CA LEU G 23 17.17 7.49 -64.32
C LEU G 23 17.49 8.84 -63.67
N GLU G 24 16.60 9.29 -62.79
CA GLU G 24 16.82 10.54 -62.07
C GLU G 24 18.04 10.42 -61.16
N ASN G 25 18.62 11.57 -60.82
CA ASN G 25 19.80 11.64 -59.96
C ASN G 25 19.58 10.88 -58.66
N LEU G 26 20.37 9.83 -58.44
CA LEU G 26 20.24 8.97 -57.28
C LEU G 26 21.15 9.37 -56.13
N ALA G 27 22.02 10.36 -56.32
CA ALA G 27 22.88 10.80 -55.23
C ALA G 27 22.08 11.39 -54.08
N ARG G 28 21.08 12.22 -54.39
CA ARG G 28 20.17 12.77 -53.39
C ARG G 28 18.92 11.91 -53.26
N MET G 29 19.10 10.61 -53.05
CA MET G 29 17.99 9.68 -52.94
C MET G 29 18.33 8.60 -51.92
N ARG G 30 17.29 8.06 -51.29
CA ARG G 30 17.47 6.99 -50.32
C ARG G 30 17.82 5.69 -51.03
N LYS G 31 18.53 4.81 -50.32
CA LYS G 31 18.92 3.52 -50.88
C LYS G 31 17.71 2.68 -51.25
N GLN G 32 16.66 2.71 -50.41
CA GLN G 32 15.46 1.97 -50.71
C GLN G 32 14.77 2.50 -51.97
N ASP G 33 14.74 3.83 -52.12
CA ASP G 33 14.17 4.42 -53.33
C ASP G 33 15.01 4.07 -54.56
N ILE G 34 16.33 4.02 -54.39
CA ILE G 34 17.21 3.62 -55.48
C ILE G 34 16.91 2.19 -55.91
N ILE G 35 16.77 1.29 -54.94
CA ILE G 35 16.46 -0.11 -55.26
C ILE G 35 15.09 -0.20 -55.93
N PHE G 36 14.13 0.58 -55.45
CA PHE G 36 12.79 0.56 -56.04
C PHE G 36 12.82 1.03 -57.49
N ALA G 37 13.56 2.10 -57.77
CA ALA G 37 13.66 2.61 -59.14
C ALA G 37 14.39 1.62 -60.04
N ILE G 38 15.44 0.97 -59.50
CA ILE G 38 16.16 -0.03 -60.29
C ILE G 38 15.25 -1.21 -60.62
N LEU G 39 14.46 -1.65 -59.65
CA LEU G 39 13.52 -2.75 -59.91
C LEU G 39 12.47 -2.35 -60.95
N LYS G 40 11.96 -1.12 -60.85
CA LYS G 40 11.00 -0.65 -61.84
C LYS G 40 11.61 -0.65 -63.24
N GLN G 41 12.83 -0.09 -63.36
CA GLN G 41 13.47 0.00 -64.67
C GLN G 41 13.80 -1.38 -65.22
N HIS G 42 14.14 -2.33 -64.35
CA HIS G 42 14.46 -3.68 -64.81
C HIS G 42 13.21 -4.44 -65.20
N ALA G 43 12.08 -4.18 -64.53
CA ALA G 43 10.83 -4.82 -64.90
C ALA G 43 10.20 -4.20 -66.14
N LYS G 44 10.52 -2.95 -66.44
CA LYS G 44 10.03 -2.34 -67.68
C LYS G 44 10.59 -3.05 -68.91
N SER G 45 11.76 -3.70 -68.76
CA SER G 45 12.36 -4.43 -69.87
C SER G 45 11.73 -5.81 -70.07
N GLY G 46 10.89 -6.26 -69.13
CA GLY G 46 10.22 -7.55 -69.25
C GLY G 46 10.79 -8.64 -68.37
N GLU G 47 11.90 -8.41 -67.68
CA GLU G 47 12.50 -9.43 -66.85
C GLU G 47 11.69 -9.62 -65.56
N ASP G 48 11.91 -10.76 -64.92
CA ASP G 48 11.20 -11.09 -63.69
C ASP G 48 11.98 -10.62 -62.46
N ILE G 49 11.23 -10.36 -61.39
CA ILE G 49 11.81 -9.93 -60.12
C ILE G 49 11.39 -10.91 -59.04
N PHE G 50 12.32 -11.26 -58.16
CA PHE G 50 12.08 -12.21 -57.09
C PHE G 50 12.35 -11.54 -55.74
N GLY G 51 11.61 -12.01 -54.72
CA GLY G 51 11.76 -11.48 -53.38
C GLY G 51 11.46 -12.56 -52.36
N ASP G 52 11.62 -12.20 -51.09
CA ASP G 52 11.40 -13.13 -49.99
C ASP G 52 11.17 -12.32 -48.72
N GLY G 53 10.74 -13.02 -47.68
CA GLY G 53 10.48 -12.39 -46.40
C GLY G 53 9.52 -13.22 -45.57
N VAL G 54 9.37 -12.80 -44.32
CA VAL G 54 8.49 -13.46 -43.36
C VAL G 54 7.10 -12.84 -43.48
N LEU G 55 6.08 -13.71 -43.52
CA LEU G 55 4.71 -13.25 -43.70
C LEU G 55 4.14 -12.72 -42.40
N GLU G 56 3.43 -11.59 -42.49
CA GLU G 56 2.75 -10.97 -41.35
C GLU G 56 1.31 -10.70 -41.78
N ILE G 57 0.42 -11.65 -41.47
CA ILE G 57 -0.98 -11.51 -41.85
C ILE G 57 -1.64 -10.45 -40.97
N LEU G 58 -2.28 -9.47 -41.61
CA LEU G 58 -2.97 -8.42 -40.88
C LEU G 58 -4.35 -8.91 -40.42
N GLN G 59 -5.01 -8.06 -39.62
CA GLN G 59 -6.33 -8.43 -39.10
C GLN G 59 -7.39 -8.42 -40.18
N ASP G 60 -7.22 -7.58 -41.22
CA ASP G 60 -8.22 -7.50 -42.27
C ASP G 60 -8.23 -8.76 -43.14
N GLY G 61 -7.05 -9.33 -43.40
CA GLY G 61 -6.96 -10.53 -44.20
C GLY G 61 -5.77 -10.57 -45.13
N PHE G 62 -5.19 -9.42 -45.41
CA PHE G 62 -4.02 -9.33 -46.26
C PHE G 62 -2.75 -9.41 -45.40
N GLY G 63 -1.59 -9.21 -46.00
CA GLY G 63 -0.35 -9.30 -45.26
C GLY G 63 0.81 -8.77 -46.08
N PHE G 64 1.98 -8.72 -45.42
CA PHE G 64 3.20 -8.26 -46.05
C PHE G 64 4.32 -9.23 -45.72
N LEU G 65 5.44 -9.06 -46.43
CA LEU G 65 6.65 -9.87 -46.24
C LEU G 65 7.71 -8.98 -45.61
N ARG G 66 7.81 -9.04 -44.28
CA ARG G 66 8.80 -8.24 -43.58
C ARG G 66 10.21 -8.74 -43.86
N SER G 67 11.19 -7.86 -43.62
CA SER G 67 12.59 -8.17 -43.82
C SER G 67 13.30 -8.29 -42.48
N ALA G 68 14.32 -9.15 -42.43
CA ALA G 68 15.03 -9.40 -41.19
C ALA G 68 16.07 -8.32 -40.88
N ASP G 69 16.60 -7.66 -41.91
CA ASP G 69 17.62 -6.64 -41.68
C ASP G 69 17.05 -5.37 -41.06
N SER G 70 15.73 -5.19 -41.10
CA SER G 70 15.08 -4.02 -40.52
C SER G 70 14.30 -4.35 -39.25
N SER G 71 14.57 -5.52 -38.65
CA SER G 71 13.90 -5.94 -37.42
C SER G 71 12.40 -6.00 -37.60
N TYR G 72 11.96 -6.47 -38.78
CA TYR G 72 10.55 -6.65 -39.10
C TYR G 72 9.77 -5.34 -38.95
N LEU G 73 10.37 -4.26 -39.44
CA LEU G 73 9.74 -2.96 -39.41
C LEU G 73 9.00 -2.70 -40.72
N ALA G 74 7.90 -1.95 -40.63
CA ALA G 74 7.09 -1.63 -41.80
C ALA G 74 7.89 -0.80 -42.80
N GLY G 75 8.20 -1.39 -43.95
CA GLY G 75 8.97 -0.72 -44.97
C GLY G 75 8.19 -0.52 -46.25
N PRO G 76 8.63 0.44 -47.08
CA PRO G 76 7.94 0.66 -48.36
C PRO G 76 8.13 -0.48 -49.34
N ASP G 77 9.18 -1.29 -49.19
CA ASP G 77 9.49 -2.38 -50.12
C ASP G 77 8.87 -3.70 -49.67
N ASP G 78 7.83 -3.66 -48.84
CA ASP G 78 7.16 -4.87 -48.43
C ASP G 78 6.32 -5.44 -49.56
N ILE G 79 6.30 -6.76 -49.67
CA ILE G 79 5.58 -7.45 -50.74
C ILE G 79 4.16 -7.71 -50.27
N TYR G 80 3.19 -7.17 -50.99
CA TYR G 80 1.78 -7.40 -50.65
C TYR G 80 1.38 -8.83 -50.96
N VAL G 81 0.64 -9.44 -50.05
CA VAL G 81 0.15 -10.80 -50.20
C VAL G 81 -1.37 -10.76 -50.14
N SER G 82 -2.02 -11.07 -51.25
CA SER G 82 -3.47 -11.03 -51.31
C SER G 82 -4.07 -12.13 -50.42
N PRO G 83 -5.26 -11.89 -49.85
CA PRO G 83 -5.88 -12.94 -49.03
C PRO G 83 -6.32 -14.15 -49.84
N SER G 84 -6.51 -13.98 -51.14
CA SER G 84 -6.87 -15.12 -51.99
C SER G 84 -5.78 -16.18 -51.99
N GLN G 85 -4.53 -15.77 -52.15
CA GLN G 85 -3.43 -16.72 -52.11
C GLN G 85 -3.27 -17.31 -50.71
N ILE G 86 -3.54 -16.51 -49.68
CA ILE G 86 -3.47 -17.00 -48.31
C ILE G 86 -4.47 -18.12 -48.09
N ARG G 87 -5.67 -17.93 -48.63
CA ARG G 87 -6.80 -18.89 -48.53
C ARG G 87 -6.53 -20.10 -49.44
N ARG G 88 -5.74 -19.92 -50.50
CA ARG G 88 -5.44 -20.99 -51.48
C ARG G 88 -4.30 -21.89 -51.00
N PHE G 89 -3.34 -21.33 -50.25
CA PHE G 89 -2.20 -22.10 -49.76
C PHE G 89 -2.18 -22.27 -48.25
N ASN G 90 -3.22 -21.79 -47.55
CA ASN G 90 -3.32 -21.90 -46.10
C ASN G 90 -2.10 -21.29 -45.41
N LEU G 91 -1.76 -20.07 -45.80
CA LEU G 91 -0.62 -19.39 -45.22
C LEU G 91 -0.97 -18.78 -43.87
N ARG G 92 0.02 -18.74 -42.99
CA ARG G 92 -0.15 -18.16 -41.66
C ARG G 92 1.04 -17.27 -41.35
N THR G 93 0.90 -16.50 -40.27
CA THR G 93 1.97 -15.59 -39.85
C THR G 93 3.22 -16.36 -39.47
N GLY G 94 4.32 -16.08 -40.15
CA GLY G 94 5.59 -16.73 -39.90
C GLY G 94 6.09 -17.58 -41.05
N ASP G 95 5.23 -17.91 -42.01
CA ASP G 95 5.64 -18.74 -43.15
C ASP G 95 6.59 -17.96 -44.05
N THR G 96 7.78 -18.50 -44.27
CA THR G 96 8.73 -17.88 -45.19
C THR G 96 8.30 -18.14 -46.63
N ILE G 97 8.06 -17.06 -47.38
CA ILE G 97 7.58 -17.14 -48.74
C ILE G 97 8.61 -16.52 -49.67
N SER G 98 8.95 -17.23 -50.75
CA SER G 98 9.91 -16.76 -51.74
C SER G 98 9.32 -17.04 -53.11
N GLY G 99 9.00 -15.98 -53.86
CA GLY G 99 8.42 -16.14 -55.17
C GLY G 99 8.60 -14.90 -56.02
N LYS G 100 8.10 -14.98 -57.24
CA LYS G 100 8.21 -13.87 -58.17
C LYS G 100 7.34 -12.71 -57.72
N ILE G 101 7.86 -11.49 -57.87
CA ILE G 101 7.15 -10.28 -57.50
C ILE G 101 7.16 -9.32 -58.68
N ARG G 102 6.29 -8.31 -58.62
CA ARG G 102 6.18 -7.29 -59.65
C ARG G 102 6.06 -5.92 -59.00
N PRO G 103 6.60 -4.89 -59.63
CA PRO G 103 6.47 -3.53 -59.10
C PRO G 103 5.03 -3.09 -59.06
N PRO G 104 4.68 -2.16 -58.18
CA PRO G 104 3.29 -1.70 -58.10
C PRO G 104 2.89 -0.88 -59.31
N LYS G 105 1.68 -1.12 -59.80
CA LYS G 105 1.15 -0.40 -60.95
C LYS G 105 0.61 0.95 -60.50
N GLU G 106 -0.11 1.63 -61.39
CA GLU G 106 -0.70 2.93 -61.07
C GLU G 106 -1.81 2.73 -60.04
N GLY G 107 -1.67 3.38 -58.89
CA GLY G 107 -2.62 3.23 -57.81
C GLY G 107 -2.24 2.23 -56.74
N GLU G 108 -1.07 1.61 -56.87
CA GLU G 108 -0.58 0.65 -55.88
C GLU G 108 0.69 1.19 -55.23
N ARG G 109 1.00 0.65 -54.04
CA ARG G 109 2.13 1.13 -53.27
C ARG G 109 3.09 0.03 -52.86
N TYR G 110 2.78 -1.24 -53.13
CA TYR G 110 3.62 -2.34 -52.70
C TYR G 110 3.68 -3.41 -53.79
N PHE G 111 4.74 -4.22 -53.74
CA PHE G 111 4.92 -5.28 -54.71
C PHE G 111 3.87 -6.38 -54.51
N ALA G 112 3.43 -6.97 -55.61
CA ALA G 112 2.45 -8.03 -55.57
C ALA G 112 3.12 -9.39 -55.81
N LEU G 113 2.51 -10.43 -55.27
CA LEU G 113 3.02 -11.80 -55.38
C LEU G 113 2.22 -12.54 -56.45
N LEU G 114 2.91 -13.05 -57.46
CA LEU G 114 2.27 -13.79 -58.54
C LEU G 114 2.29 -15.30 -58.30
N LYS G 115 3.48 -15.88 -58.13
CA LYS G 115 3.63 -17.30 -57.94
C LYS G 115 4.64 -17.57 -56.85
N VAL G 116 4.27 -18.41 -55.88
CA VAL G 116 5.15 -18.77 -54.77
C VAL G 116 6.00 -19.97 -55.19
N ASN G 117 7.30 -19.86 -54.98
CA ASN G 117 8.22 -20.91 -55.40
C ASN G 117 8.66 -21.81 -54.26
N GLU G 118 8.91 -21.24 -53.08
CA GLU G 118 9.42 -22.01 -51.95
C GLU G 118 8.75 -21.53 -50.67
N VAL G 119 8.27 -22.47 -49.85
CA VAL G 119 7.60 -22.17 -48.60
C VAL G 119 8.41 -22.77 -47.47
N ASN G 120 8.82 -21.91 -46.52
CA ASN G 120 9.58 -22.33 -45.34
C ASN G 120 10.85 -23.07 -45.74
N PHE G 121 11.51 -22.59 -46.80
CA PHE G 121 12.74 -23.19 -47.32
C PHE G 121 12.51 -24.65 -47.69
N ASP G 122 11.34 -24.95 -48.23
CA ASP G 122 10.97 -26.31 -48.60
C ASP G 122 9.89 -26.25 -49.68
N LYS G 123 9.57 -27.41 -50.23
CA LYS G 123 8.56 -27.47 -51.27
C LYS G 123 7.17 -27.22 -50.69
N PRO G 124 6.28 -26.55 -51.42
CA PRO G 124 4.92 -26.36 -50.91
C PRO G 124 4.15 -27.66 -50.71
N GLU G 125 4.52 -28.72 -51.43
CA GLU G 125 3.85 -30.00 -51.24
C GLU G 125 4.16 -30.61 -49.88
N ASN G 126 5.28 -30.25 -49.28
CA ASN G 126 5.60 -30.70 -47.93
C ASN G 126 5.03 -29.78 -46.86
N ALA G 127 4.70 -28.54 -47.20
CA ALA G 127 4.15 -27.59 -46.25
C ALA G 127 2.62 -27.65 -46.20
N ARG G 128 1.98 -28.08 -47.29
CA ARG G 128 0.52 -28.18 -47.29
C ARG G 128 0.03 -29.23 -46.30
N ASN G 129 0.83 -30.29 -46.09
CA ASN G 129 0.50 -31.33 -45.14
C ASN G 129 1.50 -31.25 -43.98
N LYS G 130 1.05 -30.72 -42.85
CA LYS G 130 1.91 -30.54 -41.69
C LYS G 130 1.07 -30.54 -40.43
N ILE G 131 1.73 -30.84 -39.31
CA ILE G 131 1.08 -30.86 -38.00
C ILE G 131 1.33 -29.53 -37.31
N LEU G 132 0.29 -28.95 -36.74
CA LEU G 132 0.41 -27.66 -36.07
C LEU G 132 1.30 -27.78 -34.83
N PHE G 133 1.84 -26.64 -34.40
CA PHE G 133 2.71 -26.63 -33.23
C PHE G 133 1.94 -26.90 -31.94
N GLU G 134 0.65 -26.55 -31.91
CA GLU G 134 -0.16 -26.78 -30.72
C GLU G 134 -0.50 -28.24 -30.50
N ASN G 135 -0.25 -29.11 -31.48
CA ASN G 135 -0.56 -30.52 -31.36
C ASN G 135 0.67 -31.38 -31.09
N LEU G 136 1.87 -30.83 -31.16
CA LEU G 136 3.07 -31.60 -30.93
C LEU G 136 3.18 -32.01 -29.45
N THR G 137 3.62 -33.23 -29.21
CA THR G 137 3.71 -33.76 -27.85
C THR G 137 4.96 -33.21 -27.17
N PRO G 138 4.84 -32.48 -26.07
CA PRO G 138 6.03 -31.97 -25.38
C PRO G 138 6.79 -33.08 -24.69
N LEU G 139 8.07 -32.81 -24.43
CA LEU G 139 8.94 -33.73 -23.72
C LEU G 139 10.02 -32.95 -23.01
N HIS G 140 10.74 -33.64 -22.14
CA HIS G 140 11.85 -33.03 -21.42
C HIS G 140 13.09 -32.96 -22.30
N ALA G 141 14.09 -32.22 -21.83
CA ALA G 141 15.34 -32.09 -22.57
C ALA G 141 16.05 -33.43 -22.62
N ASN G 142 16.22 -33.96 -23.84
CA ASN G 142 16.87 -35.24 -24.06
C ASN G 142 18.29 -35.07 -24.61
N SER G 143 18.44 -34.33 -25.69
CA SER G 143 19.75 -34.11 -26.28
C SER G 143 20.55 -33.11 -25.46
N ARG G 144 21.85 -33.39 -25.29
CA ARG G 144 22.73 -32.54 -24.51
C ARG G 144 23.36 -31.47 -25.41
N LEU G 145 23.14 -30.21 -25.05
CA LEU G 145 23.77 -29.08 -25.77
C LEU G 145 24.93 -28.58 -24.92
N ARG G 146 26.08 -29.23 -25.09
CA ARG G 146 27.26 -28.88 -24.32
C ARG G 146 27.79 -27.51 -24.73
N MET G 147 28.10 -26.68 -23.75
CA MET G 147 28.55 -25.31 -23.97
C MET G 147 30.06 -25.15 -23.86
N GLU G 148 30.78 -26.20 -23.47
CA GLU G 148 32.22 -26.11 -23.30
C GLU G 148 32.90 -26.00 -24.66
N ARG G 149 33.81 -25.02 -24.79
CA ARG G 149 34.55 -24.84 -26.02
C ARG G 149 35.48 -26.02 -26.28
N GLY G 150 36.39 -26.29 -25.34
CA GLY G 150 37.37 -27.34 -25.50
C GLY G 150 38.71 -26.90 -26.07
N ASN G 151 38.83 -25.64 -26.46
CA ASN G 151 40.07 -25.11 -27.03
C ASN G 151 41.05 -24.64 -25.96
N GLY G 152 40.69 -24.75 -24.68
CA GLY G 152 41.59 -24.31 -23.63
C GLY G 152 41.76 -22.82 -23.51
N SER G 153 40.80 -22.05 -24.01
CA SER G 153 40.87 -20.60 -23.93
C SER G 153 40.53 -20.10 -22.53
N THR G 154 40.99 -18.90 -22.20
CA THR G 154 40.71 -18.32 -20.90
C THR G 154 39.23 -17.96 -20.75
N GLU G 155 38.55 -17.67 -21.85
CA GLU G 155 37.13 -17.36 -21.79
C GLU G 155 36.27 -18.59 -21.63
N ASP G 156 36.83 -19.78 -21.81
CA ASP G 156 36.09 -21.03 -21.64
C ASP G 156 35.73 -21.31 -20.18
N LEU G 157 36.31 -20.55 -19.24
CA LEU G 157 35.99 -20.77 -17.83
C LEU G 157 34.51 -20.50 -17.55
N THR G 158 33.94 -19.48 -18.19
CA THR G 158 32.53 -19.19 -18.00
C THR G 158 31.66 -20.35 -18.49
N ALA G 159 31.98 -20.90 -19.67
CA ALA G 159 31.21 -22.03 -20.19
C ALA G 159 31.38 -23.26 -19.31
N ARG G 160 32.58 -23.48 -18.77
CA ARG G 160 32.80 -24.62 -17.89
C ARG G 160 31.99 -24.48 -16.61
N VAL G 161 31.97 -23.28 -16.02
CA VAL G 161 31.19 -23.05 -14.81
C VAL G 161 29.70 -23.20 -15.10
N LEU G 162 29.26 -22.75 -16.28
CA LEU G 162 27.85 -22.90 -16.64
C LEU G 162 27.48 -24.37 -16.81
N ASP G 163 28.38 -25.17 -17.41
CA ASP G 163 28.11 -26.60 -17.56
C ASP G 163 28.11 -27.31 -16.21
N LEU G 164 29.00 -26.90 -15.29
CA LEU G 164 29.02 -27.51 -13.98
C LEU G 164 27.85 -27.08 -13.12
N ALA G 165 27.26 -25.92 -13.42
CA ALA G 165 26.15 -25.42 -12.60
C ALA G 165 24.80 -25.82 -13.17
N SER G 166 24.60 -25.65 -14.47
CA SER G 166 23.30 -25.91 -15.10
C SER G 166 23.51 -26.29 -16.55
N PRO G 167 23.61 -27.58 -16.85
CA PRO G 167 23.70 -28.00 -18.26
C PRO G 167 22.41 -27.67 -19.00
N ILE G 168 22.56 -27.32 -20.27
CA ILE G 168 21.45 -26.89 -21.10
C ILE G 168 21.24 -27.90 -22.22
N GLY G 169 19.98 -28.30 -22.44
CA GLY G 169 19.63 -29.23 -23.50
C GLY G 169 18.62 -28.61 -24.44
N ARG G 170 18.25 -29.39 -25.46
CA ARG G 170 17.28 -28.93 -26.45
C ARG G 170 15.89 -28.86 -25.82
N GLY G 171 15.20 -27.74 -26.07
CA GLY G 171 13.89 -27.53 -25.50
C GLY G 171 13.86 -26.98 -24.10
N GLN G 172 15.01 -26.57 -23.56
CA GLN G 172 15.07 -26.06 -22.21
C GLN G 172 14.40 -24.69 -22.11
N ARG G 173 13.78 -24.43 -20.96
CA ARG G 173 13.09 -23.17 -20.68
C ARG G 173 13.64 -22.64 -19.34
N GLY G 174 14.72 -21.87 -19.42
CA GLY G 174 15.41 -21.38 -18.25
C GLY G 174 15.25 -19.88 -18.04
N LEU G 175 15.90 -19.41 -16.98
CA LEU G 175 15.87 -18.00 -16.60
C LEU G 175 17.24 -17.59 -16.07
N ILE G 176 17.71 -16.42 -16.49
CA ILE G 176 18.98 -15.87 -16.02
C ILE G 176 18.62 -14.70 -15.11
N VAL G 177 18.52 -14.99 -13.82
CA VAL G 177 18.17 -13.98 -12.81
C VAL G 177 19.45 -13.30 -12.35
N ALA G 178 19.47 -11.97 -12.45
CA ALA G 178 20.67 -11.20 -12.09
C ALA G 178 20.27 -9.76 -11.87
N PRO G 179 20.77 -9.11 -10.82
CA PRO G 179 20.56 -7.68 -10.64
C PRO G 179 21.32 -6.89 -11.70
N PRO G 180 21.00 -5.61 -11.88
CA PRO G 180 21.73 -4.81 -12.87
C PRO G 180 23.19 -4.64 -12.49
N LYS G 181 24.00 -4.32 -13.51
CA LYS G 181 25.44 -4.13 -13.35
C LYS G 181 26.12 -5.38 -12.79
N ALA G 182 25.71 -6.56 -13.28
CA ALA G 182 26.29 -7.82 -12.84
C ALA G 182 27.17 -8.48 -13.88
N GLY G 183 26.94 -8.23 -15.16
CA GLY G 183 27.70 -8.85 -16.21
C GLY G 183 26.85 -9.69 -17.14
N LYS G 184 25.57 -9.32 -17.26
CA LYS G 184 24.66 -10.08 -18.12
C LYS G 184 25.07 -10.00 -19.58
N THR G 185 25.62 -8.85 -20.00
CA THR G 185 25.99 -8.67 -21.40
C THR G 185 27.11 -9.62 -21.80
N MET G 186 28.19 -9.64 -21.01
CA MET G 186 29.32 -10.52 -21.33
C MET G 186 28.89 -11.99 -21.25
N LEU G 187 28.05 -12.33 -20.27
CA LEU G 187 27.59 -13.71 -20.14
C LEU G 187 26.75 -14.13 -21.35
N LEU G 188 25.87 -13.24 -21.81
CA LEU G 188 25.06 -13.56 -22.98
C LEU G 188 25.93 -13.66 -24.23
N GLN G 189 26.94 -12.78 -24.35
CA GLN G 189 27.86 -12.86 -25.49
C GLN G 189 28.61 -14.19 -25.49
N ASN G 190 29.09 -14.61 -24.32
CA ASN G 190 29.81 -15.88 -24.23
C ASN G 190 28.90 -17.05 -24.55
N ILE G 191 27.65 -17.01 -24.07
CA ILE G 191 26.71 -18.09 -24.37
C ILE G 191 26.44 -18.17 -25.87
N ALA G 192 26.23 -17.01 -26.51
CA ALA G 192 25.95 -17.00 -27.94
C ALA G 192 27.16 -17.50 -28.74
N GLN G 193 28.36 -17.08 -28.35
CA GLN G 193 29.56 -17.53 -29.05
C GLN G 193 29.77 -19.03 -28.87
N SER G 194 29.53 -19.55 -27.67
CA SER G 194 29.67 -20.98 -27.44
C SER G 194 28.63 -21.78 -28.22
N ILE G 195 27.41 -21.25 -28.33
CA ILE G 195 26.39 -21.94 -29.11
C ILE G 195 26.76 -21.93 -30.59
N ALA G 196 27.25 -20.80 -31.09
CA ALA G 196 27.63 -20.72 -32.51
C ALA G 196 28.84 -21.58 -32.82
N TYR G 197 29.72 -21.78 -31.84
CA TYR G 197 30.93 -22.57 -32.06
C TYR G 197 30.68 -24.07 -31.93
N ASN G 198 29.99 -24.49 -30.86
CA ASN G 198 29.79 -25.91 -30.61
C ASN G 198 28.68 -26.49 -31.48
N HIS G 199 27.57 -25.77 -31.62
CA HIS G 199 26.40 -26.25 -32.37
C HIS G 199 26.05 -25.24 -33.46
N PRO G 200 26.79 -25.23 -34.56
CA PRO G 200 26.48 -24.29 -35.65
C PRO G 200 25.24 -24.66 -36.45
N ASP G 201 24.73 -25.87 -36.30
CA ASP G 201 23.56 -26.30 -37.05
C ASP G 201 22.26 -25.72 -36.52
N CYS G 202 22.23 -25.32 -35.25
CA CYS G 202 21.01 -24.79 -34.66
C CYS G 202 20.78 -23.34 -35.11
N VAL G 203 19.50 -22.97 -35.21
CA VAL G 203 19.12 -21.63 -35.62
C VAL G 203 19.13 -20.74 -34.38
N LEU G 204 20.10 -19.82 -34.32
CA LEU G 204 20.26 -18.93 -33.19
C LEU G 204 19.56 -17.60 -33.48
N MET G 205 18.72 -17.16 -32.56
CA MET G 205 18.00 -15.89 -32.67
C MET G 205 18.12 -15.14 -31.36
N VAL G 206 18.68 -13.93 -31.42
CA VAL G 206 18.89 -13.11 -30.24
C VAL G 206 17.89 -11.96 -30.30
N LEU G 207 17.01 -11.88 -29.30
CA LEU G 207 15.99 -10.85 -29.21
C LEU G 207 16.39 -9.84 -28.13
N LEU G 208 16.52 -8.58 -28.51
CA LEU G 208 16.89 -7.50 -27.60
C LEU G 208 15.84 -6.41 -27.70
N ILE G 209 14.93 -6.36 -26.72
CA ILE G 209 13.83 -5.40 -26.71
C ILE G 209 14.14 -4.32 -25.70
N ASP G 210 13.96 -3.06 -26.11
CA ASP G 210 14.13 -1.90 -25.24
C ASP G 210 15.55 -1.82 -24.68
N GLU G 211 16.53 -1.81 -25.59
CA GLU G 211 17.94 -1.71 -25.23
C GLU G 211 18.56 -0.54 -25.98
N ARG G 212 19.83 -0.28 -25.68
CA ARG G 212 20.53 0.85 -26.28
C ARG G 212 20.98 0.50 -27.70
N PRO G 213 20.99 1.48 -28.61
CA PRO G 213 21.43 1.17 -29.98
C PRO G 213 22.88 0.72 -30.06
N GLU G 214 23.75 1.27 -29.21
CA GLU G 214 25.14 0.81 -29.19
C GLU G 214 25.26 -0.66 -28.84
N GLU G 215 24.54 -1.13 -27.82
CA GLU G 215 24.54 -2.55 -27.50
C GLU G 215 23.95 -3.39 -28.63
N VAL G 216 22.94 -2.86 -29.33
CA VAL G 216 22.34 -3.59 -30.45
C VAL G 216 23.35 -3.78 -31.56
N THR G 217 24.04 -2.70 -31.97
CA THR G 217 24.99 -2.81 -33.06
C THR G 217 26.24 -3.57 -32.63
N GLU G 218 26.50 -3.62 -31.31
CA GLU G 218 27.59 -4.45 -30.82
C GLU G 218 27.25 -5.93 -30.93
N MET G 219 26.06 -6.30 -30.45
CA MET G 219 25.63 -7.70 -30.54
C MET G 219 25.49 -8.16 -31.98
N GLN G 220 25.06 -7.26 -32.87
CA GLN G 220 24.86 -7.63 -34.26
C GLN G 220 26.18 -7.94 -34.95
N ARG G 221 27.27 -7.28 -34.55
CA ARG G 221 28.58 -7.46 -35.15
C ARG G 221 29.48 -8.40 -34.35
N LEU G 222 28.92 -9.10 -33.36
CA LEU G 222 29.71 -9.99 -32.50
C LEU G 222 29.30 -11.44 -32.61
N VAL G 223 28.01 -11.73 -32.62
CA VAL G 223 27.52 -13.11 -32.66
C VAL G 223 27.38 -13.56 -34.10
N LYS G 224 27.48 -14.87 -34.32
CA LYS G 224 27.34 -15.46 -35.64
C LYS G 224 25.93 -16.01 -35.80
N GLY G 225 24.99 -15.12 -36.03
CA GLY G 225 23.62 -15.51 -36.19
C GLY G 225 22.72 -14.34 -36.52
N GLU G 226 21.43 -14.54 -36.34
CA GLU G 226 20.43 -13.52 -36.61
C GLU G 226 20.17 -12.70 -35.34
N VAL G 227 20.08 -11.37 -35.52
CA VAL G 227 19.87 -10.46 -34.40
C VAL G 227 18.67 -9.58 -34.75
N VAL G 228 17.57 -9.76 -34.03
CA VAL G 228 16.38 -8.93 -34.16
C VAL G 228 16.20 -8.16 -32.87
N ALA G 229 16.32 -6.83 -32.95
CA ALA G 229 16.29 -5.99 -31.77
C ALA G 229 15.36 -4.81 -31.99
N SER G 230 14.99 -4.16 -30.89
CA SER G 230 14.11 -2.99 -30.92
C SER G 230 14.54 -2.06 -29.78
N THR G 231 15.16 -0.94 -30.16
CA THR G 231 15.68 0.00 -29.17
C THR G 231 14.54 0.66 -28.40
N PHE G 232 14.91 1.36 -27.32
CA PHE G 232 13.94 2.04 -26.49
C PHE G 232 13.26 3.21 -27.19
N ASP G 233 13.82 3.71 -28.29
CA ASP G 233 13.20 4.81 -29.02
C ASP G 233 11.91 4.39 -29.71
N GLU G 234 11.58 3.11 -29.74
CA GLU G 234 10.35 2.63 -30.36
C GLU G 234 9.29 2.37 -29.31
N PRO G 235 8.02 2.55 -29.66
CA PRO G 235 6.94 2.32 -28.69
C PRO G 235 6.81 0.84 -28.37
N ALA G 236 6.01 0.56 -27.33
CA ALA G 236 5.79 -0.82 -26.90
C ALA G 236 5.03 -1.62 -27.95
N SER G 237 4.29 -0.95 -28.83
CA SER G 237 3.58 -1.66 -29.89
C SER G 237 4.54 -2.37 -30.81
N ARG G 238 5.64 -1.72 -31.19
CA ARG G 238 6.64 -2.37 -32.03
C ARG G 238 7.31 -3.52 -31.28
N HIS G 239 7.49 -3.37 -29.98
CA HIS G 239 8.04 -4.45 -29.17
C HIS G 239 7.14 -5.68 -29.23
N VAL G 240 5.84 -5.48 -29.03
CA VAL G 240 4.89 -6.59 -29.08
C VAL G 240 4.88 -7.21 -30.46
N GLN G 241 4.91 -6.38 -31.50
CA GLN G 241 4.89 -6.89 -32.87
C GLN G 241 6.12 -7.73 -33.16
N VAL G 242 7.29 -7.26 -32.73
CA VAL G 242 8.54 -8.00 -32.97
C VAL G 242 8.51 -9.31 -32.21
N ALA G 243 8.05 -9.30 -30.95
CA ALA G 243 7.97 -10.53 -30.18
C ALA G 243 7.04 -11.53 -30.85
N GLU G 244 5.88 -11.07 -31.32
CA GLU G 244 4.94 -11.96 -31.98
C GLU G 244 5.53 -12.54 -33.27
N MET G 245 6.18 -11.70 -34.08
CA MET G 245 6.78 -12.19 -35.30
C MET G 245 7.87 -13.21 -35.02
N VAL G 246 8.71 -12.95 -34.01
CA VAL G 246 9.79 -13.87 -33.69
C VAL G 246 9.23 -15.20 -33.20
N ILE G 247 8.24 -15.17 -32.31
CA ILE G 247 7.71 -16.43 -31.79
C ILE G 247 6.95 -17.20 -32.88
N GLU G 248 6.29 -16.49 -33.80
CA GLU G 248 5.60 -17.17 -34.89
C GLU G 248 6.59 -17.82 -35.85
N LYS G 249 7.69 -17.11 -36.16
CA LYS G 249 8.72 -17.71 -37.00
C LYS G 249 9.35 -18.91 -36.33
N ALA G 250 9.57 -18.83 -35.01
CA ALA G 250 10.14 -19.96 -34.28
C ALA G 250 9.19 -21.16 -34.32
N LYS G 251 7.90 -20.93 -34.14
CA LYS G 251 6.94 -22.02 -34.21
C LYS G 251 6.89 -22.63 -35.61
N ARG G 252 6.92 -21.79 -36.65
CA ARG G 252 6.89 -22.30 -38.01
C ARG G 252 8.15 -23.10 -38.33
N LEU G 253 9.29 -22.69 -37.77
CA LEU G 253 10.52 -23.45 -37.98
C LEU G 253 10.48 -24.78 -37.23
N VAL G 254 9.99 -24.77 -35.99
CA VAL G 254 9.90 -26.02 -35.22
C VAL G 254 8.93 -26.99 -35.89
N GLU G 255 7.89 -26.47 -36.53
CA GLU G 255 6.95 -27.33 -37.25
C GLU G 255 7.63 -28.11 -38.38
N HIS G 256 8.75 -27.61 -38.89
CA HIS G 256 9.53 -28.31 -39.91
C HIS G 256 10.72 -29.06 -39.32
N LYS G 257 10.64 -29.43 -38.04
CA LYS G 257 11.69 -30.21 -37.36
C LYS G 257 13.02 -29.47 -37.35
N LYS G 258 12.99 -28.21 -36.95
CA LYS G 258 14.20 -27.40 -36.82
C LYS G 258 14.48 -27.10 -35.35
N ASP G 259 15.77 -26.91 -35.04
CA ASP G 259 16.22 -26.62 -33.68
C ASP G 259 16.39 -25.10 -33.56
N VAL G 260 15.41 -24.44 -32.94
CA VAL G 260 15.42 -22.99 -32.77
C VAL G 260 15.92 -22.67 -31.37
N ILE G 261 16.78 -21.67 -31.27
CA ILE G 261 17.32 -21.19 -30.00
C ILE G 261 17.06 -19.69 -29.91
N ILE G 262 16.35 -19.27 -28.87
CA ILE G 262 16.00 -17.87 -28.66
C ILE G 262 16.66 -17.41 -27.36
N LEU G 263 17.55 -16.43 -27.48
CA LEU G 263 18.25 -15.85 -26.33
C LEU G 263 17.59 -14.51 -26.00
N LEU G 264 16.59 -14.54 -25.13
CA LEU G 264 15.87 -13.34 -24.75
C LEU G 264 16.62 -12.63 -23.63
N ASP G 265 16.70 -11.30 -23.70
CA ASP G 265 17.38 -10.49 -22.70
C ASP G 265 16.46 -9.42 -22.10
N SER G 266 15.17 -9.49 -22.39
CA SER G 266 14.26 -8.42 -21.99
C SER G 266 12.88 -8.94 -21.57
N ILE G 267 12.81 -10.11 -20.93
CA ILE G 267 11.53 -10.66 -20.48
C ILE G 267 10.82 -9.66 -19.58
N THR G 268 11.56 -8.97 -18.72
CA THR G 268 10.98 -7.93 -17.88
C THR G 268 10.50 -6.75 -18.72
N ARG G 269 11.33 -6.33 -19.69
CA ARG G 269 10.93 -5.24 -20.58
C ARG G 269 9.74 -5.65 -21.45
N LEU G 270 9.70 -6.92 -21.86
CA LEU G 270 8.55 -7.40 -22.65
C LEU G 270 7.28 -7.39 -21.81
N ALA G 271 7.37 -7.80 -20.54
CA ALA G 271 6.22 -7.75 -19.67
C ALA G 271 5.77 -6.31 -19.41
N ARG G 272 6.73 -5.38 -19.27
CA ARG G 272 6.37 -3.98 -19.13
C ARG G 272 5.66 -3.46 -20.38
N ALA G 273 6.14 -3.84 -21.56
CA ALA G 273 5.51 -3.42 -22.80
C ALA G 273 4.09 -3.96 -22.89
N TYR G 274 3.90 -5.23 -22.53
CA TYR G 274 2.56 -5.82 -22.57
C TYR G 274 1.62 -5.16 -21.56
N ASN G 275 2.15 -4.82 -20.38
CA ASN G 275 1.35 -4.10 -19.39
C ASN G 275 1.04 -2.69 -19.83
N THR G 276 1.88 -2.09 -20.69
CA THR G 276 1.60 -0.76 -21.20
C THR G 276 0.60 -0.78 -22.34
N VAL G 277 0.62 -1.80 -23.20
CA VAL G 277 -0.26 -1.84 -24.36
C VAL G 277 -1.63 -2.42 -24.04
N VAL G 278 -1.82 -2.99 -22.85
CA VAL G 278 -3.12 -3.58 -22.49
C VAL G 278 -4.06 -2.46 -22.03
N PRO G 279 -5.31 -2.45 -22.49
CA PRO G 279 -6.24 -1.42 -22.04
C PRO G 279 -6.53 -1.52 -20.56
N ALA G 280 -6.72 -0.36 -19.92
CA ALA G 280 -7.00 -0.33 -18.50
C ALA G 280 -8.37 -0.93 -18.20
N SER G 281 -8.42 -1.77 -17.16
CA SER G 281 -9.65 -2.42 -16.76
C SER G 281 -10.15 -1.96 -15.40
N GLY G 282 -9.57 -0.90 -14.85
CA GLY G 282 -9.98 -0.39 -13.55
C GLY G 282 -9.56 -1.24 -12.37
N LYS G 283 -8.72 -2.25 -12.57
CA LYS G 283 -8.25 -3.11 -11.50
C LYS G 283 -6.75 -3.24 -11.61
N VAL G 284 -6.03 -2.74 -10.61
CA VAL G 284 -4.57 -2.75 -10.59
C VAL G 284 -4.12 -3.56 -9.39
N LEU G 285 -3.19 -4.50 -9.62
CA LEU G 285 -2.67 -5.32 -8.56
C LEU G 285 -1.51 -4.62 -7.84
N THR G 286 -0.90 -5.34 -6.91
CA THR G 286 0.22 -4.79 -6.16
C THR G 286 1.42 -4.58 -7.07
N GLY G 287 1.95 -3.35 -7.07
CA GLY G 287 3.10 -3.02 -7.88
C GLY G 287 2.80 -2.37 -9.20
N GLY G 288 1.52 -2.26 -9.58
CA GLY G 288 1.17 -1.66 -10.86
C GLY G 288 1.10 -2.64 -12.01
N VAL G 289 0.72 -3.89 -11.75
CA VAL G 289 0.61 -4.92 -12.77
C VAL G 289 -0.85 -5.22 -13.03
N ASP G 290 -1.23 -5.24 -14.30
CA ASP G 290 -2.61 -5.57 -14.64
C ASP G 290 -2.85 -7.06 -14.50
N ALA G 291 -4.11 -7.43 -14.26
CA ALA G 291 -4.45 -8.84 -14.07
C ALA G 291 -4.27 -9.66 -15.32
N ASN G 292 -4.48 -9.05 -16.50
CA ASN G 292 -4.37 -9.75 -17.77
C ASN G 292 -3.16 -9.31 -18.58
N ALA G 293 -2.17 -8.69 -17.93
CA ALA G 293 -0.99 -8.21 -18.64
C ALA G 293 0.09 -9.29 -18.76
N LEU G 294 0.19 -10.18 -17.78
CA LEU G 294 1.21 -11.20 -17.76
C LEU G 294 0.85 -12.44 -18.56
N HIS G 295 -0.35 -12.49 -19.13
CA HIS G 295 -0.78 -13.68 -19.87
C HIS G 295 0.01 -13.84 -21.16
N ARG G 296 0.19 -12.75 -21.91
CA ARG G 296 0.95 -12.82 -23.15
C ARG G 296 2.42 -13.18 -22.93
N PRO G 297 3.14 -12.56 -21.98
CA PRO G 297 4.50 -13.05 -21.69
C PRO G 297 4.52 -14.47 -21.15
N LYS G 298 3.49 -14.86 -20.39
CA LYS G 298 3.40 -16.23 -19.92
C LYS G 298 3.37 -17.21 -21.09
N ARG G 299 2.51 -16.94 -22.09
CA ARG G 299 2.45 -17.81 -23.26
C ARG G 299 3.73 -17.75 -24.08
N PHE G 300 4.32 -16.57 -24.23
CA PHE G 300 5.57 -16.44 -24.96
C PHE G 300 6.68 -17.27 -24.31
N PHE G 301 6.70 -17.31 -22.98
CA PHE G 301 7.70 -18.10 -22.28
C PHE G 301 7.38 -19.59 -22.40
N GLY G 302 6.12 -19.98 -22.19
CA GLY G 302 5.73 -21.37 -22.25
C GLY G 302 5.74 -21.97 -23.65
N ALA G 303 5.91 -21.14 -24.68
CA ALA G 303 5.99 -21.67 -26.04
C ALA G 303 7.17 -22.62 -26.20
N ALA G 304 8.23 -22.40 -25.44
CA ALA G 304 9.40 -23.27 -25.50
C ALA G 304 9.06 -24.68 -25.03
N ARG G 305 9.43 -25.67 -25.84
CA ARG G 305 9.14 -27.06 -25.53
C ARG G 305 9.97 -27.94 -26.46
N ASN G 306 10.17 -29.18 -26.04
CA ASN G 306 10.88 -30.17 -26.83
C ASN G 306 9.87 -31.07 -27.54
N VAL G 307 10.05 -31.26 -28.84
CA VAL G 307 9.12 -32.02 -29.67
C VAL G 307 9.68 -33.42 -29.87
N GLU G 308 8.83 -34.43 -29.70
CA GLU G 308 9.26 -35.81 -29.92
C GLU G 308 9.35 -36.16 -31.39
N GLU G 309 8.46 -35.61 -32.23
CA GLU G 309 8.49 -35.90 -33.65
C GLU G 309 9.72 -35.32 -34.32
N GLY G 310 10.25 -34.22 -33.79
CA GLY G 310 11.43 -33.59 -34.37
C GLY G 310 11.54 -32.11 -34.06
N GLY G 311 12.76 -31.64 -33.85
CA GLY G 311 12.99 -30.25 -33.55
C GLY G 311 12.80 -29.94 -32.07
N SER G 312 13.11 -28.69 -31.72
CA SER G 312 13.02 -28.23 -30.35
C SER G 312 13.01 -26.70 -30.36
N LEU G 313 12.61 -26.13 -29.23
CA LEU G 313 12.55 -24.68 -29.06
C LEU G 313 13.10 -24.32 -27.69
N THR G 314 14.25 -23.64 -27.67
CA THR G 314 14.91 -23.25 -26.43
C THR G 314 14.80 -21.73 -26.26
N ILE G 315 14.35 -21.32 -25.08
CA ILE G 315 14.18 -19.90 -24.76
C ILE G 315 14.91 -19.64 -23.44
N ILE G 316 15.95 -18.81 -23.49
CA ILE G 316 16.72 -18.43 -22.31
C ILE G 316 16.49 -16.95 -22.10
N ALA G 317 15.66 -16.61 -21.12
CA ALA G 317 15.32 -15.23 -20.81
C ALA G 317 16.08 -14.76 -19.58
N THR G 318 16.50 -13.50 -19.58
CA THR G 318 17.23 -12.90 -18.46
C THR G 318 16.29 -11.95 -17.72
N ALA G 319 15.94 -12.30 -16.50
CA ALA G 319 15.04 -11.50 -15.69
C ALA G 319 15.82 -10.48 -14.86
N LEU G 320 15.20 -9.34 -14.60
CA LEU G 320 15.80 -8.26 -13.85
C LEU G 320 15.20 -8.20 -12.44
N ILE G 321 16.07 -8.10 -11.43
CA ILE G 321 15.68 -7.99 -10.04
C ILE G 321 16.45 -6.86 -9.40
N ASP G 322 15.95 -6.41 -8.25
CA ASP G 322 16.59 -5.34 -7.46
C ASP G 322 16.78 -4.07 -8.29
N THR G 323 15.80 -3.79 -9.15
CA THR G 323 15.84 -2.61 -10.00
C THR G 323 15.16 -1.39 -9.37
N GLY G 324 14.70 -1.50 -8.12
CA GLY G 324 14.03 -0.42 -7.45
C GLY G 324 12.56 -0.28 -7.76
N SER G 325 12.02 -1.05 -8.71
CA SER G 325 10.62 -0.99 -9.07
C SER G 325 9.93 -2.26 -8.58
N LYS G 326 8.81 -2.09 -7.88
CA LYS G 326 8.08 -3.25 -7.37
C LYS G 326 7.42 -4.05 -8.49
N MET G 327 7.14 -3.41 -9.62
CA MET G 327 6.53 -4.11 -10.74
C MET G 327 7.45 -5.21 -11.27
N ASP G 328 8.74 -4.89 -11.44
CA ASP G 328 9.69 -5.90 -11.88
C ASP G 328 9.84 -7.02 -10.85
N GLU G 329 9.77 -6.68 -9.56
CA GLU G 329 9.84 -7.70 -8.52
C GLU G 329 8.64 -8.65 -8.60
N VAL G 330 7.50 -8.11 -9.01
CA VAL G 330 6.32 -9.01 -9.25
C VAL G 330 6.45 -9.57 -10.67
N ILE G 331 6.86 -8.74 -11.64
CA ILE G 331 6.95 -9.16 -13.07
C ILE G 331 8.06 -10.18 -13.25
N TYR G 332 9.31 -9.82 -12.91
CA TYR G 332 10.41 -10.81 -12.99
C TYR G 332 9.95 -12.07 -12.25
N GLU G 333 9.42 -11.88 -11.04
CA GLU G 333 8.88 -13.05 -10.30
C GLU G 333 7.54 -13.40 -10.93
N GLU G 334 6.67 -14.13 -10.23
CA GLU G 334 5.45 -14.65 -10.91
C GLU G 334 6.00 -15.53 -12.02
N PHE G 335 7.18 -15.16 -12.56
CA PHE G 335 7.85 -16.01 -13.54
C PHE G 335 8.81 -17.00 -12.90
N LYS G 336 9.09 -16.87 -11.59
CA LYS G 336 10.04 -17.78 -10.95
C LYS G 336 9.49 -19.21 -10.92
N GLY G 337 8.23 -19.38 -10.54
CA GLY G 337 7.62 -20.69 -10.46
C GLY G 337 7.20 -21.28 -11.79
N THR G 338 7.63 -20.70 -12.91
CA THR G 338 7.23 -21.15 -14.23
C THR G 338 8.30 -21.97 -14.94
N GLY G 339 9.52 -21.46 -15.02
CA GLY G 339 10.59 -22.15 -15.69
C GLY G 339 11.14 -23.32 -14.89
N ASN G 340 12.13 -23.99 -15.49
CA ASN G 340 12.76 -25.13 -14.84
C ASN G 340 14.27 -25.00 -14.75
N MET G 341 14.80 -23.78 -14.80
CA MET G 341 16.24 -23.56 -14.69
C MET G 341 16.47 -22.12 -14.25
N GLU G 342 17.20 -21.94 -13.16
CA GLU G 342 17.52 -20.62 -12.64
C GLU G 342 19.03 -20.50 -12.45
N LEU G 343 19.63 -19.52 -13.12
CA LEU G 343 21.06 -19.24 -13.02
C LEU G 343 21.21 -17.87 -12.37
N HIS G 344 21.35 -17.85 -11.05
CA HIS G 344 21.43 -16.60 -10.31
C HIS G 344 22.84 -16.04 -10.33
N LEU G 345 22.93 -14.71 -10.42
CA LEU G 345 24.20 -14.01 -10.36
C LEU G 345 24.20 -13.08 -9.15
N SER G 346 25.33 -13.03 -8.46
CA SER G 346 25.46 -12.27 -7.22
C SER G 346 26.12 -10.92 -7.49
N ARG G 347 25.49 -9.85 -7.00
CA ARG G 347 26.07 -8.53 -7.14
C ARG G 347 27.29 -8.36 -6.24
N LYS G 348 27.28 -9.00 -5.08
CA LYS G 348 28.42 -8.89 -4.16
C LYS G 348 29.68 -9.46 -4.79
N ILE G 349 29.55 -10.55 -5.56
CA ILE G 349 30.71 -11.13 -6.23
C ILE G 349 31.13 -10.26 -7.41
N ALA G 350 30.18 -9.62 -8.08
CA ALA G 350 30.51 -8.76 -9.21
C ALA G 350 31.23 -7.49 -8.75
N GLU G 351 30.90 -7.00 -7.55
CA GLU G 351 31.58 -5.84 -7.02
C GLU G 351 33.04 -6.12 -6.71
N LYS G 352 33.39 -7.37 -6.42
CA LYS G 352 34.78 -7.75 -6.17
C LYS G 352 35.56 -8.01 -7.46
N ARG G 353 34.95 -7.74 -8.62
CA ARG G 353 35.59 -7.94 -9.92
C ARG G 353 36.02 -9.39 -10.11
N VAL G 354 35.18 -10.32 -9.67
CA VAL G 354 35.43 -11.75 -9.82
C VAL G 354 34.47 -12.26 -10.90
N PHE G 355 34.97 -12.38 -12.12
CA PHE G 355 34.16 -12.83 -13.25
C PHE G 355 34.47 -14.28 -13.57
N PRO G 356 33.45 -15.12 -13.78
CA PRO G 356 32.03 -14.74 -13.71
C PRO G 356 31.49 -14.73 -12.28
N ALA G 357 30.51 -13.86 -12.02
CA ALA G 357 29.89 -13.77 -10.70
C ALA G 357 28.59 -14.58 -10.72
N ILE G 358 28.73 -15.89 -10.59
CA ILE G 358 27.61 -16.82 -10.66
C ILE G 358 27.34 -17.37 -9.28
N ASP G 359 26.06 -17.38 -8.87
CA ASP G 359 25.65 -17.97 -7.60
C ASP G 359 25.49 -19.47 -7.82
N TYR G 360 26.53 -20.22 -7.50
CA TYR G 360 26.50 -21.67 -7.75
C TYR G 360 25.54 -22.38 -6.81
N ASN G 361 25.29 -21.81 -5.63
CA ASN G 361 24.44 -22.47 -4.65
C ASN G 361 22.99 -22.53 -5.12
N ARG G 362 22.43 -21.38 -5.54
CA ARG G 362 21.03 -21.34 -5.94
C ARG G 362 20.80 -21.82 -7.36
N SER G 363 21.86 -22.03 -8.13
CA SER G 363 21.71 -22.54 -9.49
C SER G 363 21.39 -24.04 -9.46
N GLY G 364 20.99 -24.55 -10.61
CA GLY G 364 20.64 -25.96 -10.73
C GLY G 364 19.70 -26.19 -11.89
N THR G 365 19.54 -27.46 -12.22
CA THR G 365 18.66 -27.89 -13.30
C THR G 365 17.87 -29.12 -12.87
N ARG G 366 16.57 -29.09 -13.14
CA ARG G 366 15.71 -30.23 -12.81
C ARG G 366 15.84 -31.30 -13.87
N LYS G 367 15.77 -32.56 -13.44
CA LYS G 367 15.92 -33.73 -14.32
C LYS G 367 17.27 -33.67 -15.05
N GLU G 368 18.32 -33.31 -14.31
CA GLU G 368 19.65 -33.21 -14.91
C GLU G 368 20.23 -34.58 -15.27
N GLU G 369 19.67 -35.67 -14.74
CA GLU G 369 20.18 -36.99 -15.06
C GLU G 369 19.89 -37.39 -16.50
N LEU G 370 18.98 -36.70 -17.18
CA LEU G 370 18.66 -36.98 -18.57
C LEU G 370 19.65 -36.37 -19.54
N LEU G 371 20.56 -35.52 -19.06
CA LEU G 371 21.55 -34.88 -19.91
C LEU G 371 22.99 -35.23 -19.53
N THR G 372 23.20 -35.94 -18.43
CA THR G 372 24.54 -36.30 -17.99
C THR G 372 24.57 -37.79 -17.65
N THR G 373 25.76 -38.36 -17.68
CA THR G 373 25.95 -39.76 -17.36
C THR G 373 25.89 -39.97 -15.85
N GLN G 374 26.00 -41.24 -15.45
CA GLN G 374 25.93 -41.56 -14.02
C GLN G 374 27.14 -41.04 -13.27
N GLU G 375 28.35 -41.30 -13.79
CA GLU G 375 29.56 -40.83 -13.12
C GLU G 375 29.66 -39.31 -13.14
N GLU G 376 29.23 -38.69 -14.24
CA GLU G 376 29.23 -37.23 -14.30
C GLU G 376 28.26 -36.64 -13.28
N LEU G 377 27.08 -37.22 -13.15
CA LEU G 377 26.12 -36.75 -12.17
C LEU G 377 26.64 -36.94 -10.75
N GLN G 378 27.30 -38.07 -10.49
CA GLN G 378 27.87 -38.30 -9.16
C GLN G 378 28.97 -37.30 -8.85
N LYS G 379 29.83 -37.00 -9.83
CA LYS G 379 30.88 -36.01 -9.61
C LYS G 379 30.29 -34.62 -9.40
N MET G 380 29.24 -34.26 -10.13
CA MET G 380 28.60 -32.97 -9.91
C MET G 380 27.95 -32.90 -8.53
N TRP G 381 27.35 -34.01 -8.08
CA TRP G 381 26.77 -34.04 -6.74
C TRP G 381 27.84 -33.87 -5.67
N ILE G 382 28.98 -34.55 -5.84
CA ILE G 382 30.07 -34.41 -4.88
C ILE G 382 30.61 -32.99 -4.88
N LEU G 383 30.76 -32.39 -6.07
CA LEU G 383 31.25 -31.02 -6.15
C LEU G 383 30.27 -30.04 -5.48
N ARG G 384 28.97 -30.27 -5.64
CA ARG G 384 27.98 -29.41 -4.99
C ARG G 384 28.02 -29.59 -3.48
N LYS G 385 28.18 -30.83 -3.01
CA LYS G 385 28.24 -31.07 -1.56
C LYS G 385 29.52 -30.50 -0.95
N ILE G 386 30.59 -30.40 -1.74
CA ILE G 386 31.82 -29.79 -1.23
C ILE G 386 31.72 -28.27 -1.26
N ILE G 387 31.06 -27.72 -2.29
CA ILE G 387 30.98 -26.27 -2.44
C ILE G 387 29.97 -25.66 -1.49
N HIS G 388 28.88 -26.38 -1.18
CA HIS G 388 27.78 -25.83 -0.37
C HIS G 388 28.23 -25.26 0.97
N PRO G 389 29.10 -25.90 1.77
CA PRO G 389 29.48 -25.30 3.05
C PRO G 389 30.22 -23.98 2.91
N MET G 390 31.05 -23.84 1.89
CA MET G 390 31.83 -22.62 1.73
C MET G 390 30.94 -21.46 1.29
N GLY G 391 31.41 -20.25 1.56
CA GLY G 391 30.69 -19.05 1.16
C GLY G 391 30.72 -18.85 -0.35
N GLU G 392 29.87 -17.94 -0.81
CA GLU G 392 29.73 -17.70 -2.24
C GLU G 392 31.04 -17.23 -2.87
N ILE G 393 31.63 -16.17 -2.30
CA ILE G 393 32.88 -15.64 -2.85
C ILE G 393 34.00 -16.66 -2.71
N ASP G 394 34.07 -17.32 -1.55
CA ASP G 394 35.10 -18.33 -1.34
C ASP G 394 34.94 -19.51 -2.31
N ALA G 395 33.71 -19.95 -2.52
CA ALA G 395 33.47 -21.06 -3.44
C ALA G 395 33.83 -20.66 -4.87
N MET G 396 33.50 -19.43 -5.26
CA MET G 396 33.84 -18.96 -6.61
C MET G 396 35.35 -18.88 -6.78
N GLU G 397 36.06 -18.36 -5.78
CA GLU G 397 37.52 -18.30 -5.86
C GLU G 397 38.13 -19.69 -5.94
N PHE G 398 37.62 -20.63 -5.14
CA PHE G 398 38.10 -22.01 -5.17
C PHE G 398 37.87 -22.62 -6.55
N LEU G 399 36.67 -22.44 -7.10
CA LEU G 399 36.36 -23.01 -8.41
C LEU G 399 37.24 -22.42 -9.49
N ILE G 400 37.47 -21.11 -9.46
CA ILE G 400 38.32 -20.47 -10.46
C ILE G 400 39.75 -20.98 -10.34
N ASN G 401 40.28 -21.06 -9.12
CA ASN G 401 41.65 -21.50 -8.93
C ASN G 401 41.83 -22.96 -9.31
N LYS G 402 40.77 -23.77 -9.16
CA LYS G 402 40.88 -25.18 -9.53
C LYS G 402 40.66 -25.40 -11.02
N LEU G 403 39.88 -24.57 -11.68
CA LEU G 403 39.68 -24.71 -13.12
C LEU G 403 40.82 -24.07 -13.90
N ALA G 404 41.55 -23.13 -13.32
CA ALA G 404 42.69 -22.54 -14.00
C ALA G 404 43.86 -23.50 -14.12
N MET G 405 43.90 -24.55 -13.27
CA MET G 405 45.02 -25.48 -13.31
C MET G 405 44.96 -26.40 -14.52
N THR G 406 43.77 -26.77 -14.97
CA THR G 406 43.60 -27.70 -16.07
C THR G 406 42.76 -27.06 -17.17
N LYS G 407 42.61 -27.78 -18.28
CA LYS G 407 41.83 -27.31 -19.42
C LYS G 407 40.42 -27.89 -19.44
N THR G 408 40.27 -29.17 -19.07
CA THR G 408 38.98 -29.84 -19.07
C THR G 408 38.53 -30.11 -17.65
N ASN G 409 37.21 -30.17 -17.47
CA ASN G 409 36.65 -30.42 -16.16
C ASN G 409 36.81 -31.86 -15.73
N ASP G 410 37.05 -32.77 -16.68
CA ASP G 410 37.26 -34.17 -16.34
C ASP G 410 38.52 -34.34 -15.50
N ASP G 411 39.59 -33.63 -15.84
CA ASP G 411 40.81 -33.68 -15.04
C ASP G 411 40.57 -33.14 -13.64
N PHE G 412 39.79 -32.07 -13.51
CA PHE G 412 39.46 -31.54 -12.19
C PHE G 412 38.68 -32.56 -11.37
N PHE G 413 37.68 -33.20 -11.98
CA PHE G 413 36.91 -34.21 -11.28
C PHE G 413 37.78 -35.39 -10.87
N GLU G 414 38.72 -35.79 -11.73
CA GLU G 414 39.60 -36.90 -11.40
C GLU G 414 40.57 -36.53 -10.28
N MET G 415 41.00 -35.27 -10.23
CA MET G 415 41.92 -34.84 -9.17
C MET G 415 41.20 -34.59 -7.85
N MET G 416 39.89 -34.33 -7.90
CA MET G 416 39.14 -34.13 -6.66
C MET G 416 39.06 -35.41 -5.84
N LYS G 417 38.98 -36.56 -6.51
CA LYS G 417 38.92 -37.85 -5.82
C LYS G 417 40.28 -38.23 -5.27
#